data_6H9B
#
_entry.id   6H9B
#
_cell.length_a   64.940
_cell.length_b   128.480
_cell.length_c   251.040
_cell.angle_alpha   90.00
_cell.angle_beta   90.00
_cell.angle_gamma   90.00
#
_symmetry.space_group_name_H-M   'P 21 21 21'
#
loop_
_entity.id
_entity.type
_entity.pdbx_description
1 polymer 'Tubulin alpha chain'
2 polymer 'Tubulin beta chain'
3 polymer Stathmin-4
4 non-polymer 'SULFATE ION'
5 non-polymer "GUANOSINE-5'-TRIPHOSPHATE"
6 non-polymer 'MAGNESIUM ION'
7 non-polymer "GUANOSINE-5'-DIPHOSPHATE"
8 non-polymer 9-methyl-3-[1-(2-methylquinolin-4-yl)ethenyl]carbazole
9 water water
#
loop_
_entity_poly.entity_id
_entity_poly.type
_entity_poly.pdbx_seq_one_letter_code
_entity_poly.pdbx_strand_id
1 'polypeptide(L)'
;MRECISIHVGQAGVQIGNACWELYCLEHGIQPDGQMPSDDSFNTFFSETGAGKHVPRAVFVDLEPTVIDEVRTGTYRQLF
HPEQLITGKEDAANNYARGHYTIGKEIIDLVLDRIRKLADQCTGLQGFLVFHSFGGGTGSGFTSLLMERLSVDYGKKSKL
EFSIYPAPQVSTAVVEPYNSILTTHTTLEHSDCAFMVDNEAIYDICRRNLDIERPTYTNLNRLISQIVSSITASLRFDGA
LNVDLTEFQTNLVPYPRIHFPLATYAPVISAEKAYHEQLSVAEITNACFEPANQMVKCDPRHGKYMACCLLYRGDVVPKD
VNAAIATIKTKRSIQFVDWCPTGFKVGINYQPPTVVPGGDLAKVQRAVCMLSNTTAIAEAWARLDHKFDLMYAKRAFVHW
YVGEGMEEGEFSEAREDMAALEKDYEEVGVDSV
;
A,C
2 'polypeptide(L)'
;MREIVHIQAGQCGNQIGAKFWEVISDEHGIDPTGSYHGDSDLQLERINVYYNEATGNKYVPRAILVDLEPGTMDSVRSGP
FGQIFRPDNFVFGQSGAGNNWAKGHYTEGAELVDSVLDVVRKESESCDCLQGFQLTHSLGGGTGSGMGTLLISKIREEYP
DRIMNTFSVMPSPKVSDTVVEPYNATLSVHQLVENTDETYCIDNEALYDICFRTLKLTTPTYGDLNHLVSATMSGVTTCL
RFPGQLNADLRKLAVNMVPFPRLHFFMPGFAPLTSRGSQQYRALTVPELTQQMFDSKNMMAACDPRHGRYLTVATIFRGR
MSMKEVDEQMLNIQNKNSSYFVEWIPNNVKTAVCDIPPRGLKMSSTFIGNSTAIQELFKRISEQFTAMFRRKAFLHWYTG
EGMDEMEFTEAESNMNDLVSEYQQYQDATAD
;
B,D
3 'polypeptide(L)'
;ADMEVIELNKATSGQSWEVILKPPSFDGVPEFNASLPRRRDPSLEEIQKKLEAAEERRKYQEAELLKHLAEKREHEREVI
QKAIEENNNFIKMAKEKLAQKMESNKENREAHLAAMLERLQEKDKHAEEVRKNKELKEEASR
;
E
#
# COMPACT_ATOMS: atom_id res chain seq x y z
N MET A 1 -76.75 -0.78 27.86
CA MET A 1 -75.28 -0.72 27.82
C MET A 1 -74.69 -1.47 26.62
N ARG A 2 -73.71 -0.87 25.91
CA ARG A 2 -73.01 -1.49 24.79
C ARG A 2 -71.59 -0.85 24.60
N GLU A 3 -70.53 -1.58 24.99
CA GLU A 3 -69.15 -1.10 25.05
C GLU A 3 -68.43 -1.03 23.71
N CYS A 4 -67.50 -0.07 23.57
CA CYS A 4 -66.65 0.15 22.39
C CYS A 4 -65.18 0.13 22.80
N ILE A 5 -64.37 -0.71 22.14
CA ILE A 5 -62.94 -0.76 22.39
C ILE A 5 -62.15 -0.01 21.33
N SER A 6 -61.39 0.99 21.75
CA SER A 6 -60.55 1.76 20.82
C SER A 6 -59.12 1.18 20.75
N ILE A 7 -58.61 0.99 19.54
CA ILE A 7 -57.26 0.45 19.33
C ILE A 7 -56.47 1.50 18.55
N HIS A 8 -55.34 1.96 19.11
CA HIS A 8 -54.47 2.98 18.49
C HIS A 8 -53.16 2.34 18.04
N VAL A 9 -52.93 2.32 16.72
CA VAL A 9 -51.78 1.63 16.11
C VAL A 9 -50.75 2.59 15.49
N GLY A 10 -49.50 2.48 15.92
CA GLY A 10 -48.41 3.32 15.42
C GLY A 10 -48.47 4.74 15.92
N GLN A 11 -47.46 5.56 15.55
CA GLN A 11 -47.34 6.94 15.98
C GLN A 11 -48.61 7.76 15.73
N ALA A 12 -49.13 7.78 14.48
CA ALA A 12 -50.30 8.54 14.10
C ALA A 12 -51.49 8.12 14.92
N GLY A 13 -51.71 6.80 15.04
CA GLY A 13 -52.81 6.23 15.81
C GLY A 13 -52.73 6.59 17.28
N VAL A 14 -51.50 6.52 17.87
CA VAL A 14 -51.36 6.79 19.30
C VAL A 14 -51.47 8.29 19.59
N GLN A 15 -50.87 9.14 18.75
CA GLN A 15 -50.90 10.58 18.97
C GLN A 15 -52.29 11.16 18.79
N ILE A 16 -53.10 10.57 17.88
CA ILE A 16 -54.48 10.97 17.69
C ILE A 16 -55.27 10.48 18.87
N GLY A 17 -54.97 9.26 19.33
CA GLY A 17 -55.57 8.66 20.52
C GLY A 17 -55.41 9.56 21.72
N ASN A 18 -54.24 10.11 21.94
CA ASN A 18 -53.97 11.05 23.02
C ASN A 18 -54.91 12.25 22.96
N ALA A 19 -55.04 12.87 21.78
CA ALA A 19 -55.87 14.05 21.57
C ALA A 19 -57.33 13.74 21.82
N CYS A 20 -57.81 12.57 21.38
CA CYS A 20 -59.19 12.14 21.54
C CYS A 20 -59.54 11.90 22.98
N TRP A 21 -58.73 11.09 23.67
CA TRP A 21 -58.97 10.74 25.05
C TRP A 21 -58.84 11.94 25.99
N GLU A 22 -57.99 12.92 25.64
CA GLU A 22 -57.88 14.14 26.42
C GLU A 22 -59.21 14.89 26.29
N LEU A 23 -59.73 14.97 25.05
CA LEU A 23 -60.99 15.64 24.74
C LEU A 23 -62.19 14.97 25.40
N TYR A 24 -62.24 13.62 25.36
CA TYR A 24 -63.30 12.83 25.99
C TYR A 24 -63.36 13.15 27.49
N CYS A 25 -62.22 13.17 28.16
CA CYS A 25 -62.10 13.52 29.58
C CYS A 25 -62.68 14.90 29.85
N LEU A 26 -62.35 15.88 29.01
CA LEU A 26 -62.86 17.23 29.15
C LEU A 26 -64.37 17.29 28.95
N GLU A 27 -64.88 16.54 27.96
CA GLU A 27 -66.31 16.47 27.65
C GLU A 27 -67.14 15.80 28.73
N HIS A 28 -66.56 14.81 29.45
CA HIS A 28 -67.23 14.03 30.50
C HIS A 28 -66.88 14.47 31.92
N GLY A 29 -65.99 15.44 32.04
CA GLY A 29 -65.55 15.94 33.34
C GLY A 29 -64.66 14.98 34.10
N ILE A 30 -63.90 14.14 33.36
CA ILE A 30 -62.96 13.17 33.93
C ILE A 30 -61.59 13.85 34.05
N GLN A 31 -61.01 13.80 35.25
CA GLN A 31 -59.72 14.40 35.53
C GLN A 31 -58.59 13.50 34.99
N PRO A 32 -57.38 14.04 34.79
CA PRO A 32 -56.25 13.23 34.29
C PRO A 32 -55.88 12.01 35.16
N ASP A 33 -56.30 12.01 36.44
CA ASP A 33 -56.07 10.89 37.36
C ASP A 33 -57.19 9.82 37.23
N GLY A 34 -58.21 10.10 36.43
CA GLY A 34 -59.30 9.19 36.13
C GLY A 34 -60.58 9.41 36.91
N GLN A 35 -60.56 10.27 37.93
CA GLN A 35 -61.78 10.44 38.74
C GLN A 35 -62.71 11.53 38.19
N MET A 36 -64.00 11.46 38.55
CA MET A 36 -64.97 12.46 38.08
C MET A 36 -66.00 12.85 39.16
N PRO A 37 -66.38 14.17 39.21
CA PRO A 37 -67.35 14.63 40.23
C PRO A 37 -68.75 13.98 40.19
N SER A 38 -69.31 13.77 41.39
CA SER A 38 -70.62 13.16 41.59
C SER A 38 -71.76 14.10 41.21
N ASP A 39 -76.81 10.33 32.93
CA ASP A 39 -76.25 9.82 31.67
C ASP A 39 -75.00 8.95 31.92
N ASP A 40 -75.18 7.61 32.01
CA ASP A 40 -74.08 6.66 32.19
C ASP A 40 -73.61 6.05 30.83
N SER A 41 -73.86 6.80 29.73
CA SER A 41 -73.50 6.46 28.35
C SER A 41 -72.02 6.52 28.13
N PHE A 42 -71.29 7.34 28.92
CA PHE A 42 -69.83 7.45 28.87
C PHE A 42 -69.16 6.13 29.26
N ASN A 43 -69.89 5.23 29.94
CA ASN A 43 -69.36 3.91 30.32
C ASN A 43 -69.06 3.03 29.09
N THR A 44 -69.58 3.42 27.91
CA THR A 44 -69.32 2.74 26.65
C THR A 44 -67.82 2.84 26.30
N PHE A 45 -67.17 3.94 26.74
CA PHE A 45 -65.76 4.23 26.48
C PHE A 45 -64.85 4.15 27.70
N PHE A 46 -65.44 4.17 28.91
CA PHE A 46 -64.69 4.11 30.16
C PHE A 46 -65.21 3.05 31.11
N SER A 47 -64.29 2.17 31.55
CA SER A 47 -64.57 1.17 32.56
C SER A 47 -64.33 1.83 33.93
N GLU A 48 -64.76 1.21 35.01
CA GLU A 48 -64.59 1.78 36.34
C GLU A 48 -63.92 0.79 37.28
N THR A 49 -63.00 1.29 38.14
CA THR A 49 -62.27 0.47 39.11
C THR A 49 -62.87 0.55 40.55
N GLY A 50 -62.40 -0.34 41.42
CA GLY A 50 -62.82 -0.36 42.83
C GLY A 50 -62.52 0.92 43.59
N ALA A 51 -61.65 1.75 43.00
CA ALA A 51 -61.22 3.04 43.53
C ALA A 51 -61.99 4.21 42.91
N GLY A 52 -62.97 3.90 42.06
CA GLY A 52 -63.77 4.91 41.38
C GLY A 52 -63.08 5.61 40.23
N LYS A 53 -61.95 5.02 39.77
CA LYS A 53 -61.14 5.50 38.65
C LYS A 53 -61.85 5.09 37.36
N HIS A 54 -61.87 6.01 36.38
CA HIS A 54 -62.45 5.78 35.07
C HIS A 54 -61.32 5.54 34.09
N VAL A 55 -61.25 4.32 33.55
CA VAL A 55 -60.17 3.88 32.66
C VAL A 55 -60.66 3.66 31.21
N PRO A 56 -60.04 4.36 30.23
CA PRO A 56 -60.39 4.16 28.81
C PRO A 56 -60.39 2.70 28.35
N ARG A 57 -61.41 2.30 27.58
CA ARG A 57 -61.48 0.96 27.01
C ARG A 57 -60.65 1.05 25.74
N ALA A 58 -59.33 1.13 25.93
CA ALA A 58 -58.39 1.35 24.85
C ALA A 58 -57.11 0.58 24.99
N VAL A 59 -56.49 0.33 23.86
CA VAL A 59 -55.17 -0.30 23.78
C VAL A 59 -54.29 0.50 22.79
N PHE A 60 -53.08 0.86 23.24
CA PHE A 60 -52.11 1.60 22.43
C PHE A 60 -51.02 0.65 22.04
N VAL A 61 -50.78 0.52 20.74
CA VAL A 61 -49.74 -0.37 20.21
C VAL A 61 -48.80 0.37 19.27
N ASP A 62 -47.52 0.16 19.44
CA ASP A 62 -46.48 0.67 18.55
C ASP A 62 -45.29 -0.30 18.62
N LEU A 63 -44.59 -0.53 17.53
CA LEU A 63 -43.46 -1.45 17.50
C LEU A 63 -42.20 -0.80 18.01
N GLU A 64 -42.27 0.46 18.39
CA GLU A 64 -41.16 1.27 18.86
C GLU A 64 -41.66 1.97 20.15
N PRO A 65 -40.84 2.09 21.22
CA PRO A 65 -41.37 2.58 22.51
C PRO A 65 -41.52 4.07 22.75
N THR A 66 -40.78 4.91 22.01
CA THR A 66 -40.65 6.34 22.25
C THR A 66 -41.97 7.12 22.30
N VAL A 67 -42.94 6.84 21.40
CA VAL A 67 -44.23 7.58 21.37
C VAL A 67 -45.13 7.22 22.54
N ILE A 68 -45.25 5.91 22.81
CA ILE A 68 -46.05 5.38 23.92
C ILE A 68 -45.41 5.71 25.26
N ASP A 69 -44.06 5.86 25.27
CA ASP A 69 -43.34 6.21 26.49
C ASP A 69 -43.73 7.62 26.94
N GLU A 70 -44.16 8.46 25.99
CA GLU A 70 -44.58 9.81 26.31
C GLU A 70 -45.90 9.77 27.01
N VAL A 71 -46.79 8.79 26.65
CA VAL A 71 -48.09 8.57 27.27
C VAL A 71 -47.86 8.10 28.73
N ARG A 72 -46.92 7.13 28.89
CA ARG A 72 -46.54 6.51 30.15
C ARG A 72 -46.05 7.52 31.19
N THR A 73 -45.43 8.62 30.72
CA THR A 73 -44.84 9.68 31.55
C THR A 73 -45.59 11.04 31.39
N GLY A 74 -46.61 11.05 30.54
CA GLY A 74 -47.38 12.23 30.19
C GLY A 74 -48.35 12.71 31.24
N THR A 75 -49.17 13.68 30.83
CA THR A 75 -50.17 14.32 31.67
C THR A 75 -51.27 13.34 32.11
N TYR A 76 -51.59 12.38 31.23
CA TYR A 76 -52.65 11.40 31.44
C TYR A 76 -52.10 10.00 31.77
N ARG A 77 -50.88 9.91 32.33
CA ARG A 77 -50.23 8.64 32.65
C ARG A 77 -51.00 7.77 33.63
N GLN A 78 -51.73 8.40 34.56
CA GLN A 78 -52.52 7.69 35.55
C GLN A 78 -53.84 7.16 34.96
N LEU A 79 -54.25 7.70 33.78
CA LEU A 79 -55.49 7.31 33.12
C LEU A 79 -55.46 5.87 32.60
N PHE A 80 -54.33 5.44 32.05
CA PHE A 80 -54.15 4.10 31.48
C PHE A 80 -53.37 3.14 32.38
N HIS A 81 -53.81 1.88 32.42
CA HIS A 81 -53.13 0.79 33.13
C HIS A 81 -51.92 0.42 32.23
N PRO A 82 -50.72 0.22 32.82
CA PRO A 82 -49.52 -0.07 32.01
C PRO A 82 -49.66 -1.12 30.90
N GLU A 83 -50.51 -2.14 31.16
CA GLU A 83 -50.83 -3.27 30.28
C GLU A 83 -51.58 -2.84 29.01
N GLN A 84 -52.26 -1.67 29.04
CA GLN A 84 -52.98 -1.13 27.89
C GLN A 84 -52.01 -0.51 26.86
N LEU A 85 -50.79 -0.18 27.31
CA LEU A 85 -49.75 0.46 26.49
C LEU A 85 -48.71 -0.57 26.12
N ILE A 86 -48.78 -1.05 24.88
CA ILE A 86 -47.94 -2.12 24.34
C ILE A 86 -46.93 -1.58 23.35
N THR A 87 -45.65 -1.90 23.57
CA THR A 87 -44.54 -1.47 22.71
C THR A 87 -43.54 -2.57 22.39
N GLY A 88 -42.98 -2.48 21.20
CA GLY A 88 -41.92 -3.35 20.75
C GLY A 88 -40.58 -2.66 20.93
N LYS A 89 -39.51 -3.21 20.37
CA LYS A 89 -38.19 -2.58 20.52
C LYS A 89 -37.73 -1.93 19.22
N GLU A 90 -38.16 -2.52 18.08
CA GLU A 90 -37.74 -2.15 16.74
C GLU A 90 -38.95 -1.88 15.85
N ASP A 91 -39.04 -0.67 15.28
CA ASP A 91 -40.15 -0.34 14.43
C ASP A 91 -40.09 -1.06 13.08
N ALA A 92 -41.15 -0.82 12.27
CA ALA A 92 -41.34 -1.40 10.97
C ALA A 92 -40.57 -0.67 9.86
N ALA A 93 -39.70 0.32 10.20
CA ALA A 93 -38.86 1.09 9.27
C ALA A 93 -39.61 1.56 8.04
N ASN A 94 -40.84 2.10 8.23
CA ASN A 94 -41.67 2.65 7.16
C ASN A 94 -42.09 1.60 6.11
N ASN A 95 -41.98 0.31 6.49
CA ASN A 95 -42.20 -0.84 5.63
C ASN A 95 -43.38 -1.71 6.06
N TYR A 96 -44.45 -1.75 5.24
CA TYR A 96 -45.65 -2.56 5.47
C TYR A 96 -45.26 -4.00 5.79
N ALA A 97 -44.39 -4.61 4.93
CA ALA A 97 -43.98 -5.99 5.04
C ALA A 97 -43.32 -6.30 6.37
N ARG A 98 -42.55 -5.37 6.88
CA ARG A 98 -41.84 -5.49 8.15
C ARG A 98 -42.82 -5.44 9.30
N GLY A 99 -43.82 -4.59 9.22
CA GLY A 99 -44.84 -4.48 10.25
C GLY A 99 -45.85 -5.61 10.22
N HIS A 100 -46.24 -6.08 9.03
CA HIS A 100 -47.21 -7.16 8.88
C HIS A 100 -46.60 -8.55 9.14
N TYR A 101 -45.52 -8.91 8.43
CA TYR A 101 -44.92 -10.23 8.47
C TYR A 101 -43.82 -10.48 9.48
N THR A 102 -42.81 -9.62 9.50
CA THR A 102 -41.62 -9.83 10.32
C THR A 102 -41.91 -9.54 11.79
N ILE A 103 -42.07 -8.25 12.12
CA ILE A 103 -42.19 -7.75 13.48
C ILE A 103 -43.61 -7.91 14.05
N GLY A 104 -44.61 -7.83 13.18
CA GLY A 104 -46.00 -8.00 13.57
C GLY A 104 -46.22 -9.36 14.17
N LYS A 105 -45.68 -10.40 13.50
CA LYS A 105 -45.72 -11.79 13.92
C LYS A 105 -45.27 -11.94 15.39
N GLU A 106 -44.37 -11.04 15.84
CA GLU A 106 -43.77 -11.09 17.16
C GLU A 106 -44.64 -10.52 18.30
N ILE A 107 -45.53 -9.57 18.01
CA ILE A 107 -46.34 -8.94 19.06
C ILE A 107 -47.86 -9.19 18.98
N ILE A 108 -48.33 -9.74 17.86
CA ILE A 108 -49.73 -9.93 17.60
C ILE A 108 -50.48 -10.68 18.72
N ASP A 109 -49.91 -11.79 19.20
CA ASP A 109 -50.57 -12.59 20.23
C ASP A 109 -50.72 -11.83 21.55
N LEU A 110 -49.70 -11.05 21.92
CA LEU A 110 -49.69 -10.23 23.11
C LEU A 110 -50.79 -9.16 23.04
N VAL A 111 -50.98 -8.54 21.85
CA VAL A 111 -51.99 -7.49 21.64
C VAL A 111 -53.39 -8.08 21.78
N LEU A 112 -53.62 -9.21 21.11
CA LEU A 112 -54.90 -9.90 21.14
C LEU A 112 -55.26 -10.34 22.54
N ASP A 113 -54.24 -10.74 23.35
CA ASP A 113 -54.47 -11.12 24.73
C ASP A 113 -54.97 -9.92 25.52
N ARG A 114 -54.36 -8.73 25.33
CA ARG A 114 -54.78 -7.51 26.01
C ARG A 114 -56.14 -7.04 25.55
N ILE A 115 -56.48 -7.23 24.25
CA ILE A 115 -57.81 -6.86 23.71
C ILE A 115 -58.84 -7.77 24.32
N ARG A 116 -58.55 -9.07 24.38
CA ARG A 116 -59.42 -10.07 24.99
C ARG A 116 -59.75 -9.68 26.42
N LYS A 117 -58.73 -9.21 27.19
CA LYS A 117 -58.90 -8.76 28.57
C LYS A 117 -59.91 -7.61 28.69
N LEU A 118 -59.91 -6.70 27.74
CA LEU A 118 -60.85 -5.58 27.73
C LEU A 118 -62.24 -6.05 27.31
N ALA A 119 -62.31 -7.03 26.39
CA ALA A 119 -63.58 -7.59 25.90
C ALA A 119 -64.28 -8.38 26.99
N ASP A 120 -63.50 -9.06 27.85
CA ASP A 120 -63.98 -9.83 29.00
C ASP A 120 -64.71 -8.94 30.00
N GLN A 121 -64.34 -7.64 30.03
CA GLN A 121 -64.94 -6.65 30.94
C GLN A 121 -66.22 -6.03 30.38
N CYS A 122 -66.66 -6.49 29.19
CA CYS A 122 -67.86 -6.03 28.49
C CYS A 122 -69.04 -6.96 28.68
N THR A 123 -70.22 -6.37 28.94
CA THR A 123 -71.49 -7.11 29.12
C THR A 123 -72.23 -7.24 27.78
N GLY A 124 -71.71 -6.51 26.79
CA GLY A 124 -72.25 -6.49 25.44
C GLY A 124 -71.47 -5.59 24.52
N LEU A 125 -70.27 -6.04 24.14
CA LEU A 125 -69.35 -5.32 23.24
C LEU A 125 -69.97 -5.09 21.87
N GLN A 126 -69.99 -3.82 21.44
CA GLN A 126 -70.51 -3.43 20.13
C GLN A 126 -69.51 -3.80 19.04
N GLY A 127 -68.29 -3.33 19.24
CA GLY A 127 -67.22 -3.49 18.29
C GLY A 127 -65.99 -2.72 18.62
N PHE A 128 -65.16 -2.43 17.59
CA PHE A 128 -63.85 -1.76 17.70
C PHE A 128 -63.72 -0.53 16.86
N LEU A 129 -62.94 0.44 17.36
CA LEU A 129 -62.58 1.67 16.64
C LEU A 129 -61.07 1.64 16.52
N VAL A 130 -60.57 1.50 15.28
CA VAL A 130 -59.14 1.38 15.02
C VAL A 130 -58.56 2.65 14.40
N PHE A 131 -57.58 3.24 15.09
CA PHE A 131 -56.87 4.46 14.68
C PHE A 131 -55.46 4.14 14.17
N HIS A 132 -55.15 4.60 12.95
CA HIS A 132 -53.87 4.32 12.30
C HIS A 132 -53.63 5.17 11.07
N SER A 133 -52.39 5.23 10.61
CA SER A 133 -51.99 5.91 9.39
C SER A 133 -51.94 4.88 8.27
N PHE A 134 -52.07 5.33 7.05
CA PHE A 134 -51.94 4.47 5.88
C PHE A 134 -50.46 4.34 5.57
N GLY A 135 -49.74 5.45 5.73
CA GLY A 135 -48.32 5.55 5.40
C GLY A 135 -47.28 4.82 6.22
N GLY A 136 -47.45 4.74 7.54
CA GLY A 136 -46.43 4.10 8.38
C GLY A 136 -46.32 2.60 8.21
N GLY A 137 -45.18 2.05 8.59
CA GLY A 137 -44.94 0.61 8.55
C GLY A 137 -45.80 -0.15 9.54
N THR A 138 -45.99 0.44 10.77
CA THR A 138 -46.82 -0.13 11.85
C THR A 138 -48.26 0.13 11.54
N GLY A 139 -48.62 1.41 11.27
CA GLY A 139 -49.94 1.90 10.92
C GLY A 139 -50.56 1.09 9.81
N SER A 140 -49.73 0.74 8.79
CA SER A 140 -50.20 -0.05 7.65
C SER A 140 -50.15 -1.57 7.89
N GLY A 141 -48.96 -2.08 8.14
CA GLY A 141 -48.67 -3.50 8.28
C GLY A 141 -49.28 -4.17 9.47
N PHE A 142 -49.04 -3.62 10.67
CA PHE A 142 -49.58 -4.21 11.87
C PHE A 142 -51.13 -4.12 11.93
N THR A 143 -51.71 -2.99 11.52
CA THR A 143 -53.15 -2.82 11.53
C THR A 143 -53.85 -3.89 10.69
N SER A 144 -53.37 -4.13 9.45
CA SER A 144 -53.99 -5.12 8.58
C SER A 144 -53.94 -6.54 9.18
N LEU A 145 -52.81 -6.88 9.84
CA LEU A 145 -52.64 -8.14 10.57
C LEU A 145 -53.63 -8.22 11.75
N LEU A 146 -53.78 -7.11 12.49
CA LEU A 146 -54.70 -7.02 13.62
C LEU A 146 -56.15 -7.22 13.18
N MET A 147 -56.55 -6.52 12.09
CA MET A 147 -57.91 -6.59 11.56
C MET A 147 -58.28 -8.01 11.14
N GLU A 148 -57.36 -8.71 10.47
CA GLU A 148 -57.55 -10.09 10.04
C GLU A 148 -57.84 -11.00 11.25
N ARG A 149 -57.06 -10.85 12.34
CA ARG A 149 -57.22 -11.67 13.52
C ARG A 149 -58.49 -11.33 14.28
N LEU A 150 -58.85 -10.03 14.29
CA LEU A 150 -60.04 -9.61 14.98
C LEU A 150 -61.28 -10.20 14.35
N SER A 151 -61.27 -10.36 13.00
CA SER A 151 -62.37 -10.98 12.26
C SER A 151 -62.48 -12.46 12.62
N VAL A 152 -61.34 -13.10 12.99
CA VAL A 152 -61.29 -14.50 13.39
C VAL A 152 -61.83 -14.63 14.81
N ASP A 153 -61.30 -13.83 15.74
CA ASP A 153 -61.66 -13.92 17.15
C ASP A 153 -63.04 -13.31 17.51
N TYR A 154 -63.51 -12.33 16.70
CA TYR A 154 -64.75 -11.63 16.99
C TYR A 154 -65.74 -11.59 15.85
N GLY A 155 -65.62 -12.50 14.89
CA GLY A 155 -66.51 -12.61 13.72
C GLY A 155 -67.90 -12.00 13.80
N LYS A 156 -68.19 -11.11 12.84
CA LYS A 156 -69.36 -10.24 12.63
C LYS A 156 -69.20 -8.90 13.39
N LYS A 157 -68.71 -8.93 14.67
CA LYS A 157 -68.52 -7.70 15.46
C LYS A 157 -67.92 -6.54 14.63
N SER A 158 -68.64 -5.41 14.64
CA SER A 158 -68.30 -4.20 13.90
C SER A 158 -66.91 -3.66 14.17
N LYS A 159 -66.20 -3.29 13.10
CA LYS A 159 -64.86 -2.69 13.19
C LYS A 159 -64.86 -1.45 12.31
N LEU A 160 -64.61 -0.30 12.95
CA LEU A 160 -64.55 1.01 12.29
C LEU A 160 -63.14 1.53 12.31
N GLU A 161 -62.73 2.24 11.27
CA GLU A 161 -61.39 2.81 11.18
C GLU A 161 -61.40 4.32 11.08
N PHE A 162 -60.40 4.93 11.65
CA PHE A 162 -60.06 6.33 11.48
C PHE A 162 -58.64 6.24 10.91
N SER A 163 -58.54 6.42 9.59
CA SER A 163 -57.30 6.24 8.85
C SER A 163 -56.73 7.55 8.38
N ILE A 164 -55.44 7.74 8.56
CA ILE A 164 -54.75 8.95 8.14
C ILE A 164 -54.18 8.73 6.74
N TYR A 165 -54.74 9.44 5.77
CA TYR A 165 -54.37 9.39 4.37
C TYR A 165 -53.13 10.31 4.17
N PRO A 166 -52.13 9.85 3.39
CA PRO A 166 -50.86 10.60 3.31
C PRO A 166 -50.85 11.90 2.50
N ALA A 167 -50.03 12.85 2.98
CA ALA A 167 -49.81 14.15 2.37
C ALA A 167 -48.32 14.44 2.22
N PRO A 168 -47.91 15.06 1.09
CA PRO A 168 -46.48 15.41 0.92
C PRO A 168 -45.92 16.43 1.93
N GLN A 169 -46.76 17.36 2.40
CA GLN A 169 -46.35 18.42 3.34
C GLN A 169 -46.01 17.89 4.69
N VAL A 170 -46.60 16.72 5.08
CA VAL A 170 -46.30 16.11 6.37
C VAL A 170 -45.83 14.65 6.21
N SER A 171 -45.04 14.35 5.20
CA SER A 171 -44.54 13.01 4.93
C SER A 171 -43.58 12.48 5.97
N THR A 172 -43.34 11.16 5.96
CA THR A 172 -42.32 10.49 6.79
C THR A 172 -41.54 9.46 5.94
N ALA A 173 -42.10 9.04 4.74
CA ALA A 173 -41.46 8.05 3.86
C ALA A 173 -41.85 8.12 2.40
N VAL A 174 -40.91 7.81 1.45
CA VAL A 174 -41.26 7.79 0.02
C VAL A 174 -42.26 6.71 -0.31
N VAL A 175 -42.19 5.58 0.41
CA VAL A 175 -42.97 4.37 0.13
C VAL A 175 -44.38 4.39 0.73
N GLU A 176 -44.83 5.53 1.30
CA GLU A 176 -46.18 5.63 1.86
C GLU A 176 -47.26 5.20 0.88
N PRO A 177 -47.19 5.53 -0.46
CA PRO A 177 -48.21 5.03 -1.40
C PRO A 177 -48.29 3.48 -1.45
N TYR A 178 -47.15 2.79 -1.34
CA TYR A 178 -47.09 1.33 -1.32
C TYR A 178 -47.80 0.81 -0.08
N ASN A 179 -47.45 1.33 1.10
CA ASN A 179 -48.06 0.94 2.37
C ASN A 179 -49.56 1.20 2.38
N SER A 180 -49.99 2.34 1.78
CA SER A 180 -51.40 2.71 1.72
C SER A 180 -52.18 1.69 0.91
N ILE A 181 -51.71 1.32 -0.28
CA ILE A 181 -52.45 0.37 -1.11
C ILE A 181 -52.39 -1.04 -0.53
N LEU A 182 -51.27 -1.42 0.08
CA LEU A 182 -51.12 -2.75 0.65
C LEU A 182 -52.05 -2.96 1.82
N THR A 183 -52.10 -1.98 2.76
CA THR A 183 -53.01 -2.07 3.90
C THR A 183 -54.46 -1.98 3.47
N THR A 184 -54.82 -1.09 2.49
CA THR A 184 -56.19 -0.90 2.00
C THR A 184 -56.74 -2.19 1.48
N HIS A 185 -55.94 -2.86 0.62
CA HIS A 185 -56.30 -4.15 0.08
C HIS A 185 -56.57 -5.22 1.15
N THR A 186 -55.61 -5.40 2.08
CA THR A 186 -55.70 -6.42 3.13
C THR A 186 -56.88 -6.18 4.11
N THR A 187 -57.11 -4.92 4.46
CA THR A 187 -58.12 -4.52 5.42
C THR A 187 -59.56 -4.44 4.87
N LEU A 188 -59.70 -4.16 3.57
CA LEU A 188 -60.97 -3.93 2.92
C LEU A 188 -62.11 -4.80 3.37
N GLU A 189 -61.94 -6.14 3.30
CA GLU A 189 -63.00 -7.11 3.65
C GLU A 189 -63.24 -7.24 5.15
N HIS A 190 -62.35 -6.68 5.98
CA HIS A 190 -62.39 -6.78 7.44
C HIS A 190 -62.94 -5.54 8.12
N SER A 191 -63.09 -4.45 7.37
CA SER A 191 -63.60 -3.21 7.94
C SER A 191 -65.02 -2.96 7.46
N ASP A 192 -65.88 -2.51 8.39
CA ASP A 192 -67.28 -2.21 8.10
C ASP A 192 -67.51 -0.78 7.65
N CYS A 193 -66.71 0.15 8.17
CA CYS A 193 -66.76 1.58 7.89
C CYS A 193 -65.39 2.20 8.18
N ALA A 194 -64.89 3.06 7.30
CA ALA A 194 -63.58 3.71 7.47
C ALA A 194 -63.67 5.20 7.18
N PHE A 195 -63.23 6.03 8.12
CA PHE A 195 -63.26 7.48 8.00
C PHE A 195 -61.89 7.97 7.77
N MET A 196 -61.56 8.24 6.50
CA MET A 196 -60.24 8.72 6.05
C MET A 196 -60.08 10.16 6.38
N VAL A 197 -58.89 10.52 6.81
CA VAL A 197 -58.53 11.88 7.14
C VAL A 197 -57.31 12.20 6.30
N ASP A 198 -57.47 13.07 5.31
CA ASP A 198 -56.38 13.48 4.43
C ASP A 198 -55.58 14.53 5.18
N ASN A 199 -54.31 14.25 5.42
CA ASN A 199 -53.45 15.15 6.17
C ASN A 199 -53.28 16.49 5.49
N GLU A 200 -53.44 16.53 4.15
CA GLU A 200 -53.33 17.76 3.37
C GLU A 200 -54.55 18.64 3.65
N ALA A 201 -55.75 18.02 3.77
CA ALA A 201 -57.00 18.73 4.06
C ALA A 201 -56.92 19.39 5.44
N ILE A 202 -56.48 18.62 6.46
CA ILE A 202 -56.31 19.11 7.82
C ILE A 202 -55.26 20.21 7.87
N TYR A 203 -54.13 20.02 7.16
CA TYR A 203 -53.04 20.98 7.08
C TYR A 203 -53.54 22.34 6.52
N ASP A 204 -54.33 22.30 5.43
CA ASP A 204 -54.87 23.49 4.81
C ASP A 204 -55.92 24.17 5.67
N ILE A 205 -56.74 23.39 6.39
CA ILE A 205 -57.73 23.93 7.33
C ILE A 205 -57.01 24.69 8.47
N CYS A 206 -55.93 24.13 9.00
CA CYS A 206 -55.12 24.77 10.04
C CYS A 206 -54.52 26.08 9.54
N ARG A 207 -53.93 26.08 8.33
CA ARG A 207 -53.32 27.26 7.77
C ARG A 207 -54.34 28.34 7.48
N ARG A 208 -55.39 27.97 6.74
CA ARG A 208 -56.39 28.89 6.25
C ARG A 208 -57.35 29.39 7.32
N ASN A 209 -57.88 28.50 8.18
CA ASN A 209 -58.91 28.84 9.17
C ASN A 209 -58.39 29.10 10.59
N LEU A 210 -57.20 28.57 10.93
CA LEU A 210 -56.64 28.75 12.27
C LEU A 210 -55.38 29.62 12.29
N ASP A 211 -54.99 30.14 11.12
CA ASP A 211 -53.84 31.05 10.92
C ASP A 211 -52.51 30.49 11.46
N ILE A 212 -52.34 29.16 11.37
CA ILE A 212 -51.12 28.49 11.78
C ILE A 212 -50.23 28.41 10.55
N GLU A 213 -49.12 29.16 10.52
CA GLU A 213 -48.22 29.19 9.37
C GLU A 213 -47.78 27.82 8.91
N ARG A 214 -47.18 27.05 9.83
CA ARG A 214 -46.60 25.73 9.59
C ARG A 214 -47.14 24.75 10.64
N PRO A 215 -48.35 24.17 10.37
CA PRO A 215 -48.95 23.23 11.34
C PRO A 215 -48.07 22.06 11.80
N THR A 216 -48.21 21.72 13.09
CA THR A 216 -47.56 20.58 13.74
C THR A 216 -48.61 19.46 13.87
N TYR A 217 -48.16 18.25 14.21
CA TYR A 217 -49.04 17.11 14.42
C TYR A 217 -50.01 17.43 15.54
N THR A 218 -49.56 18.23 16.56
CA THR A 218 -50.41 18.64 17.69
C THR A 218 -51.54 19.53 17.18
N ASN A 219 -51.27 20.40 16.19
CA ASN A 219 -52.30 21.24 15.59
C ASN A 219 -53.29 20.37 14.81
N LEU A 220 -52.76 19.43 13.99
CA LEU A 220 -53.59 18.52 13.17
C LEU A 220 -54.45 17.60 14.03
N ASN A 221 -53.86 17.04 15.09
CA ASN A 221 -54.53 16.09 15.97
C ASN A 221 -55.66 16.70 16.78
N ARG A 222 -55.52 17.97 17.20
CA ARG A 222 -56.56 18.67 17.96
C ARG A 222 -57.77 18.89 17.08
N LEU A 223 -57.53 19.13 15.78
CA LEU A 223 -58.63 19.30 14.84
C LEU A 223 -59.30 17.95 14.56
N ILE A 224 -58.51 16.91 14.30
CA ILE A 224 -59.01 15.56 14.06
C ILE A 224 -59.85 15.11 15.25
N SER A 225 -59.37 15.37 16.47
CA SER A 225 -60.08 14.96 17.69
C SER A 225 -61.47 15.54 17.75
N GLN A 226 -61.65 16.79 17.27
CA GLN A 226 -62.96 17.43 17.23
C GLN A 226 -63.91 16.66 16.32
N ILE A 227 -63.41 16.19 15.17
CA ILE A 227 -64.21 15.43 14.21
C ILE A 227 -64.48 14.04 14.78
N VAL A 228 -63.48 13.36 15.33
CA VAL A 228 -63.67 12.03 15.93
C VAL A 228 -64.72 12.12 17.05
N SER A 229 -64.61 13.15 17.91
CA SER A 229 -65.55 13.40 18.99
C SER A 229 -66.94 13.57 18.45
N SER A 230 -67.11 14.34 17.39
CA SER A 230 -68.40 14.58 16.77
C SER A 230 -69.06 13.29 16.30
N ILE A 231 -68.27 12.36 15.76
CA ILE A 231 -68.75 11.08 15.27
C ILE A 231 -69.13 10.12 16.40
N THR A 232 -68.29 10.07 17.42
CA THR A 232 -68.42 9.16 18.56
C THR A 232 -69.30 9.70 19.66
N ALA A 233 -69.67 11.02 19.60
CA ALA A 233 -70.50 11.67 20.63
C ALA A 233 -71.83 10.95 20.91
N SER A 234 -72.44 10.40 19.84
CA SER A 234 -73.72 9.67 19.84
C SER A 234 -73.62 8.37 20.64
N LEU A 235 -72.40 7.79 20.74
CA LEU A 235 -72.17 6.57 21.50
C LEU A 235 -71.89 6.86 22.99
N ARG A 236 -71.37 8.06 23.29
CA ARG A 236 -70.99 8.49 24.64
C ARG A 236 -72.02 9.34 25.39
N PHE A 237 -73.10 9.77 24.71
CA PHE A 237 -74.20 10.52 25.32
C PHE A 237 -75.51 9.88 24.86
N ASP A 238 -76.64 10.19 25.53
CA ASP A 238 -77.93 9.59 25.13
C ASP A 238 -78.48 10.18 23.80
N GLY A 239 -77.88 9.73 22.69
CA GLY A 239 -78.20 10.16 21.34
C GLY A 239 -79.44 9.50 20.77
N ALA A 240 -79.79 9.92 19.55
CA ALA A 240 -80.97 9.46 18.82
C ALA A 240 -80.57 8.98 17.37
N LEU A 241 -79.32 9.31 16.97
CA LEU A 241 -78.71 8.96 15.68
C LEU A 241 -77.31 8.41 15.91
N ASN A 242 -76.97 7.29 15.25
CA ASN A 242 -75.66 6.60 15.35
C ASN A 242 -75.37 6.22 16.81
N VAL A 243 -76.41 5.66 17.44
CA VAL A 243 -76.48 5.21 18.84
C VAL A 243 -75.66 3.94 19.09
N ASP A 244 -75.33 3.19 18.00
CA ASP A 244 -74.50 2.00 18.02
C ASP A 244 -73.64 1.90 16.75
N LEU A 245 -72.61 1.05 16.78
CA LEU A 245 -71.69 0.90 15.65
C LEU A 245 -72.31 0.36 14.38
N THR A 246 -73.30 -0.54 14.52
CA THR A 246 -74.01 -1.15 13.39
C THR A 246 -74.75 -0.11 12.57
N GLU A 247 -75.22 0.94 13.26
CA GLU A 247 -75.96 2.05 12.68
C GLU A 247 -75.10 2.86 11.71
N PHE A 248 -73.81 2.93 11.93
CA PHE A 248 -72.94 3.64 11.00
C PHE A 248 -73.04 2.98 9.63
N GLN A 249 -72.87 1.66 9.62
CA GLN A 249 -72.90 0.81 8.44
C GLN A 249 -74.26 0.90 7.77
N THR A 250 -75.36 0.84 8.54
CA THR A 250 -76.72 0.94 8.02
C THR A 250 -76.99 2.27 7.33
N ASN A 251 -76.68 3.37 8.05
CA ASN A 251 -76.94 4.74 7.64
C ASN A 251 -76.06 5.29 6.58
N LEU A 252 -74.81 4.81 6.49
CA LEU A 252 -73.84 5.36 5.57
C LEU A 252 -73.29 4.42 4.53
N VAL A 253 -73.33 3.07 4.76
CA VAL A 253 -72.69 2.08 3.88
C VAL A 253 -73.70 1.17 3.20
N PRO A 254 -74.30 1.58 2.05
CA PRO A 254 -75.24 0.68 1.36
C PRO A 254 -74.54 -0.48 0.63
N TYR A 255 -73.24 -0.30 0.24
CA TYR A 255 -72.43 -1.34 -0.39
C TYR A 255 -71.20 -1.62 0.46
N PRO A 256 -70.93 -2.91 0.83
CA PRO A 256 -69.81 -3.22 1.73
C PRO A 256 -68.41 -2.70 1.37
N ARG A 257 -68.01 -2.72 0.10
CA ARG A 257 -66.69 -2.20 -0.26
C ARG A 257 -66.68 -0.68 -0.27
N ILE A 258 -67.81 -0.06 -0.58
CA ILE A 258 -67.95 1.40 -0.64
C ILE A 258 -68.28 1.87 0.78
N HIS A 259 -67.26 1.79 1.66
CA HIS A 259 -67.45 2.13 3.06
C HIS A 259 -66.60 3.26 3.54
N PHE A 260 -66.36 4.24 2.66
CA PHE A 260 -65.48 5.38 2.98
C PHE A 260 -66.24 6.73 3.01
N PRO A 261 -67.01 7.05 4.11
CA PRO A 261 -67.72 8.34 4.17
C PRO A 261 -66.78 9.52 4.23
N LEU A 262 -67.22 10.63 3.64
CA LEU A 262 -66.51 11.88 3.64
C LEU A 262 -67.05 12.73 4.82
N ALA A 263 -66.15 13.12 5.73
CA ALA A 263 -66.48 13.98 6.86
C ALA A 263 -66.20 15.45 6.52
N THR A 264 -67.13 16.33 6.89
CA THR A 264 -67.07 17.78 6.69
C THR A 264 -67.49 18.40 7.99
N TYR A 265 -66.68 19.32 8.49
CA TYR A 265 -66.91 19.91 9.80
C TYR A 265 -66.93 21.44 9.75
N ALA A 266 -67.79 22.05 10.55
CA ALA A 266 -67.92 23.50 10.65
C ALA A 266 -68.59 23.89 11.99
N PRO A 267 -68.15 25.00 12.61
CA PRO A 267 -67.10 25.92 12.18
C PRO A 267 -65.69 25.64 12.74
N VAL A 268 -64.68 25.99 11.96
CA VAL A 268 -63.29 25.91 12.42
C VAL A 268 -62.84 27.38 12.46
N ILE A 269 -62.80 27.96 13.67
CA ILE A 269 -62.50 29.38 13.95
C ILE A 269 -61.31 29.50 14.89
N SER A 270 -60.40 30.46 14.62
CA SER A 270 -59.23 30.70 15.48
C SER A 270 -59.68 31.29 16.81
N ALA A 271 -59.03 30.87 17.90
CA ALA A 271 -59.34 31.35 19.25
C ALA A 271 -58.92 32.81 19.40
N GLU A 272 -57.86 33.21 18.67
CA GLU A 272 -57.32 34.57 18.70
C GLU A 272 -58.13 35.53 17.80
N LYS A 273 -59.10 35.00 17.00
CA LYS A 273 -59.93 35.81 16.09
C LYS A 273 -60.78 36.85 16.81
N ALA A 274 -60.75 38.08 16.26
CA ALA A 274 -61.49 39.26 16.71
C ALA A 274 -62.99 38.89 16.81
N TYR A 275 -63.53 38.90 18.05
CA TYR A 275 -64.90 38.56 18.45
C TYR A 275 -65.90 38.62 17.30
N HIS A 276 -66.44 37.46 16.95
CA HIS A 276 -67.41 37.25 15.88
C HIS A 276 -68.80 36.98 16.44
N GLU A 277 -69.85 37.40 15.71
CA GLU A 277 -71.24 37.09 16.09
C GLU A 277 -71.33 35.57 15.85
N GLN A 278 -71.93 34.82 16.77
CA GLN A 278 -72.00 33.37 16.61
C GLN A 278 -72.74 32.94 15.34
N LEU A 279 -72.10 32.04 14.55
CA LEU A 279 -72.59 31.50 13.27
C LEU A 279 -73.93 30.76 13.45
N SER A 280 -74.90 31.09 12.59
CA SER A 280 -76.23 30.50 12.62
C SER A 280 -76.22 29.05 12.13
N VAL A 281 -77.35 28.37 12.35
CA VAL A 281 -77.55 27.00 11.88
C VAL A 281 -77.43 26.98 10.35
N ALA A 282 -77.98 28.00 9.65
CA ALA A 282 -77.90 28.14 8.19
C ALA A 282 -76.45 28.26 7.73
N GLU A 283 -75.65 29.11 8.42
CA GLU A 283 -74.26 29.37 8.09
C GLU A 283 -73.38 28.13 8.21
N ILE A 284 -73.53 27.39 9.33
CA ILE A 284 -72.74 26.19 9.57
C ILE A 284 -73.19 25.05 8.64
N THR A 285 -74.48 24.99 8.31
CA THR A 285 -75.01 23.96 7.40
C THR A 285 -74.55 24.24 5.98
N ASN A 286 -74.55 25.51 5.55
CA ASN A 286 -74.05 25.87 4.22
C ASN A 286 -72.58 25.51 4.03
N ALA A 287 -71.81 25.64 5.11
CA ALA A 287 -70.40 25.33 5.14
C ALA A 287 -70.10 23.83 4.92
N CYS A 288 -71.08 22.95 5.22
CA CYS A 288 -70.97 21.48 5.08
C CYS A 288 -70.80 21.08 3.62
N PHE A 289 -71.21 21.97 2.69
CA PHE A 289 -71.17 21.69 1.26
C PHE A 289 -70.05 22.46 0.53
N GLU A 290 -69.13 23.06 1.32
CA GLU A 290 -67.96 23.76 0.82
C GLU A 290 -66.78 22.81 0.92
N PRO A 291 -66.07 22.58 -0.22
CA PRO A 291 -64.93 21.63 -0.21
C PRO A 291 -63.80 21.98 0.74
N ALA A 292 -63.67 23.26 1.08
CA ALA A 292 -62.63 23.77 1.97
C ALA A 292 -62.67 23.15 3.35
N ASN A 293 -63.88 22.76 3.79
CA ASN A 293 -64.13 22.22 5.11
C ASN A 293 -64.06 20.69 5.22
N GLN A 294 -63.87 20.00 4.09
CA GLN A 294 -63.78 18.54 3.99
C GLN A 294 -62.53 17.93 4.63
N MET A 295 -62.65 16.70 5.17
CA MET A 295 -61.52 15.94 5.76
C MET A 295 -60.72 15.25 4.70
N VAL A 296 -61.30 15.08 3.50
CA VAL A 296 -60.61 14.49 2.35
C VAL A 296 -60.77 15.43 1.17
N LYS A 297 -59.65 15.79 0.53
CA LYS A 297 -59.61 16.67 -0.63
C LYS A 297 -60.16 15.91 -1.82
N CYS A 298 -61.38 16.33 -2.26
CA CYS A 298 -62.14 15.78 -3.39
C CYS A 298 -63.25 16.75 -3.76
N ASP A 299 -63.98 16.48 -4.87
CA ASP A 299 -65.05 17.33 -5.37
C ASP A 299 -66.40 16.61 -5.48
N PRO A 300 -67.22 16.71 -4.40
CA PRO A 300 -68.56 16.09 -4.41
C PRO A 300 -69.52 16.69 -5.43
N ARG A 301 -69.21 17.91 -5.94
CA ARG A 301 -70.00 18.62 -6.95
C ARG A 301 -69.95 17.86 -8.29
N HIS A 302 -68.96 16.97 -8.47
CA HIS A 302 -68.79 16.17 -9.66
C HIS A 302 -68.97 14.66 -9.34
N GLY A 303 -69.76 14.36 -8.32
CA GLY A 303 -70.06 12.99 -7.90
C GLY A 303 -71.48 12.82 -7.44
N LYS A 304 -71.84 11.63 -7.03
CA LYS A 304 -73.21 11.38 -6.59
C LYS A 304 -73.21 10.86 -5.16
N TYR A 305 -74.20 11.29 -4.37
CA TYR A 305 -74.34 10.89 -2.98
C TYR A 305 -75.12 9.61 -2.86
N MET A 306 -74.81 8.81 -1.84
CA MET A 306 -75.55 7.60 -1.53
C MET A 306 -76.21 7.73 -0.18
N ALA A 307 -75.67 8.59 0.68
CA ALA A 307 -76.19 8.81 2.03
C ALA A 307 -75.59 10.06 2.61
N CYS A 308 -76.35 10.73 3.52
CA CYS A 308 -75.92 11.95 4.19
C CYS A 308 -76.45 12.02 5.57
N CYS A 309 -75.56 12.22 6.53
CA CYS A 309 -75.89 12.37 7.92
C CYS A 309 -75.38 13.70 8.39
N LEU A 310 -76.24 14.47 9.05
CA LEU A 310 -75.88 15.75 9.62
C LEU A 310 -75.89 15.62 11.14
N LEU A 311 -74.70 15.75 11.77
CA LEU A 311 -74.58 15.63 13.22
C LEU A 311 -74.32 17.00 13.82
N TYR A 312 -75.37 17.59 14.45
CA TYR A 312 -75.26 18.90 15.08
C TYR A 312 -74.92 18.75 16.54
N ARG A 313 -74.15 19.70 17.09
CA ARG A 313 -73.80 19.70 18.52
C ARG A 313 -73.94 21.09 19.09
N GLY A 314 -74.71 21.19 20.17
CA GLY A 314 -74.89 22.45 20.88
C GLY A 314 -76.25 23.07 20.73
N ASP A 315 -76.29 24.41 20.67
CA ASP A 315 -77.52 25.19 20.57
C ASP A 315 -78.17 25.11 19.18
N VAL A 316 -78.85 24.00 18.90
CA VAL A 316 -79.49 23.75 17.60
C VAL A 316 -80.92 23.27 17.80
N VAL A 317 -81.85 23.85 16.99
CA VAL A 317 -83.30 23.61 16.97
C VAL A 317 -83.71 22.95 15.64
N PRO A 318 -84.56 21.89 15.66
CA PRO A 318 -85.01 21.26 14.40
C PRO A 318 -85.56 22.21 13.32
N LYS A 319 -86.36 23.19 13.73
CA LYS A 319 -86.96 24.18 12.82
C LYS A 319 -85.92 24.92 12.01
N ASP A 320 -84.79 25.30 12.66
CA ASP A 320 -83.70 26.02 11.99
C ASP A 320 -82.94 25.12 11.03
N VAL A 321 -82.78 23.81 11.39
CA VAL A 321 -82.10 22.78 10.59
C VAL A 321 -82.92 22.55 9.31
N ASN A 322 -84.23 22.32 9.47
CA ASN A 322 -85.14 22.05 8.37
C ASN A 322 -85.22 23.23 7.39
N ALA A 323 -85.21 24.46 7.92
CA ALA A 323 -85.20 25.67 7.10
C ALA A 323 -83.88 25.76 6.34
N ALA A 324 -82.74 25.45 7.02
CA ALA A 324 -81.41 25.47 6.41
C ALA A 324 -81.32 24.44 5.26
N ILE A 325 -81.88 23.23 5.44
CA ILE A 325 -81.90 22.19 4.40
C ILE A 325 -82.80 22.63 3.21
N ALA A 326 -83.91 23.32 3.52
CA ALA A 326 -84.82 23.84 2.51
C ALA A 326 -84.11 24.80 1.54
N THR A 327 -83.28 25.69 2.07
CA THR A 327 -82.53 26.66 1.25
C THR A 327 -81.47 25.98 0.38
N ILE A 328 -80.83 24.94 0.90
CA ILE A 328 -79.79 24.18 0.19
C ILE A 328 -80.37 23.46 -1.03
N LYS A 329 -81.57 22.84 -0.83
CA LYS A 329 -82.27 22.07 -1.86
C LYS A 329 -82.54 22.95 -3.12
N THR A 330 -82.88 24.23 -2.88
CA THR A 330 -83.19 25.22 -3.91
C THR A 330 -81.98 25.82 -4.63
N LYS A 331 -80.84 25.95 -3.95
CA LYS A 331 -79.68 26.60 -4.58
C LYS A 331 -78.75 25.59 -5.27
N ARG A 332 -78.25 24.61 -4.50
CA ARG A 332 -77.33 23.56 -4.94
C ARG A 332 -78.08 22.30 -5.36
N SER A 333 -77.71 21.74 -6.52
CA SER A 333 -78.27 20.53 -7.12
C SER A 333 -78.36 19.32 -6.15
N ILE A 334 -77.18 18.88 -5.58
CA ILE A 334 -76.92 17.75 -4.66
C ILE A 334 -77.54 16.48 -5.23
N GLN A 335 -76.77 15.83 -6.12
CA GLN A 335 -77.23 14.68 -6.87
C GLN A 335 -76.98 13.38 -6.15
N PHE A 336 -78.06 12.64 -5.92
CA PHE A 336 -78.01 11.33 -5.30
C PHE A 336 -78.07 10.27 -6.40
N VAL A 337 -77.67 9.04 -6.07
CA VAL A 337 -77.79 7.89 -6.97
C VAL A 337 -79.31 7.61 -7.08
N ASP A 338 -79.76 7.10 -8.25
CA ASP A 338 -81.16 6.81 -8.61
C ASP A 338 -81.90 5.99 -7.57
N TRP A 339 -81.23 4.98 -7.04
CA TRP A 339 -81.75 4.03 -6.06
C TRP A 339 -81.70 4.51 -4.58
N CYS A 340 -81.44 5.80 -4.34
CA CYS A 340 -81.46 6.38 -3.00
C CYS A 340 -82.33 7.63 -2.94
N PRO A 341 -83.07 7.85 -1.84
CA PRO A 341 -83.83 9.11 -1.74
C PRO A 341 -82.88 10.28 -1.49
N THR A 342 -83.19 11.43 -2.10
CA THR A 342 -82.44 12.66 -1.92
C THR A 342 -82.93 13.18 -0.58
N GLY A 343 -82.13 12.97 0.45
CA GLY A 343 -82.48 13.36 1.80
C GLY A 343 -81.33 13.29 2.76
N PHE A 344 -81.61 13.52 4.04
CA PHE A 344 -80.59 13.56 5.08
C PHE A 344 -81.13 13.00 6.35
N LYS A 345 -80.31 12.27 7.08
CA LYS A 345 -80.65 11.82 8.43
C LYS A 345 -80.02 12.89 9.32
N VAL A 346 -80.84 13.55 10.13
CA VAL A 346 -80.36 14.60 11.02
C VAL A 346 -80.30 14.12 12.44
N GLY A 347 -79.23 14.49 13.13
CA GLY A 347 -79.00 14.14 14.52
C GLY A 347 -78.58 15.39 15.25
N ILE A 348 -79.20 15.66 16.38
CA ILE A 348 -78.87 16.84 17.17
C ILE A 348 -78.47 16.36 18.53
N ASN A 349 -77.31 16.81 19.00
CA ASN A 349 -76.84 16.51 20.34
C ASN A 349 -76.70 17.84 21.03
N TYR A 350 -77.42 18.00 22.15
CA TYR A 350 -77.46 19.28 22.85
C TYR A 350 -76.14 19.65 23.53
N GLN A 351 -75.27 18.65 23.79
CA GLN A 351 -73.95 18.84 24.42
C GLN A 351 -73.05 19.66 23.51
N PRO A 352 -72.68 20.87 24.00
CA PRO A 352 -71.93 21.82 23.14
C PRO A 352 -70.52 21.37 22.84
N PRO A 353 -69.94 21.93 21.76
CA PRO A 353 -68.55 21.56 21.40
C PRO A 353 -67.56 21.95 22.50
N THR A 354 -66.70 21.01 22.90
CA THR A 354 -65.71 21.29 23.94
C THR A 354 -64.43 21.57 23.25
N VAL A 355 -63.66 22.50 23.79
CA VAL A 355 -62.36 22.89 23.24
C VAL A 355 -61.28 22.69 24.31
N VAL A 356 -60.08 22.29 23.87
CA VAL A 356 -58.95 22.11 24.76
C VAL A 356 -58.44 23.49 25.15
N PRO A 357 -58.39 23.82 26.46
CA PRO A 357 -57.87 25.14 26.87
C PRO A 357 -56.41 25.30 26.46
N GLY A 358 -56.09 26.45 25.90
CA GLY A 358 -54.74 26.73 25.39
C GLY A 358 -54.55 26.30 23.95
N GLY A 359 -55.62 25.76 23.35
CA GLY A 359 -55.62 25.29 21.97
C GLY A 359 -55.79 26.40 20.97
N ASP A 360 -55.98 26.01 19.69
CA ASP A 360 -56.13 26.95 18.57
C ASP A 360 -57.58 27.26 18.22
N LEU A 361 -58.50 26.31 18.51
CA LEU A 361 -59.92 26.43 18.23
C LEU A 361 -60.67 27.28 19.23
N ALA A 362 -61.60 28.07 18.70
CA ALA A 362 -62.48 28.94 19.47
C ALA A 362 -63.70 28.18 20.00
N LYS A 363 -64.22 28.60 21.17
CA LYS A 363 -65.40 28.00 21.78
C LYS A 363 -66.59 28.43 20.94
N VAL A 364 -67.41 27.47 20.50
CA VAL A 364 -68.59 27.81 19.71
C VAL A 364 -69.87 27.25 20.39
N GLN A 365 -71.00 27.94 20.17
CA GLN A 365 -72.30 27.56 20.73
C GLN A 365 -72.86 26.36 19.96
N ARG A 366 -72.61 26.32 18.63
CA ARG A 366 -73.09 25.28 17.74
C ARG A 366 -72.08 24.90 16.66
N ALA A 367 -72.04 23.61 16.36
CA ALA A 367 -71.18 23.03 15.33
C ALA A 367 -71.93 21.89 14.63
N VAL A 368 -71.38 21.45 13.51
CA VAL A 368 -71.97 20.39 12.69
C VAL A 368 -70.87 19.59 12.02
N CYS A 369 -71.08 18.29 11.95
CA CYS A 369 -70.23 17.35 11.24
C CYS A 369 -71.14 16.58 10.28
N MET A 370 -70.86 16.68 9.00
CA MET A 370 -71.62 15.94 8.02
C MET A 370 -70.82 14.73 7.58
N LEU A 371 -71.49 13.59 7.51
CA LEU A 371 -70.90 12.34 7.05
C LEU A 371 -71.66 11.96 5.82
N SER A 372 -71.01 12.08 4.67
CA SER A 372 -71.64 11.79 3.40
C SER A 372 -70.90 10.72 2.63
N ASN A 373 -71.65 9.73 2.12
CA ASN A 373 -71.06 8.70 1.28
C ASN A 373 -71.22 9.16 -0.18
N THR A 374 -70.18 9.77 -0.73
CA THR A 374 -70.10 10.28 -2.09
C THR A 374 -69.10 9.50 -2.94
N THR A 375 -69.40 9.32 -4.24
CA THR A 375 -68.53 8.64 -5.22
C THR A 375 -67.28 9.51 -5.53
N ALA A 376 -67.29 10.77 -5.07
CA ALA A 376 -66.19 11.71 -5.23
C ALA A 376 -64.99 11.31 -4.37
N ILE A 377 -65.18 10.49 -3.31
CA ILE A 377 -64.05 10.05 -2.46
C ILE A 377 -63.07 9.14 -3.24
N ALA A 378 -63.51 8.61 -4.36
CA ALA A 378 -62.72 7.76 -5.25
C ALA A 378 -61.60 8.55 -5.91
N GLU A 379 -61.67 9.89 -5.89
CA GLU A 379 -60.65 10.77 -6.41
C GLU A 379 -59.35 10.64 -5.59
N ALA A 380 -59.50 10.37 -4.27
CA ALA A 380 -58.42 10.14 -3.33
C ALA A 380 -57.72 8.81 -3.64
N TRP A 381 -58.47 7.77 -4.03
CA TRP A 381 -57.87 6.49 -4.41
C TRP A 381 -57.08 6.63 -5.69
N ALA A 382 -57.61 7.42 -6.65
CA ALA A 382 -57.00 7.68 -7.94
C ALA A 382 -55.63 8.31 -7.78
N ARG A 383 -55.50 9.31 -6.86
CA ARG A 383 -54.23 10.01 -6.62
C ARG A 383 -53.18 9.05 -6.08
N LEU A 384 -53.57 8.28 -5.07
CA LEU A 384 -52.73 7.30 -4.38
C LEU A 384 -52.30 6.19 -5.34
N ASP A 385 -53.22 5.68 -6.14
CA ASP A 385 -52.96 4.61 -7.10
C ASP A 385 -51.99 5.05 -8.16
N HIS A 386 -52.05 6.34 -8.56
CA HIS A 386 -51.14 6.88 -9.56
C HIS A 386 -49.72 6.92 -9.01
N LYS A 387 -49.54 7.39 -7.76
CA LYS A 387 -48.25 7.43 -7.11
C LYS A 387 -47.65 6.02 -7.00
N PHE A 388 -48.50 5.04 -6.63
CA PHE A 388 -48.17 3.63 -6.55
C PHE A 388 -47.65 3.16 -7.93
N ASP A 389 -48.42 3.43 -9.00
CA ASP A 389 -48.09 3.01 -10.36
C ASP A 389 -46.78 3.57 -10.88
N LEU A 390 -46.48 4.84 -10.54
CA LEU A 390 -45.25 5.50 -10.95
C LEU A 390 -44.01 4.73 -10.49
N MET A 391 -43.99 4.37 -9.22
CA MET A 391 -42.90 3.64 -8.62
C MET A 391 -42.93 2.15 -8.97
N TYR A 392 -44.10 1.48 -8.89
CA TYR A 392 -44.17 0.06 -9.20
C TYR A 392 -43.78 -0.32 -10.62
N ALA A 393 -43.95 0.58 -11.59
CA ALA A 393 -43.56 0.32 -12.98
C ALA A 393 -42.07 -0.02 -13.08
N LYS A 394 -41.29 0.61 -12.20
CA LYS A 394 -39.85 0.45 -12.12
C LYS A 394 -39.47 -0.51 -10.99
N ARG A 395 -40.46 -1.00 -10.23
CA ARG A 395 -40.26 -1.86 -9.06
C ARG A 395 -39.36 -1.14 -8.02
N ALA A 396 -39.36 0.21 -8.04
CA ALA A 396 -38.60 1.04 -7.12
C ALA A 396 -39.00 0.70 -5.68
N PHE A 397 -38.02 0.37 -4.82
CA PHE A 397 -38.15 0.09 -3.40
C PHE A 397 -38.76 -1.26 -3.06
N VAL A 398 -39.26 -2.00 -4.06
CA VAL A 398 -39.96 -3.28 -3.85
C VAL A 398 -39.08 -4.30 -3.14
N HIS A 399 -37.75 -4.25 -3.38
CA HIS A 399 -36.83 -5.17 -2.72
C HIS A 399 -36.92 -5.10 -1.18
N TRP A 400 -37.25 -3.93 -0.63
CA TRP A 400 -37.36 -3.74 0.82
C TRP A 400 -38.47 -4.59 1.40
N TYR A 401 -39.51 -4.81 0.61
CA TYR A 401 -40.71 -5.59 0.97
C TYR A 401 -40.46 -7.07 0.79
N VAL A 402 -39.91 -7.44 -0.36
CA VAL A 402 -39.55 -8.81 -0.71
C VAL A 402 -38.52 -9.35 0.29
N GLY A 403 -37.63 -8.48 0.75
CA GLY A 403 -36.60 -8.78 1.75
C GLY A 403 -37.19 -9.23 3.08
N GLU A 404 -38.45 -8.84 3.35
CA GLU A 404 -39.18 -9.18 4.56
C GLU A 404 -40.14 -10.38 4.37
N GLY A 405 -40.01 -11.08 3.25
CA GLY A 405 -40.83 -12.26 2.98
C GLY A 405 -42.07 -12.08 2.12
N MET A 406 -42.34 -10.84 1.69
CA MET A 406 -43.43 -10.54 0.81
C MET A 406 -43.07 -11.04 -0.61
N GLU A 407 -44.09 -11.18 -1.48
CA GLU A 407 -43.94 -11.63 -2.86
C GLU A 407 -44.34 -10.48 -3.75
N GLU A 408 -43.69 -10.40 -4.91
CA GLU A 408 -43.97 -9.39 -5.94
C GLU A 408 -45.46 -9.38 -6.29
N GLY A 409 -46.08 -10.57 -6.31
CA GLY A 409 -47.48 -10.80 -6.63
C GLY A 409 -48.48 -10.10 -5.75
N GLU A 410 -48.11 -9.87 -4.48
CA GLU A 410 -48.96 -9.21 -3.50
C GLU A 410 -49.22 -7.77 -3.89
N PHE A 411 -48.22 -7.14 -4.53
CA PHE A 411 -48.33 -5.77 -5.03
C PHE A 411 -49.35 -5.67 -6.16
N SER A 412 -49.33 -6.62 -7.13
CA SER A 412 -50.26 -6.67 -8.24
C SER A 412 -51.70 -7.00 -7.74
N GLU A 413 -51.81 -7.94 -6.78
CA GLU A 413 -53.07 -8.37 -6.19
C GLU A 413 -53.72 -7.17 -5.48
N ALA A 414 -52.95 -6.43 -4.69
CA ALA A 414 -53.43 -5.25 -3.99
C ALA A 414 -53.84 -4.15 -4.97
N ARG A 415 -53.04 -3.93 -6.03
CA ARG A 415 -53.32 -2.92 -7.04
C ARG A 415 -54.57 -3.24 -7.84
N GLU A 416 -54.77 -4.54 -8.19
CA GLU A 416 -55.96 -4.99 -8.92
C GLU A 416 -57.20 -4.73 -8.09
N ASP A 417 -57.11 -4.95 -6.76
CA ASP A 417 -58.22 -4.71 -5.83
C ASP A 417 -58.56 -3.23 -5.81
N MET A 418 -57.56 -2.35 -5.89
CA MET A 418 -57.78 -0.91 -5.94
C MET A 418 -58.41 -0.48 -7.26
N ALA A 419 -58.01 -1.12 -8.37
CA ALA A 419 -58.54 -0.87 -9.68
C ALA A 419 -60.01 -1.26 -9.70
N ALA A 420 -60.36 -2.41 -9.05
CA ALA A 420 -61.76 -2.90 -8.89
C ALA A 420 -62.56 -1.95 -8.03
N LEU A 421 -61.96 -1.39 -6.97
CA LEU A 421 -62.62 -0.44 -6.08
C LEU A 421 -62.93 0.86 -6.82
N GLU A 422 -61.98 1.37 -7.62
CA GLU A 422 -62.20 2.57 -8.42
C GLU A 422 -63.36 2.35 -9.42
N LYS A 423 -63.40 1.13 -9.99
CA LYS A 423 -64.42 0.69 -10.94
C LYS A 423 -65.76 0.55 -10.22
N ASP A 424 -65.76 0.09 -8.95
CA ASP A 424 -66.99 -0.04 -8.17
C ASP A 424 -67.64 1.32 -7.97
N TYR A 425 -66.85 2.35 -7.64
CA TYR A 425 -67.36 3.70 -7.48
C TYR A 425 -67.94 4.26 -8.79
N GLU A 426 -67.35 3.87 -9.97
CA GLU A 426 -67.84 4.28 -11.30
C GLU A 426 -69.23 3.69 -11.54
N GLU A 427 -69.39 2.38 -11.27
CA GLU A 427 -70.63 1.60 -11.43
C GLU A 427 -71.76 2.07 -10.53
N VAL A 428 -71.43 2.56 -9.32
CA VAL A 428 -72.41 3.01 -8.34
C VAL A 428 -73.18 4.26 -8.84
N GLY A 429 -72.60 5.00 -9.77
CA GLY A 429 -73.27 6.17 -10.30
C GLY A 429 -73.69 6.13 -11.75
N VAL A 430 -73.60 4.95 -12.43
CA VAL A 430 -73.90 4.77 -13.88
C VAL A 430 -75.31 5.19 -14.31
N ASP A 431 -76.32 4.81 -13.49
CA ASP A 431 -77.73 5.08 -13.74
C ASP A 431 -78.04 6.55 -13.55
N MET B 1 -34.47 0.71 17.77
CA MET B 1 -33.28 0.86 16.92
C MET B 1 -32.51 2.06 17.43
N ARG B 2 -31.66 1.86 18.46
CA ARG B 2 -30.95 3.00 19.02
C ARG B 2 -29.46 3.07 18.70
N GLU B 3 -28.66 2.14 19.21
CA GLU B 3 -27.20 2.26 19.13
C GLU B 3 -26.57 2.06 17.78
N ILE B 4 -25.51 2.84 17.51
CA ILE B 4 -24.68 2.72 16.31
C ILE B 4 -23.30 2.36 16.83
N VAL B 5 -22.64 1.39 16.17
CA VAL B 5 -21.28 1.02 16.48
C VAL B 5 -20.42 1.63 15.37
N HIS B 6 -19.51 2.52 15.77
CA HIS B 6 -18.63 3.23 14.86
C HIS B 6 -17.29 2.55 14.76
N ILE B 7 -16.83 2.35 13.53
CA ILE B 7 -15.54 1.74 13.29
C ILE B 7 -14.70 2.67 12.42
N GLN B 8 -13.43 2.87 12.79
CA GLN B 8 -12.50 3.66 11.99
C GLN B 8 -11.28 2.83 11.68
N ALA B 9 -10.99 2.66 10.38
CA ALA B 9 -9.89 1.81 9.93
C ALA B 9 -8.88 2.51 9.03
N GLY B 10 -7.60 2.26 9.31
CA GLY B 10 -6.48 2.84 8.56
C GLY B 10 -6.16 4.26 8.97
N GLN B 11 -5.24 4.86 8.25
CA GLN B 11 -4.74 6.22 8.46
C GLN B 11 -5.87 7.26 8.26
N CYS B 12 -6.43 7.36 7.02
CA CYS B 12 -7.53 8.26 6.66
C CYS B 12 -8.73 7.98 7.58
N GLY B 13 -9.13 6.71 7.70
CA GLY B 13 -10.24 6.30 8.55
C GLY B 13 -10.19 6.85 9.95
N ASN B 14 -9.04 6.78 10.58
CA ASN B 14 -8.85 7.30 11.92
C ASN B 14 -8.76 8.84 11.97
N GLN B 15 -8.23 9.48 10.93
CA GLN B 15 -8.12 10.94 10.87
C GLN B 15 -9.49 11.59 10.77
N ILE B 16 -10.29 11.18 9.76
CA ILE B 16 -11.65 11.70 9.59
C ILE B 16 -12.58 11.23 10.78
N GLY B 17 -12.38 10.01 11.29
CA GLY B 17 -13.12 9.44 12.43
C GLY B 17 -12.92 10.26 13.70
N ALA B 18 -11.66 10.60 14.03
CA ALA B 18 -11.32 11.44 15.19
C ALA B 18 -11.97 12.82 15.06
N LYS B 19 -11.89 13.46 13.86
CA LYS B 19 -12.48 14.77 13.59
C LYS B 19 -14.00 14.74 13.73
N PHE B 20 -14.65 13.62 13.33
CA PHE B 20 -16.09 13.41 13.53
C PHE B 20 -16.41 13.42 15.04
N TRP B 21 -15.67 12.65 15.85
CA TRP B 21 -15.87 12.59 17.28
C TRP B 21 -15.60 13.92 17.99
N GLU B 22 -14.61 14.71 17.52
CA GLU B 22 -14.31 16.03 18.10
C GLU B 22 -15.50 16.97 17.82
N VAL B 23 -16.01 16.97 16.57
CA VAL B 23 -17.09 17.85 16.16
C VAL B 23 -18.41 17.48 16.83
N ILE B 24 -18.81 16.19 16.84
CA ILE B 24 -20.10 15.83 17.41
C ILE B 24 -20.06 15.93 18.94
N SER B 25 -18.89 15.72 19.58
CA SER B 25 -18.79 15.90 21.03
C SER B 25 -19.02 17.35 21.40
N ASP B 26 -18.50 18.29 20.59
CA ASP B 26 -18.69 19.72 20.85
C ASP B 26 -20.18 20.08 20.76
N GLU B 27 -20.89 19.58 19.72
CA GLU B 27 -22.33 19.80 19.50
C GLU B 27 -23.17 19.27 20.64
N HIS B 28 -22.80 18.08 21.15
CA HIS B 28 -23.49 17.40 22.23
C HIS B 28 -23.05 17.83 23.64
N GLY B 29 -22.07 18.72 23.71
CA GLY B 29 -21.56 19.25 24.98
C GLY B 29 -20.65 18.33 25.77
N ILE B 30 -20.06 17.33 25.10
CA ILE B 30 -19.15 16.37 25.70
C ILE B 30 -17.70 16.90 25.56
N ASP B 31 -16.99 17.02 26.70
CA ASP B 31 -15.59 17.49 26.73
C ASP B 31 -14.62 16.27 26.58
N PRO B 32 -13.30 16.44 26.39
CA PRO B 32 -12.42 15.25 26.21
C PRO B 32 -12.36 14.24 27.36
N THR B 33 -12.87 14.59 28.56
CA THR B 33 -12.90 13.66 29.71
C THR B 33 -14.21 12.82 29.71
N GLY B 34 -15.13 13.15 28.78
CA GLY B 34 -16.41 12.49 28.64
C GLY B 34 -17.55 13.13 29.43
N SER B 35 -17.27 14.28 30.08
CA SER B 35 -18.26 15.00 30.89
C SER B 35 -19.12 15.92 30.06
N TYR B 36 -20.43 16.01 30.39
CA TYR B 36 -21.38 16.90 29.71
C TYR B 36 -21.36 18.27 30.40
N HIS B 37 -21.34 19.35 29.59
CA HIS B 37 -21.33 20.73 30.10
C HIS B 37 -22.14 21.71 29.23
N GLY B 38 -23.11 21.18 28.48
CA GLY B 38 -23.96 21.98 27.60
C GLY B 38 -25.11 22.66 28.32
N ASP B 39 -25.89 23.46 27.58
CA ASP B 39 -27.02 24.17 28.17
C ASP B 39 -28.34 23.90 27.42
N SER B 40 -28.43 22.74 26.73
CA SER B 40 -29.66 22.31 26.05
C SER B 40 -29.92 20.83 26.26
N ASP B 41 -31.17 20.50 26.60
CA ASP B 41 -31.56 19.12 26.85
C ASP B 41 -31.72 18.33 25.53
N LEU B 42 -31.72 19.01 24.37
CA LEU B 42 -31.77 18.40 23.04
C LEU B 42 -30.43 17.67 22.76
N GLN B 43 -29.32 18.17 23.37
CA GLN B 43 -27.95 17.68 23.24
C GLN B 43 -27.77 16.29 23.82
N LEU B 44 -28.61 15.91 24.81
CA LEU B 44 -28.57 14.61 25.48
C LEU B 44 -29.74 13.65 25.18
N GLU B 45 -30.78 14.10 24.47
CA GLU B 45 -31.95 13.25 24.19
C GLU B 45 -31.59 11.95 23.46
N ARG B 46 -30.74 12.06 22.44
CA ARG B 46 -30.32 10.92 21.64
C ARG B 46 -28.82 10.63 21.76
N ILE B 47 -28.16 11.05 22.88
CA ILE B 47 -26.72 10.79 23.06
C ILE B 47 -26.38 9.32 22.98
N ASN B 48 -27.33 8.47 23.36
CA ASN B 48 -27.23 7.02 23.43
C ASN B 48 -26.91 6.40 22.09
N VAL B 49 -27.19 7.09 20.94
CA VAL B 49 -26.97 6.55 19.59
C VAL B 49 -25.47 6.37 19.31
N TYR B 50 -24.65 7.33 19.74
CA TYR B 50 -23.22 7.28 19.50
C TYR B 50 -22.38 7.09 20.74
N TYR B 51 -22.96 7.33 21.93
CA TYR B 51 -22.20 7.22 23.18
C TYR B 51 -22.78 6.22 24.14
N ASN B 52 -21.88 5.53 24.85
CA ASN B 52 -22.22 4.60 25.91
C ASN B 52 -22.18 5.42 27.20
N GLU B 53 -23.12 5.17 28.11
CA GLU B 53 -23.11 5.92 29.36
C GLU B 53 -22.25 5.20 30.38
N ALA B 54 -21.16 5.87 30.80
CA ALA B 54 -20.19 5.36 31.75
C ALA B 54 -20.48 5.87 33.16
N THR B 55 -19.86 5.23 34.17
CA THR B 55 -20.05 5.58 35.58
C THR B 55 -19.47 6.97 35.85
N GLY B 56 -20.22 7.76 36.63
CA GLY B 56 -19.86 9.14 36.99
C GLY B 56 -20.39 10.14 35.99
N ASN B 57 -21.61 9.86 35.44
CA ASN B 57 -22.35 10.62 34.42
C ASN B 57 -21.47 11.04 33.22
N LYS B 58 -20.59 10.12 32.80
CA LYS B 58 -19.73 10.36 31.66
C LYS B 58 -20.20 9.58 30.41
N TYR B 59 -19.74 10.03 29.24
CA TYR B 59 -20.12 9.48 27.96
C TYR B 59 -18.89 9.05 27.20
N VAL B 60 -18.94 7.82 26.66
CA VAL B 60 -17.82 7.24 25.93
C VAL B 60 -18.26 6.86 24.53
N PRO B 61 -17.60 7.42 23.49
CA PRO B 61 -17.93 7.01 22.11
C PRO B 61 -17.96 5.49 21.94
N ARG B 62 -18.98 4.98 21.25
CA ARG B 62 -19.10 3.58 20.91
C ARG B 62 -18.31 3.46 19.59
N ALA B 63 -16.97 3.59 19.73
CA ALA B 63 -16.01 3.62 18.65
C ALA B 63 -14.92 2.57 18.77
N ILE B 64 -14.59 1.94 17.65
CA ILE B 64 -13.55 0.93 17.54
C ILE B 64 -12.51 1.50 16.58
N LEU B 65 -11.26 1.57 17.04
CA LEU B 65 -10.16 2.18 16.29
C LEU B 65 -9.24 1.08 15.79
N VAL B 66 -9.12 0.93 14.49
CA VAL B 66 -8.36 -0.16 13.87
C VAL B 66 -7.28 0.36 12.93
N ASP B 67 -6.14 -0.32 12.91
CA ASP B 67 -5.00 -0.08 12.02
C ASP B 67 -3.96 -1.19 12.12
N LEU B 68 -3.32 -1.48 10.98
CA LEU B 68 -2.25 -2.46 10.91
C LEU B 68 -0.92 -1.82 11.30
N GLU B 69 -0.83 -0.49 11.23
CA GLU B 69 0.31 0.34 11.59
C GLU B 69 0.05 0.91 13.01
N PRO B 70 0.96 0.76 13.98
CA PRO B 70 0.67 1.29 15.33
C PRO B 70 0.67 2.83 15.47
N GLY B 71 1.43 3.48 14.61
CA GLY B 71 1.67 4.92 14.63
C GLY B 71 0.48 5.85 14.67
N THR B 72 -0.53 5.56 13.84
CA THR B 72 -1.73 6.38 13.70
C THR B 72 -2.56 6.46 14.99
N MET B 73 -2.73 5.34 15.69
CA MET B 73 -3.50 5.34 16.92
C MET B 73 -2.77 6.03 18.11
N ASP B 74 -1.44 6.23 18.00
CA ASP B 74 -0.67 7.02 18.96
C ASP B 74 -1.03 8.51 18.73
N SER B 75 -1.09 8.93 17.44
CA SER B 75 -1.50 10.27 16.98
C SER B 75 -2.94 10.57 17.45
N VAL B 76 -3.87 9.58 17.38
CA VAL B 76 -5.26 9.70 17.86
C VAL B 76 -5.25 9.97 19.37
N ARG B 77 -4.61 9.05 20.16
CA ARG B 77 -4.46 9.11 21.63
C ARG B 77 -3.95 10.46 22.13
N SER B 78 -3.06 11.12 21.33
CA SER B 78 -2.46 12.41 21.65
C SER B 78 -3.29 13.61 21.18
N GLY B 79 -4.28 13.33 20.35
CA GLY B 79 -5.18 14.33 19.80
C GLY B 79 -6.03 15.05 20.82
N PRO B 80 -6.84 16.06 20.37
CA PRO B 80 -7.71 16.81 21.32
C PRO B 80 -8.61 15.94 22.20
N PHE B 81 -9.34 15.02 21.53
CA PHE B 81 -10.28 14.11 22.16
C PHE B 81 -9.73 12.67 22.35
N GLY B 82 -8.41 12.51 22.26
CA GLY B 82 -7.74 11.22 22.37
C GLY B 82 -8.07 10.39 23.58
N GLN B 83 -8.20 11.06 24.74
CA GLN B 83 -8.50 10.44 26.03
C GLN B 83 -9.96 9.98 26.18
N ILE B 84 -10.88 10.46 25.29
CA ILE B 84 -12.31 10.12 25.33
C ILE B 84 -12.60 8.67 24.91
N PHE B 85 -11.74 8.06 24.09
CA PHE B 85 -11.96 6.70 23.60
C PHE B 85 -11.64 5.60 24.62
N ARG B 86 -12.39 4.47 24.55
CA ARG B 86 -12.21 3.30 25.41
C ARG B 86 -10.84 2.68 25.04
N PRO B 87 -9.87 2.57 25.99
CA PRO B 87 -8.54 2.06 25.62
C PRO B 87 -8.50 0.66 25.00
N ASP B 88 -9.47 -0.21 25.41
CA ASP B 88 -9.60 -1.60 24.95
C ASP B 88 -10.14 -1.67 23.53
N ASN B 89 -10.70 -0.55 23.02
CA ASN B 89 -11.28 -0.43 21.67
C ASN B 89 -10.25 -0.07 20.60
N PHE B 90 -8.98 0.07 20.99
CA PHE B 90 -7.88 0.35 20.08
C PHE B 90 -7.30 -1.01 19.66
N VAL B 91 -7.53 -1.43 18.42
CA VAL B 91 -7.03 -2.70 17.88
C VAL B 91 -5.96 -2.41 16.82
N PHE B 92 -4.68 -2.44 17.19
CA PHE B 92 -3.60 -2.16 16.25
C PHE B 92 -2.59 -3.30 16.09
N GLY B 93 -2.14 -3.48 14.86
CA GLY B 93 -1.12 -4.44 14.48
C GLY B 93 0.23 -3.76 14.54
N GLN B 94 1.30 -4.44 14.11
CA GLN B 94 2.63 -3.82 14.17
C GLN B 94 3.28 -3.65 12.79
N SER B 95 2.91 -4.48 11.80
CA SER B 95 3.40 -4.38 10.42
C SER B 95 2.24 -3.82 9.64
N GLY B 96 2.44 -2.70 8.99
CA GLY B 96 1.40 -2.03 8.21
C GLY B 96 0.89 -2.82 7.00
N ALA B 97 0.12 -2.16 6.11
CA ALA B 97 -0.47 -2.82 4.92
C ALA B 97 0.25 -2.51 3.62
N GLY B 98 1.28 -1.67 3.70
CA GLY B 98 2.10 -1.22 2.58
C GLY B 98 1.29 -0.74 1.40
N ASN B 99 0.20 0.03 1.68
CA ASN B 99 -0.79 0.60 0.72
C ASN B 99 -1.26 -0.44 -0.33
N ASN B 100 -1.36 -1.69 0.10
CA ASN B 100 -1.71 -2.83 -0.73
C ASN B 100 -3.04 -3.45 -0.21
N TRP B 101 -4.10 -3.37 -1.04
CA TRP B 101 -5.42 -3.92 -0.73
C TRP B 101 -5.31 -5.41 -0.35
N ALA B 102 -4.48 -6.20 -1.10
CA ALA B 102 -4.29 -7.63 -0.87
C ALA B 102 -3.75 -7.92 0.52
N LYS B 103 -2.83 -7.09 1.03
CA LYS B 103 -2.24 -7.20 2.37
C LYS B 103 -3.27 -6.95 3.43
N GLY B 104 -4.10 -5.92 3.23
CA GLY B 104 -5.18 -5.58 4.17
C GLY B 104 -6.31 -6.59 4.16
N HIS B 105 -6.70 -7.08 2.97
CA HIS B 105 -7.79 -8.02 2.79
C HIS B 105 -7.46 -9.48 3.04
N TYR B 106 -6.26 -9.96 2.67
CA TYR B 106 -5.92 -11.37 2.76
C TYR B 106 -4.78 -11.76 3.68
N THR B 107 -3.81 -10.87 3.91
CA THR B 107 -2.63 -11.25 4.69
C THR B 107 -2.62 -10.61 6.10
N GLU B 108 -1.92 -9.48 6.28
CA GLU B 108 -1.83 -8.78 7.57
C GLU B 108 -3.19 -8.50 8.21
N GLY B 109 -4.14 -8.06 7.39
CA GLY B 109 -5.49 -7.73 7.83
C GLY B 109 -6.28 -8.93 8.29
N ALA B 110 -6.15 -10.06 7.59
CA ALA B 110 -6.82 -11.30 7.94
C ALA B 110 -6.38 -11.83 9.31
N GLU B 111 -5.14 -11.53 9.70
CA GLU B 111 -4.55 -11.94 10.98
C GLU B 111 -5.04 -11.10 12.16
N LEU B 112 -5.40 -9.82 11.91
CA LEU B 112 -5.89 -8.89 12.93
C LEU B 112 -7.42 -8.85 13.03
N VAL B 113 -8.13 -9.26 11.96
CA VAL B 113 -9.58 -9.14 11.84
C VAL B 113 -10.35 -9.80 12.98
N ASP B 114 -9.90 -10.97 13.49
CA ASP B 114 -10.60 -11.64 14.60
C ASP B 114 -10.54 -10.83 15.88
N SER B 115 -9.42 -10.16 16.15
CA SER B 115 -9.21 -9.28 17.31
C SER B 115 -10.21 -8.10 17.25
N VAL B 116 -10.47 -7.55 16.05
CA VAL B 116 -11.42 -6.45 15.83
C VAL B 116 -12.85 -6.95 16.11
N LEU B 117 -13.23 -8.09 15.52
CA LEU B 117 -14.56 -8.68 15.67
C LEU B 117 -14.88 -8.99 17.14
N ASP B 118 -13.86 -9.34 17.95
CA ASP B 118 -14.03 -9.58 19.38
C ASP B 118 -14.48 -8.27 20.06
N VAL B 119 -13.86 -7.13 19.66
CA VAL B 119 -14.21 -5.79 20.19
C VAL B 119 -15.61 -5.36 19.67
N VAL B 120 -15.94 -5.61 18.37
CA VAL B 120 -17.25 -5.25 17.82
C VAL B 120 -18.32 -6.06 18.55
N ARG B 121 -18.07 -7.37 18.78
CA ARG B 121 -18.98 -8.26 19.48
C ARG B 121 -19.29 -7.74 20.87
N LYS B 122 -18.24 -7.34 21.64
CA LYS B 122 -18.39 -6.80 23.00
C LYS B 122 -19.25 -5.51 23.02
N GLU B 123 -19.06 -4.62 22.03
CA GLU B 123 -19.84 -3.38 21.91
C GLU B 123 -21.28 -3.67 21.55
N SER B 124 -21.48 -4.49 20.49
CA SER B 124 -22.78 -4.90 19.94
C SER B 124 -23.65 -5.69 20.95
N GLU B 125 -23.04 -6.63 21.70
CA GLU B 125 -23.76 -7.45 22.71
C GLU B 125 -24.35 -6.59 23.84
N SER B 126 -23.68 -5.47 24.16
CA SER B 126 -24.07 -4.52 25.20
C SER B 126 -25.20 -3.58 24.76
N CYS B 127 -25.50 -3.53 23.45
CA CYS B 127 -26.56 -2.68 22.88
C CYS B 127 -27.92 -3.18 23.19
N ASP B 128 -28.81 -2.24 23.56
CA ASP B 128 -30.20 -2.51 23.83
C ASP B 128 -30.90 -2.86 22.51
N CYS B 129 -30.72 -2.01 21.47
CA CYS B 129 -31.28 -2.22 20.14
C CYS B 129 -30.30 -1.70 19.11
N LEU B 130 -29.44 -2.59 18.60
CA LEU B 130 -28.41 -2.23 17.62
C LEU B 130 -28.99 -1.82 16.25
N GLN B 131 -28.69 -0.58 15.83
CA GLN B 131 -29.10 -0.03 14.55
C GLN B 131 -28.23 -0.63 13.45
N GLY B 132 -26.93 -0.64 13.71
CA GLY B 132 -25.94 -1.14 12.79
C GLY B 132 -24.58 -0.50 12.97
N PHE B 133 -23.79 -0.51 11.89
CA PHE B 133 -22.39 -0.09 11.86
C PHE B 133 -22.13 1.05 10.93
N GLN B 134 -21.29 1.96 11.39
CA GLN B 134 -20.82 3.14 10.63
C GLN B 134 -19.30 3.03 10.50
N LEU B 135 -18.78 2.82 9.29
CA LEU B 135 -17.33 2.68 9.07
C LEU B 135 -16.72 3.86 8.35
N THR B 136 -15.61 4.41 8.87
CA THR B 136 -14.81 5.45 8.20
C THR B 136 -13.50 4.81 7.70
N HIS B 137 -13.21 5.04 6.42
CA HIS B 137 -12.00 4.50 5.76
C HIS B 137 -11.77 5.18 4.42
N SER B 138 -10.57 5.05 3.87
CA SER B 138 -10.27 5.50 2.52
C SER B 138 -10.29 4.22 1.65
N LEU B 139 -10.48 4.39 0.36
CA LEU B 139 -10.43 3.29 -0.61
C LEU B 139 -9.08 3.25 -1.36
N GLY B 140 -8.28 4.32 -1.29
CA GLY B 140 -6.96 4.34 -1.94
C GLY B 140 -5.79 3.59 -1.29
N GLY B 141 -5.79 3.33 0.02
CA GLY B 141 -4.71 2.62 0.69
C GLY B 141 -4.90 1.11 0.87
N GLY B 142 -4.20 0.51 1.85
CA GLY B 142 -4.26 -0.92 2.16
C GLY B 142 -5.16 -1.37 3.30
N THR B 143 -5.07 -0.72 4.48
CA THR B 143 -5.82 -1.06 5.71
C THR B 143 -7.29 -0.67 5.59
N GLY B 144 -7.58 0.62 5.47
CA GLY B 144 -8.95 1.14 5.34
C GLY B 144 -9.68 0.42 4.24
N SER B 145 -9.04 0.32 3.06
CA SER B 145 -9.49 -0.32 1.84
C SER B 145 -9.68 -1.85 1.95
N GLY B 146 -8.59 -2.60 2.07
CA GLY B 146 -8.56 -4.05 2.12
C GLY B 146 -9.12 -4.62 3.40
N MET B 147 -8.55 -4.21 4.55
CA MET B 147 -9.01 -4.68 5.85
C MET B 147 -10.40 -4.18 6.20
N GLY B 148 -10.71 -2.94 5.83
CA GLY B 148 -12.02 -2.34 6.07
C GLY B 148 -13.13 -3.13 5.39
N THR B 149 -12.92 -3.54 4.14
CA THR B 149 -13.87 -4.33 3.36
C THR B 149 -13.93 -5.77 3.87
N LEU B 150 -12.80 -6.32 4.35
CA LEU B 150 -12.81 -7.66 4.98
C LEU B 150 -13.65 -7.60 6.27
N LEU B 151 -13.53 -6.50 7.05
CA LEU B 151 -14.33 -6.30 8.25
C LEU B 151 -15.80 -6.25 7.90
N ILE B 152 -16.16 -5.46 6.85
CA ILE B 152 -17.53 -5.35 6.38
C ILE B 152 -18.12 -6.73 6.12
N SER B 153 -17.49 -7.54 5.26
CA SER B 153 -18.00 -8.87 4.93
C SER B 153 -18.10 -9.81 6.13
N LYS B 154 -17.15 -9.72 7.09
CA LYS B 154 -17.20 -10.54 8.31
C LYS B 154 -18.33 -10.09 9.24
N ILE B 155 -18.57 -8.77 9.34
CA ILE B 155 -19.67 -8.19 10.14
C ILE B 155 -21.04 -8.54 9.48
N ARG B 156 -21.06 -8.58 8.14
CA ARG B 156 -22.24 -8.93 7.32
C ARG B 156 -22.65 -10.37 7.62
N GLU B 157 -21.69 -11.28 7.78
CA GLU B 157 -21.91 -12.69 8.08
C GLU B 157 -22.46 -12.85 9.52
N GLU B 158 -21.87 -12.12 10.50
CA GLU B 158 -22.28 -12.20 11.91
C GLU B 158 -23.58 -11.44 12.26
N TYR B 159 -23.84 -10.30 11.59
CA TYR B 159 -24.97 -9.42 11.82
C TYR B 159 -25.70 -9.17 10.50
N PRO B 160 -26.31 -10.17 9.83
CA PRO B 160 -26.94 -9.91 8.54
C PRO B 160 -28.17 -8.98 8.56
N ASP B 161 -28.84 -8.87 9.72
CA ASP B 161 -30.05 -8.08 10.00
C ASP B 161 -29.75 -6.64 10.48
N ARG B 162 -28.49 -6.19 10.37
CA ARG B 162 -28.09 -4.84 10.80
C ARG B 162 -27.62 -4.03 9.61
N ILE B 163 -27.76 -2.71 9.70
CA ILE B 163 -27.36 -1.83 8.61
C ILE B 163 -25.85 -1.60 8.58
N MET B 164 -25.27 -1.65 7.37
CA MET B 164 -23.86 -1.38 7.12
C MET B 164 -23.76 -0.07 6.35
N ASN B 165 -23.30 0.97 7.04
CA ASN B 165 -23.12 2.31 6.49
C ASN B 165 -21.64 2.65 6.50
N THR B 166 -21.13 3.20 5.38
CA THR B 166 -19.74 3.61 5.27
C THR B 166 -19.58 5.07 4.80
N PHE B 167 -18.50 5.71 5.23
CA PHE B 167 -18.01 6.99 4.76
C PHE B 167 -16.72 6.55 4.13
N SER B 168 -16.74 6.40 2.80
CA SER B 168 -15.61 5.90 2.03
C SER B 168 -14.94 7.03 1.29
N VAL B 169 -13.63 7.28 1.55
CA VAL B 169 -12.96 8.38 0.87
C VAL B 169 -12.19 7.87 -0.37
N MET B 170 -12.56 8.47 -1.50
CA MET B 170 -12.16 8.18 -2.86
C MET B 170 -10.88 8.80 -3.15
N PRO B 171 -9.99 8.07 -3.85
CA PRO B 171 -8.69 8.66 -4.15
C PRO B 171 -8.70 9.59 -5.36
N SER B 172 -7.73 10.51 -5.38
CA SER B 172 -7.48 11.44 -6.49
C SER B 172 -6.00 11.67 -6.65
N PRO B 173 -5.50 11.71 -7.91
CA PRO B 173 -4.07 12.03 -8.13
C PRO B 173 -3.64 13.39 -7.59
N LYS B 174 -4.60 14.33 -7.45
CA LYS B 174 -4.44 15.67 -6.89
C LYS B 174 -3.99 15.61 -5.43
N VAL B 175 -4.36 14.54 -4.70
CA VAL B 175 -3.93 14.29 -3.31
C VAL B 175 -3.63 12.82 -3.15
N SER B 176 -2.55 12.36 -3.76
CA SER B 176 -2.20 10.94 -3.80
C SER B 176 -1.02 10.53 -2.88
N ASP B 177 -1.23 9.47 -2.11
CA ASP B 177 -0.24 8.86 -1.22
C ASP B 177 0.53 7.74 -1.92
N THR B 178 -0.09 7.03 -2.88
CA THR B 178 0.46 5.84 -3.53
C THR B 178 0.05 5.74 -5.01
N VAL B 179 0.83 5.06 -5.79
CA VAL B 179 0.65 4.88 -7.24
C VAL B 179 -0.48 3.86 -7.56
N VAL B 180 -0.70 2.91 -6.62
CA VAL B 180 -1.60 1.76 -6.73
C VAL B 180 -3.05 2.05 -6.29
N GLU B 181 -3.35 3.33 -5.96
CA GLU B 181 -4.69 3.80 -5.58
C GLU B 181 -5.81 3.33 -6.49
N PRO B 182 -5.70 3.37 -7.86
CA PRO B 182 -6.85 2.90 -8.68
C PRO B 182 -7.24 1.43 -8.49
N TYR B 183 -6.23 0.55 -8.25
CA TYR B 183 -6.45 -0.88 -7.97
C TYR B 183 -7.14 -1.05 -6.63
N ASN B 184 -6.60 -0.41 -5.60
CA ASN B 184 -7.14 -0.44 -4.24
C ASN B 184 -8.58 0.02 -4.23
N ALA B 185 -8.90 1.15 -4.90
CA ALA B 185 -10.27 1.67 -4.93
C ALA B 185 -11.24 0.75 -5.68
N THR B 186 -10.84 0.20 -6.85
CA THR B 186 -11.68 -0.69 -7.66
C THR B 186 -12.04 -1.95 -6.91
N LEU B 187 -11.04 -2.58 -6.27
CA LEU B 187 -11.22 -3.81 -5.50
C LEU B 187 -12.17 -3.56 -4.32
N SER B 188 -12.09 -2.35 -3.73
CA SER B 188 -12.99 -1.95 -2.63
C SER B 188 -14.39 -1.68 -3.09
N VAL B 189 -14.57 -0.86 -4.17
CA VAL B 189 -15.90 -0.51 -4.70
C VAL B 189 -16.72 -1.78 -4.92
N HIS B 190 -16.11 -2.81 -5.54
CA HIS B 190 -16.65 -4.15 -5.78
C HIS B 190 -17.23 -4.73 -4.50
N GLN B 191 -16.48 -4.64 -3.39
CA GLN B 191 -16.88 -5.09 -2.06
C GLN B 191 -18.04 -4.24 -1.51
N LEU B 192 -17.99 -2.90 -1.67
CA LEU B 192 -19.04 -1.98 -1.18
C LEU B 192 -20.38 -2.18 -1.88
N VAL B 193 -20.34 -2.42 -3.20
CA VAL B 193 -21.55 -2.66 -4.03
C VAL B 193 -22.32 -3.85 -3.46
N GLU B 194 -21.57 -4.90 -3.08
CA GLU B 194 -22.15 -6.13 -2.61
C GLU B 194 -22.53 -6.15 -1.14
N ASN B 195 -21.68 -5.57 -0.28
CA ASN B 195 -21.83 -5.72 1.17
C ASN B 195 -22.25 -4.47 2.00
N THR B 196 -22.57 -3.31 1.40
CA THR B 196 -23.03 -2.20 2.25
C THR B 196 -24.48 -1.82 1.90
N ASP B 197 -25.18 -1.23 2.86
CA ASP B 197 -26.56 -0.83 2.61
C ASP B 197 -26.60 0.56 2.09
N GLU B 198 -25.67 1.40 2.56
CA GLU B 198 -25.55 2.78 2.15
C GLU B 198 -24.12 3.32 2.34
N THR B 199 -23.60 4.00 1.31
CA THR B 199 -22.25 4.54 1.35
C THR B 199 -22.25 6.01 1.02
N TYR B 200 -21.51 6.82 1.80
CA TYR B 200 -21.31 8.23 1.52
C TYR B 200 -20.00 8.35 0.77
N CYS B 201 -20.06 8.83 -0.45
CA CYS B 201 -18.89 8.99 -1.30
C CYS B 201 -18.16 10.29 -1.00
N ILE B 202 -17.11 10.23 -0.17
CA ILE B 202 -16.30 11.41 0.13
C ILE B 202 -15.12 11.39 -0.85
N ASP B 203 -15.19 12.23 -1.89
CA ASP B 203 -14.21 12.27 -2.94
C ASP B 203 -13.14 13.33 -2.70
N ASN B 204 -11.89 12.88 -2.60
CA ASN B 204 -10.75 13.75 -2.40
C ASN B 204 -10.56 14.71 -3.58
N GLU B 205 -11.00 14.32 -4.81
CA GLU B 205 -10.90 15.19 -5.98
C GLU B 205 -11.80 16.41 -5.75
N ALA B 206 -13.05 16.16 -5.23
CA ALA B 206 -14.03 17.19 -4.91
C ALA B 206 -13.55 18.10 -3.78
N LEU B 207 -13.00 17.50 -2.71
CA LEU B 207 -12.47 18.24 -1.57
C LEU B 207 -11.28 19.15 -1.96
N TYR B 208 -10.38 18.63 -2.84
CA TYR B 208 -9.24 19.37 -3.34
C TYR B 208 -9.74 20.57 -4.11
N ASP B 209 -10.68 20.36 -5.04
CA ASP B 209 -11.19 21.44 -5.86
C ASP B 209 -11.95 22.50 -5.06
N ILE B 210 -12.65 22.11 -3.97
CA ILE B 210 -13.38 23.08 -3.11
C ILE B 210 -12.35 24.01 -2.46
N CYS B 211 -11.27 23.43 -1.93
CA CYS B 211 -10.22 24.17 -1.27
C CYS B 211 -9.48 25.10 -2.21
N PHE B 212 -9.14 24.58 -3.38
CA PHE B 212 -8.34 25.28 -4.37
C PHE B 212 -9.14 26.34 -5.14
N ARG B 213 -10.21 25.93 -5.82
CA ARG B 213 -11.05 26.83 -6.58
C ARG B 213 -11.91 27.73 -5.71
N THR B 214 -12.69 27.16 -4.77
CA THR B 214 -13.58 28.01 -3.99
C THR B 214 -12.87 28.76 -2.86
N LEU B 215 -12.17 28.03 -1.98
CA LEU B 215 -11.54 28.61 -0.81
C LEU B 215 -10.25 29.32 -1.12
N LYS B 216 -9.79 29.22 -2.38
CA LYS B 216 -8.62 29.87 -2.96
C LYS B 216 -7.32 29.53 -2.20
N LEU B 217 -7.26 28.30 -1.64
CA LEU B 217 -6.07 27.78 -0.95
C LEU B 217 -5.13 27.22 -2.03
N THR B 218 -4.01 27.91 -2.30
CA THR B 218 -3.02 27.50 -3.30
C THR B 218 -2.54 26.05 -3.12
N THR B 219 -2.22 25.68 -1.87
CA THR B 219 -1.71 24.36 -1.53
C THR B 219 -2.50 23.75 -0.36
N PRO B 220 -3.68 23.13 -0.59
CA PRO B 220 -4.42 22.56 0.54
C PRO B 220 -3.81 21.29 1.13
N THR B 221 -3.90 21.15 2.46
CA THR B 221 -3.41 20.00 3.22
C THR B 221 -4.57 19.08 3.56
N TYR B 222 -4.25 17.91 4.17
CA TYR B 222 -5.28 16.97 4.60
C TYR B 222 -6.20 17.63 5.62
N GLY B 223 -5.65 18.54 6.43
CA GLY B 223 -6.40 19.32 7.42
C GLY B 223 -7.49 20.13 6.78
N ASP B 224 -7.16 20.86 5.68
CA ASP B 224 -8.12 21.67 4.89
C ASP B 224 -9.23 20.78 4.35
N LEU B 225 -8.87 19.60 3.77
CA LEU B 225 -9.86 18.63 3.24
C LEU B 225 -10.76 18.08 4.32
N ASN B 226 -10.15 17.69 5.47
CA ASN B 226 -10.86 17.09 6.60
C ASN B 226 -11.84 18.04 7.30
N HIS B 227 -11.67 19.35 7.11
CA HIS B 227 -12.58 20.35 7.66
C HIS B 227 -13.93 20.22 6.95
N LEU B 228 -13.90 19.96 5.62
CA LEU B 228 -15.08 19.76 4.81
C LEU B 228 -15.74 18.41 5.14
N VAL B 229 -14.93 17.37 5.41
CA VAL B 229 -15.41 16.02 5.75
C VAL B 229 -16.15 16.07 7.09
N SER B 230 -15.55 16.70 8.11
CA SER B 230 -16.19 16.73 9.43
C SER B 230 -17.51 17.53 9.39
N ALA B 231 -17.56 18.62 8.62
CA ALA B 231 -18.77 19.42 8.45
C ALA B 231 -19.87 18.56 7.80
N THR B 232 -19.51 17.75 6.80
CA THR B 232 -20.41 16.87 6.07
C THR B 232 -20.91 15.75 6.97
N MET B 233 -19.98 15.05 7.63
CA MET B 233 -20.29 13.94 8.55
C MET B 233 -21.22 14.38 9.68
N SER B 234 -21.02 15.59 10.21
CA SER B 234 -21.88 16.14 11.23
C SER B 234 -23.28 16.38 10.65
N GLY B 235 -23.35 16.99 9.47
CA GLY B 235 -24.60 17.31 8.78
C GLY B 235 -25.42 16.11 8.43
N VAL B 236 -24.81 15.12 7.78
CA VAL B 236 -25.38 13.85 7.34
C VAL B 236 -25.95 12.96 8.53
N THR B 237 -25.34 13.10 9.74
CA THR B 237 -25.76 12.35 10.91
C THR B 237 -26.70 13.11 11.85
N THR B 238 -26.98 14.41 11.55
CA THR B 238 -27.84 15.26 12.38
C THR B 238 -29.13 14.59 12.84
N CYS B 239 -29.84 13.95 11.90
CA CYS B 239 -31.13 13.33 12.17
C CYS B 239 -31.06 12.02 12.90
N LEU B 240 -29.87 11.43 13.03
CA LEU B 240 -29.69 10.21 13.82
C LEU B 240 -29.45 10.58 15.30
N ARG B 241 -28.84 11.77 15.52
CA ARG B 241 -28.32 12.34 16.76
C ARG B 241 -29.23 13.29 17.53
N PHE B 242 -30.10 13.99 16.82
CA PHE B 242 -30.94 14.99 17.42
C PHE B 242 -32.42 14.69 17.30
N PRO B 243 -33.22 15.05 18.34
CA PRO B 243 -34.67 14.83 18.25
C PRO B 243 -35.31 15.68 17.16
N GLY B 244 -36.50 15.28 16.74
CA GLY B 244 -37.22 16.06 15.76
C GLY B 244 -37.89 15.28 14.65
N GLN B 245 -39.16 15.66 14.40
CA GLN B 245 -40.18 15.27 13.40
C GLN B 245 -40.14 13.78 12.96
N LEU B 246 -39.05 13.34 12.32
CA LEU B 246 -38.89 12.00 11.73
C LEU B 246 -38.26 10.90 12.61
N ASN B 247 -37.68 11.24 13.79
CA ASN B 247 -36.86 10.35 14.63
C ASN B 247 -35.69 10.14 13.64
N ALA B 248 -35.57 8.92 13.03
CA ALA B 248 -34.58 8.56 11.98
C ALA B 248 -33.51 7.65 12.48
N ASP B 249 -33.31 6.60 11.72
CA ASP B 249 -32.31 5.59 11.98
C ASP B 249 -31.69 5.20 10.65
N LEU B 250 -30.63 4.39 10.67
CA LEU B 250 -29.94 3.94 9.46
C LEU B 250 -30.82 3.12 8.49
N ARG B 251 -31.78 2.30 9.00
CA ARG B 251 -32.66 1.52 8.13
C ARG B 251 -33.67 2.38 7.43
N LYS B 252 -34.30 3.33 8.16
CA LYS B 252 -35.25 4.28 7.60
C LYS B 252 -34.54 5.12 6.50
N LEU B 253 -33.28 5.56 6.75
CA LEU B 253 -32.51 6.28 5.74
C LEU B 253 -32.35 5.39 4.50
N ALA B 254 -31.91 4.13 4.67
CA ALA B 254 -31.71 3.17 3.57
C ALA B 254 -32.97 2.93 2.76
N VAL B 255 -34.09 2.62 3.46
CA VAL B 255 -35.39 2.34 2.84
C VAL B 255 -35.84 3.48 1.90
N ASN B 256 -35.78 4.72 2.38
CA ASN B 256 -36.24 5.92 1.65
C ASN B 256 -35.29 6.51 0.67
N MET B 257 -34.01 6.13 0.74
CA MET B 257 -32.97 6.69 -0.14
C MET B 257 -32.54 5.73 -1.25
N VAL B 258 -32.68 4.41 -1.02
CA VAL B 258 -32.21 3.38 -1.94
C VAL B 258 -33.36 2.62 -2.69
N PRO B 259 -33.69 3.03 -3.96
CA PRO B 259 -34.76 2.31 -4.70
C PRO B 259 -34.32 0.94 -5.24
N PHE B 260 -33.01 0.76 -5.54
CA PHE B 260 -32.40 -0.47 -6.05
C PHE B 260 -31.19 -0.83 -5.21
N PRO B 261 -31.03 -2.09 -4.76
CA PRO B 261 -30.01 -2.41 -3.77
C PRO B 261 -28.61 -1.98 -4.06
N ARG B 262 -28.13 -2.13 -5.32
CA ARG B 262 -26.75 -1.81 -5.68
C ARG B 262 -26.53 -0.32 -5.77
N LEU B 263 -27.59 0.45 -6.05
CA LEU B 263 -27.50 1.91 -6.20
C LEU B 263 -27.67 2.60 -4.83
N HIS B 264 -26.63 2.48 -3.99
CA HIS B 264 -26.63 2.98 -2.61
C HIS B 264 -25.46 3.88 -2.27
N PHE B 265 -24.94 4.57 -3.29
CA PHE B 265 -23.78 5.47 -3.19
C PHE B 265 -24.25 6.90 -3.23
N PHE B 266 -24.17 7.59 -2.09
CA PHE B 266 -24.69 8.93 -1.93
C PHE B 266 -23.68 9.98 -2.19
N MET B 267 -24.12 11.03 -2.85
CA MET B 267 -23.32 12.18 -3.23
C MET B 267 -23.64 13.28 -2.20
N PRO B 268 -22.84 13.42 -1.11
CA PRO B 268 -23.13 14.47 -0.11
C PRO B 268 -22.79 15.87 -0.63
N GLY B 269 -23.48 16.85 -0.10
CA GLY B 269 -23.30 18.25 -0.45
C GLY B 269 -23.45 19.12 0.78
N PHE B 270 -22.69 20.22 0.88
CA PHE B 270 -22.76 21.10 2.02
C PHE B 270 -22.71 22.59 1.66
N ALA B 271 -23.39 23.44 2.44
CA ALA B 271 -23.37 24.90 2.30
C ALA B 271 -23.52 25.53 3.70
N PRO B 272 -22.74 26.58 4.06
CA PRO B 272 -21.71 27.26 3.26
C PRO B 272 -20.38 26.51 3.27
N LEU B 273 -19.55 26.75 2.25
CA LEU B 273 -18.23 26.15 2.23
C LEU B 273 -17.26 27.15 2.90
N THR B 274 -16.62 26.71 3.99
CA THR B 274 -15.71 27.52 4.79
C THR B 274 -14.34 26.86 4.91
N SER B 275 -13.33 27.68 5.27
CA SER B 275 -11.97 27.24 5.58
C SER B 275 -11.82 27.35 7.11
N ARG B 276 -10.73 26.82 7.67
CA ARG B 276 -10.53 26.85 9.12
C ARG B 276 -10.28 28.28 9.66
N GLY B 277 -9.57 29.08 8.87
CA GLY B 277 -9.26 30.48 9.16
C GLY B 277 -10.39 31.45 8.84
N SER B 278 -11.44 30.94 8.11
CA SER B 278 -12.65 31.67 7.72
C SER B 278 -13.48 31.85 8.99
N GLN B 279 -13.28 33.01 9.62
CA GLN B 279 -13.92 33.36 10.90
C GLN B 279 -14.96 34.48 10.75
N GLN B 280 -15.49 34.62 9.52
CA GLN B 280 -16.54 35.58 9.20
C GLN B 280 -17.92 34.83 9.30
N TYR B 281 -18.78 34.65 8.25
CA TYR B 281 -18.77 35.08 6.84
C TYR B 281 -19.66 36.31 6.65
N ARG B 282 -20.76 36.38 7.44
CA ARG B 282 -21.85 37.36 7.39
C ARG B 282 -22.56 37.03 6.07
N ALA B 283 -23.07 35.80 6.00
CA ALA B 283 -23.70 35.30 4.79
C ALA B 283 -24.81 34.22 5.00
N LEU B 284 -25.30 33.75 3.84
CA LEU B 284 -26.24 32.68 3.49
C LEU B 284 -27.59 32.69 4.24
N THR B 285 -28.61 33.00 3.41
CA THR B 285 -30.05 33.00 3.61
C THR B 285 -30.65 31.65 3.20
N VAL B 286 -31.94 31.39 3.57
CA VAL B 286 -32.65 30.15 3.23
C VAL B 286 -32.66 29.95 1.67
N PRO B 287 -33.09 30.95 0.82
CA PRO B 287 -33.04 30.73 -0.65
C PRO B 287 -31.64 30.40 -1.20
N GLU B 288 -30.59 31.02 -0.59
CA GLU B 288 -29.20 30.80 -0.94
C GLU B 288 -28.78 29.35 -0.62
N LEU B 289 -29.06 28.87 0.62
CA LEU B 289 -28.76 27.50 1.06
C LEU B 289 -29.39 26.44 0.14
N THR B 290 -30.67 26.63 -0.20
CA THR B 290 -31.44 25.72 -1.09
C THR B 290 -30.84 25.62 -2.51
N GLN B 291 -30.38 26.76 -3.09
CA GLN B 291 -29.78 26.85 -4.43
C GLN B 291 -28.49 26.03 -4.57
N GLN B 292 -27.75 25.83 -3.46
CA GLN B 292 -26.50 25.08 -3.42
C GLN B 292 -26.68 23.57 -3.61
N MET B 293 -27.93 23.06 -3.73
CA MET B 293 -28.11 21.62 -3.92
C MET B 293 -27.83 21.19 -5.35
N PHE B 294 -27.93 22.12 -6.29
CA PHE B 294 -27.63 21.81 -7.70
C PHE B 294 -26.26 22.29 -8.05
N ASP B 295 -25.60 22.97 -7.09
CA ASP B 295 -24.29 23.52 -7.35
C ASP B 295 -23.26 22.46 -7.20
N SER B 296 -22.62 22.16 -8.31
CA SER B 296 -21.56 21.19 -8.45
C SER B 296 -20.40 21.55 -7.51
N LYS B 297 -20.20 22.87 -7.29
CA LYS B 297 -19.18 23.47 -6.44
C LYS B 297 -19.37 23.08 -4.97
N ASN B 298 -20.58 22.67 -4.56
CA ASN B 298 -20.86 22.28 -3.19
C ASN B 298 -20.89 20.77 -2.93
N MET B 299 -20.63 19.94 -3.95
CA MET B 299 -20.67 18.48 -3.85
C MET B 299 -19.37 17.89 -3.32
N MET B 300 -19.51 16.90 -2.42
CA MET B 300 -18.39 16.21 -1.82
C MET B 300 -17.94 15.03 -2.64
N ALA B 301 -18.62 14.78 -3.77
CA ALA B 301 -18.25 13.79 -4.77
C ALA B 301 -18.02 14.57 -6.10
N ALA B 302 -16.91 14.33 -6.86
CA ALA B 302 -16.57 15.09 -8.09
C ALA B 302 -17.48 14.80 -9.28
N CYS B 303 -18.78 15.14 -9.15
CA CYS B 303 -19.85 14.90 -10.09
C CYS B 303 -20.69 16.11 -10.15
N ASP B 304 -21.25 16.39 -11.36
CA ASP B 304 -22.12 17.52 -11.58
C ASP B 304 -23.56 16.99 -11.46
N PRO B 305 -24.35 17.42 -10.44
CA PRO B 305 -25.75 16.93 -10.35
C PRO B 305 -26.55 17.16 -11.66
N ARG B 306 -26.25 18.23 -12.37
CA ARG B 306 -26.89 18.62 -13.63
C ARG B 306 -26.52 17.70 -14.82
N HIS B 307 -25.64 16.70 -14.62
CA HIS B 307 -25.24 15.73 -15.64
C HIS B 307 -26.01 14.41 -15.47
N GLY B 308 -26.88 14.37 -14.47
CA GLY B 308 -27.69 13.22 -14.13
C GLY B 308 -29.05 13.65 -13.65
N ARG B 309 -29.71 12.76 -12.90
CA ARG B 309 -31.04 12.99 -12.32
C ARG B 309 -31.00 12.40 -10.92
N TYR B 310 -31.65 13.08 -9.93
CA TYR B 310 -31.75 12.62 -8.54
C TYR B 310 -32.83 11.60 -8.48
N LEU B 311 -32.52 10.45 -7.88
CA LEU B 311 -33.48 9.39 -7.67
C LEU B 311 -34.22 9.79 -6.39
N THR B 312 -33.46 10.16 -5.33
CA THR B 312 -33.94 10.59 -4.01
C THR B 312 -32.98 11.63 -3.42
N VAL B 313 -33.50 12.51 -2.57
CA VAL B 313 -32.70 13.50 -1.85
C VAL B 313 -33.21 13.65 -0.42
N ALA B 314 -32.29 13.73 0.56
CA ALA B 314 -32.59 14.06 1.97
C ALA B 314 -31.78 15.35 2.30
N THR B 315 -32.43 16.35 2.88
CA THR B 315 -31.85 17.66 3.09
C THR B 315 -31.99 18.11 4.53
N ILE B 316 -30.87 18.47 5.15
CA ILE B 316 -30.83 18.93 6.52
C ILE B 316 -30.48 20.42 6.58
N PHE B 317 -31.36 21.21 7.17
CA PHE B 317 -31.13 22.63 7.42
C PHE B 317 -30.89 22.77 8.89
N ARG B 318 -29.83 23.46 9.27
CA ARG B 318 -29.43 23.61 10.66
C ARG B 318 -29.30 25.05 11.07
N GLY B 319 -29.91 25.40 12.20
CA GLY B 319 -29.88 26.74 12.75
C GLY B 319 -31.25 27.33 12.95
N ARG B 320 -31.33 28.55 13.49
CA ARG B 320 -32.63 29.17 13.67
C ARG B 320 -33.06 29.81 12.38
N MET B 321 -34.06 29.22 11.75
CA MET B 321 -34.59 29.69 10.48
C MET B 321 -36.07 29.36 10.35
N SER B 322 -36.75 30.04 9.42
CA SER B 322 -38.17 29.83 9.15
C SER B 322 -38.34 28.50 8.44
N MET B 323 -39.06 27.56 9.08
CA MET B 323 -39.32 26.24 8.51
C MET B 323 -40.27 26.34 7.31
N LYS B 324 -41.11 27.39 7.29
CA LYS B 324 -42.05 27.70 6.22
C LYS B 324 -41.21 28.15 5.00
N GLU B 325 -40.17 29.01 5.21
CA GLU B 325 -39.28 29.51 4.16
C GLU B 325 -38.53 28.35 3.49
N VAL B 326 -38.04 27.38 4.29
CA VAL B 326 -37.34 26.19 3.81
C VAL B 326 -38.26 25.37 2.87
N ASP B 327 -39.52 25.07 3.30
CA ASP B 327 -40.51 24.30 2.55
C ASP B 327 -40.81 24.94 1.20
N GLU B 328 -41.05 26.26 1.19
CA GLU B 328 -41.33 27.07 0.00
C GLU B 328 -40.14 27.02 -0.96
N GLN B 329 -38.93 27.27 -0.43
CA GLN B 329 -37.69 27.28 -1.19
C GLN B 329 -37.34 25.93 -1.77
N MET B 330 -37.57 24.83 -1.02
CA MET B 330 -37.28 23.50 -1.53
C MET B 330 -38.21 23.12 -2.67
N LEU B 331 -39.50 23.49 -2.57
CA LEU B 331 -40.49 23.21 -3.62
C LEU B 331 -40.18 23.96 -4.88
N ASN B 332 -39.71 25.21 -4.73
CA ASN B 332 -39.30 26.11 -5.80
C ASN B 332 -38.16 25.46 -6.62
N ILE B 333 -37.12 24.93 -5.95
CA ILE B 333 -36.00 24.26 -6.61
C ILE B 333 -36.48 23.05 -7.41
N GLN B 334 -37.42 22.27 -6.88
CA GLN B 334 -37.97 21.10 -7.57
C GLN B 334 -38.81 21.47 -8.78
N ASN B 335 -39.61 22.57 -8.70
CA ASN B 335 -40.46 23.05 -9.80
C ASN B 335 -39.61 23.69 -10.92
N LYS B 336 -38.56 24.47 -10.55
CA LYS B 336 -37.66 25.16 -11.47
C LYS B 336 -36.63 24.22 -12.11
N ASN B 337 -36.09 23.25 -11.32
CA ASN B 337 -35.10 22.27 -11.79
C ASN B 337 -35.73 20.86 -11.89
N SER B 338 -37.02 20.77 -12.37
CA SER B 338 -37.81 19.53 -12.51
C SER B 338 -37.15 18.42 -13.33
N SER B 339 -36.43 18.80 -14.37
CA SER B 339 -35.71 17.91 -15.29
C SER B 339 -34.43 17.20 -14.66
N TYR B 340 -34.13 17.48 -13.37
CA TYR B 340 -32.98 16.87 -12.72
C TYR B 340 -33.38 15.93 -11.62
N PHE B 341 -34.69 15.63 -11.55
CA PHE B 341 -35.37 14.70 -10.65
C PHE B 341 -36.11 13.70 -11.47
N VAL B 342 -35.97 12.44 -11.14
CA VAL B 342 -36.66 11.30 -11.73
C VAL B 342 -38.17 11.47 -11.39
N GLU B 343 -39.03 11.43 -12.41
CA GLU B 343 -40.47 11.66 -12.27
C GLU B 343 -41.26 10.42 -11.76
N TRP B 344 -40.62 9.25 -11.81
CA TRP B 344 -41.23 8.00 -11.43
C TRP B 344 -41.00 7.63 -9.93
N ILE B 345 -40.47 8.57 -9.13
CA ILE B 345 -40.37 8.43 -7.66
C ILE B 345 -41.10 9.68 -7.13
N PRO B 346 -42.43 9.63 -6.89
CA PRO B 346 -43.15 10.84 -6.42
C PRO B 346 -42.63 11.42 -5.11
N ASN B 347 -42.63 12.77 -4.98
CA ASN B 347 -42.19 13.50 -3.78
C ASN B 347 -40.85 12.88 -3.24
N ASN B 348 -39.80 12.90 -4.09
CA ASN B 348 -38.51 12.27 -3.82
C ASN B 348 -37.48 13.15 -3.09
N VAL B 349 -37.91 14.32 -2.60
CA VAL B 349 -37.04 15.19 -1.80
C VAL B 349 -37.66 15.36 -0.39
N LYS B 350 -36.90 14.97 0.67
CA LYS B 350 -37.35 15.12 2.05
C LYS B 350 -36.46 16.11 2.82
N THR B 351 -37.11 17.04 3.54
CA THR B 351 -36.44 18.07 4.31
C THR B 351 -36.62 17.95 5.80
N ALA B 352 -35.52 18.11 6.53
CA ALA B 352 -35.44 18.11 7.98
C ALA B 352 -34.83 19.42 8.45
N VAL B 353 -35.30 19.95 9.58
CA VAL B 353 -34.78 21.19 10.16
C VAL B 353 -34.36 20.94 11.62
N CYS B 354 -33.11 21.31 11.94
CA CYS B 354 -32.56 21.16 13.28
C CYS B 354 -32.15 22.53 13.82
N ASP B 355 -32.69 22.91 15.00
CA ASP B 355 -32.42 24.20 15.66
C ASP B 355 -30.95 24.43 15.98
N ILE B 356 -30.19 23.34 16.24
CA ILE B 356 -28.77 23.42 16.59
C ILE B 356 -27.88 23.52 15.35
N PRO B 357 -27.23 24.68 15.12
CA PRO B 357 -26.31 24.77 13.98
C PRO B 357 -24.98 24.12 14.30
N PRO B 358 -24.12 23.75 13.31
CA PRO B 358 -22.81 23.18 13.65
C PRO B 358 -21.85 24.27 14.19
N ARG B 359 -20.68 23.89 14.77
CA ARG B 359 -19.80 24.93 15.33
C ARG B 359 -19.21 25.86 14.27
N GLY B 360 -19.20 27.16 14.62
CA GLY B 360 -18.67 28.24 13.79
C GLY B 360 -19.59 28.76 12.72
N LEU B 361 -20.76 28.13 12.60
CA LEU B 361 -21.76 28.47 11.59
C LEU B 361 -23.07 28.83 12.29
N LYS B 362 -23.81 29.80 11.75
CA LYS B 362 -25.10 30.13 12.35
C LYS B 362 -26.21 29.46 11.58
N MET B 363 -25.95 29.19 10.29
CA MET B 363 -26.86 28.47 9.38
C MET B 363 -26.10 27.59 8.40
N SER B 364 -26.59 26.35 8.24
CA SER B 364 -26.00 25.38 7.33
C SER B 364 -27.05 24.51 6.66
N SER B 365 -26.67 23.87 5.56
CA SER B 365 -27.50 22.97 4.80
C SER B 365 -26.67 21.80 4.30
N THR B 366 -27.14 20.57 4.52
CA THR B 366 -26.47 19.37 4.06
C THR B 366 -27.43 18.64 3.13
N PHE B 367 -26.90 18.12 2.05
CA PHE B 367 -27.69 17.39 1.06
C PHE B 367 -27.13 15.99 0.96
N ILE B 368 -28.00 14.99 1.03
CA ILE B 368 -27.66 13.57 0.86
C ILE B 368 -28.42 13.23 -0.40
N GLY B 369 -27.70 12.98 -1.48
CA GLY B 369 -28.37 12.71 -2.74
C GLY B 369 -28.04 11.38 -3.37
N ASN B 370 -29.07 10.70 -3.90
CA ASN B 370 -28.86 9.48 -4.66
C ASN B 370 -29.08 9.90 -6.10
N SER B 371 -27.99 10.37 -6.74
CA SER B 371 -28.02 10.86 -8.11
C SER B 371 -27.35 9.91 -9.08
N THR B 372 -27.84 9.87 -10.32
CA THR B 372 -27.26 9.03 -11.37
C THR B 372 -25.91 9.61 -11.81
N ALA B 373 -25.64 10.91 -11.49
CA ALA B 373 -24.40 11.62 -11.82
C ALA B 373 -23.19 11.00 -11.10
N ILE B 374 -23.41 10.18 -10.02
CA ILE B 374 -22.31 9.53 -9.29
C ILE B 374 -21.56 8.57 -10.18
N GLN B 375 -22.13 8.19 -11.33
CA GLN B 375 -21.43 7.37 -12.31
C GLN B 375 -20.10 8.04 -12.82
N GLU B 376 -20.02 9.37 -12.77
CA GLU B 376 -18.84 10.11 -13.16
C GLU B 376 -17.64 9.76 -12.27
N LEU B 377 -17.89 9.59 -10.99
CA LEU B 377 -16.89 9.21 -9.98
C LEU B 377 -16.40 7.79 -10.29
N PHE B 378 -17.33 6.85 -10.55
CA PHE B 378 -16.95 5.46 -10.85
C PHE B 378 -16.24 5.32 -12.22
N LYS B 379 -16.65 6.12 -13.21
CA LYS B 379 -16.01 6.14 -14.55
C LYS B 379 -14.55 6.63 -14.41
N ARG B 380 -14.32 7.66 -13.57
CA ARG B 380 -12.99 8.23 -13.32
C ARG B 380 -12.03 7.17 -12.73
N ILE B 381 -12.47 6.44 -11.69
CA ILE B 381 -11.69 5.35 -11.07
C ILE B 381 -11.41 4.24 -12.09
N SER B 382 -12.43 3.85 -12.89
CA SER B 382 -12.29 2.82 -13.92
C SER B 382 -11.26 3.19 -15.01
N GLU B 383 -11.22 4.47 -15.43
CA GLU B 383 -10.25 4.94 -16.44
C GLU B 383 -8.84 4.80 -15.94
N GLN B 384 -8.59 5.22 -14.68
CA GLN B 384 -7.31 5.16 -13.99
C GLN B 384 -6.90 3.70 -13.84
N PHE B 385 -7.81 2.86 -13.35
CA PHE B 385 -7.61 1.43 -13.21
C PHE B 385 -7.13 0.79 -14.54
N THR B 386 -7.83 1.06 -15.66
CA THR B 386 -7.46 0.42 -16.92
C THR B 386 -6.17 0.92 -17.47
N ALA B 387 -5.83 2.22 -17.27
CA ALA B 387 -4.55 2.76 -17.72
C ALA B 387 -3.44 1.87 -17.14
N MET B 388 -3.52 1.53 -15.82
CA MET B 388 -2.56 0.67 -15.16
C MET B 388 -2.72 -0.82 -15.50
N PHE B 389 -3.95 -1.39 -15.34
CA PHE B 389 -4.23 -2.82 -15.56
C PHE B 389 -3.95 -3.32 -16.99
N ARG B 390 -4.13 -2.45 -17.99
CA ARG B 390 -3.85 -2.76 -19.40
C ARG B 390 -2.40 -3.22 -19.57
N ARG B 391 -1.46 -2.57 -18.81
CA ARG B 391 -0.02 -2.78 -18.80
C ARG B 391 0.44 -3.74 -17.68
N LYS B 392 -0.51 -4.23 -16.83
CA LYS B 392 -0.31 -5.14 -15.66
C LYS B 392 0.77 -4.60 -14.68
N ALA B 393 0.87 -3.26 -14.63
CA ALA B 393 1.80 -2.50 -13.79
C ALA B 393 1.49 -2.73 -12.33
N PHE B 394 2.47 -3.05 -11.51
CA PHE B 394 2.34 -3.30 -10.06
C PHE B 394 1.54 -4.53 -9.68
N LEU B 395 1.13 -5.34 -10.66
CA LEU B 395 0.30 -6.53 -10.40
C LEU B 395 0.90 -7.59 -9.51
N HIS B 396 2.23 -7.76 -9.56
CA HIS B 396 2.96 -8.75 -8.78
C HIS B 396 2.86 -8.48 -7.29
N TRP B 397 2.65 -7.21 -6.90
CA TRP B 397 2.48 -6.88 -5.49
C TRP B 397 1.19 -7.52 -4.93
N TYR B 398 0.15 -7.70 -5.79
CA TYR B 398 -1.14 -8.32 -5.47
C TYR B 398 -1.12 -9.85 -5.63
N THR B 399 -0.65 -10.34 -6.79
CA THR B 399 -0.54 -11.77 -7.07
C THR B 399 0.42 -12.47 -6.09
N GLY B 400 1.41 -11.70 -5.61
CA GLY B 400 2.39 -12.14 -4.61
C GLY B 400 1.75 -12.46 -3.26
N GLU B 401 0.57 -11.85 -2.98
CA GLU B 401 -0.25 -12.07 -1.78
C GLU B 401 -1.25 -13.21 -1.97
N GLY B 402 -1.22 -13.84 -3.16
CA GLY B 402 -2.09 -14.96 -3.50
C GLY B 402 -3.27 -14.66 -4.40
N MET B 403 -3.52 -13.36 -4.70
CA MET B 403 -4.63 -12.92 -5.54
C MET B 403 -4.45 -13.38 -6.97
N ASP B 404 -5.57 -13.47 -7.68
CA ASP B 404 -5.57 -13.85 -9.08
C ASP B 404 -5.89 -12.59 -9.90
N GLU B 405 -5.40 -12.50 -11.17
CA GLU B 405 -5.69 -11.41 -12.12
C GLU B 405 -7.21 -11.32 -12.36
N MET B 406 -7.90 -12.47 -12.23
CA MET B 406 -9.33 -12.68 -12.39
C MET B 406 -10.15 -11.77 -11.48
N GLU B 407 -9.70 -11.61 -10.21
CA GLU B 407 -10.34 -10.75 -9.20
C GLU B 407 -10.34 -9.30 -9.65
N PHE B 408 -9.29 -8.88 -10.36
CA PHE B 408 -9.16 -7.53 -10.90
C PHE B 408 -10.18 -7.32 -12.02
N THR B 409 -10.27 -8.31 -12.92
CA THR B 409 -11.19 -8.31 -14.06
C THR B 409 -12.65 -8.24 -13.56
N GLU B 410 -13.00 -9.09 -12.58
CA GLU B 410 -14.32 -9.16 -11.95
C GLU B 410 -14.70 -7.85 -11.25
N ALA B 411 -13.82 -7.25 -10.44
CA ALA B 411 -14.08 -5.99 -9.74
C ALA B 411 -14.34 -4.88 -10.74
N GLU B 412 -13.49 -4.80 -11.82
CA GLU B 412 -13.60 -3.82 -12.91
C GLU B 412 -14.97 -3.97 -13.58
N SER B 413 -15.39 -5.20 -13.98
CA SER B 413 -16.68 -5.34 -14.66
C SER B 413 -17.85 -5.08 -13.73
N ASN B 414 -17.74 -5.42 -12.43
CA ASN B 414 -18.79 -5.10 -11.47
C ASN B 414 -18.99 -3.57 -11.32
N MET B 415 -17.89 -2.80 -11.32
CA MET B 415 -17.94 -1.32 -11.27
C MET B 415 -18.50 -0.71 -12.58
N ASN B 416 -18.20 -1.32 -13.74
CA ASN B 416 -18.74 -0.88 -15.03
C ASN B 416 -20.21 -1.20 -15.09
N ASP B 417 -20.63 -2.33 -14.47
CA ASP B 417 -22.05 -2.73 -14.40
C ASP B 417 -22.79 -1.74 -13.52
N LEU B 418 -22.19 -1.29 -12.42
CA LEU B 418 -22.75 -0.28 -11.54
C LEU B 418 -23.02 1.01 -12.32
N VAL B 419 -22.05 1.42 -13.17
CA VAL B 419 -22.15 2.61 -14.03
C VAL B 419 -23.33 2.48 -15.00
N SER B 420 -23.46 1.33 -15.70
CA SER B 420 -24.54 1.07 -16.66
C SER B 420 -25.90 1.11 -16.00
N GLU B 421 -26.01 0.65 -14.75
CA GLU B 421 -27.26 0.69 -14.00
C GLU B 421 -27.68 2.10 -13.67
N TYR B 422 -26.74 2.97 -13.27
CA TYR B 422 -27.02 4.38 -13.05
C TYR B 422 -27.50 5.05 -14.34
N GLN B 423 -26.87 4.70 -15.48
CA GLN B 423 -27.27 5.20 -16.80
C GLN B 423 -28.69 4.77 -17.17
N GLN B 424 -29.03 3.49 -16.93
CA GLN B 424 -30.34 2.87 -17.18
C GLN B 424 -31.44 3.70 -16.53
N TYR B 425 -31.27 4.10 -15.25
CA TYR B 425 -32.27 4.89 -14.56
C TYR B 425 -32.26 6.38 -14.92
N GLN B 426 -31.14 6.89 -15.47
CA GLN B 426 -30.99 8.28 -15.90
C GLN B 426 -31.79 8.49 -17.15
N ASP B 427 -31.83 7.45 -18.02
CA ASP B 427 -32.57 7.52 -19.29
C ASP B 427 -34.04 7.10 -19.14
N ALA B 428 -34.36 6.29 -18.09
CA ALA B 428 -35.71 5.81 -17.77
C ALA B 428 -36.67 6.96 -17.53
N THR B 429 -37.80 6.92 -18.25
CA THR B 429 -38.87 7.91 -18.22
C THR B 429 -40.11 7.25 -17.61
N ALA B 430 -41.03 8.07 -17.08
CA ALA B 430 -42.28 7.59 -16.50
C ALA B 430 -43.25 7.32 -17.66
N ASP B 431 -43.64 6.05 -17.85
CA ASP B 431 -44.54 5.63 -18.92
C ASP B 431 -45.68 4.81 -18.37
N MET C 1 10.48 -3.25 16.47
CA MET C 1 9.56 -4.40 16.30
C MET C 1 9.51 -4.86 14.87
N ARG C 2 9.76 -3.93 13.93
CA ARG C 2 9.73 -4.11 12.49
C ARG C 2 11.20 -4.07 12.06
N GLU C 3 11.97 -5.05 12.53
CA GLU C 3 13.42 -5.13 12.36
C GLU C 3 13.90 -5.28 10.94
N CYS C 4 15.10 -4.76 10.68
CA CYS C 4 15.86 -4.85 9.43
C CYS C 4 17.26 -5.35 9.72
N ILE C 5 17.68 -6.40 8.99
CA ILE C 5 19.03 -6.91 9.11
C ILE C 5 19.89 -6.43 7.98
N SER C 6 20.99 -5.71 8.30
CA SER C 6 21.95 -5.24 7.29
C SER C 6 23.10 -6.23 7.11
N ILE C 7 23.42 -6.57 5.87
CA ILE C 7 24.52 -7.48 5.55
C ILE C 7 25.52 -6.74 4.66
N HIS C 8 26.79 -6.63 5.11
CA HIS C 8 27.86 -5.93 4.39
C HIS C 8 28.85 -6.94 3.83
N VAL C 9 28.94 -7.02 2.50
CA VAL C 9 29.77 -8.02 1.79
C VAL C 9 30.98 -7.42 1.06
N GLY C 10 32.16 -7.93 1.38
CA GLY C 10 33.42 -7.49 0.78
C GLY C 10 33.85 -6.12 1.25
N GLN C 11 35.01 -5.66 0.73
CA GLN C 11 35.59 -4.38 1.09
C GLN C 11 34.63 -3.20 0.96
N ALA C 12 34.04 -3.00 -0.23
CA ALA C 12 33.11 -1.92 -0.51
C ALA C 12 31.94 -1.94 0.43
N GLY C 13 31.33 -3.13 0.59
CA GLY C 13 30.20 -3.32 1.49
C GLY C 13 30.52 -3.03 2.94
N VAL C 14 31.72 -3.48 3.41
CA VAL C 14 32.10 -3.29 4.81
C VAL C 14 32.50 -1.84 5.08
N GLN C 15 33.24 -1.21 4.15
CA GLN C 15 33.70 0.17 4.33
C GLN C 15 32.55 1.16 4.30
N ILE C 16 31.52 0.86 3.48
CA ILE C 16 30.33 1.67 3.44
C ILE C 16 29.55 1.43 4.73
N GLY C 17 29.51 0.17 5.17
CA GLY C 17 28.88 -0.22 6.42
C GLY C 17 29.42 0.56 7.60
N ASN C 18 30.75 0.73 7.65
CA ASN C 18 31.41 1.52 8.68
C ASN C 18 30.90 2.95 8.72
N ALA C 19 30.85 3.59 7.53
CA ALA C 19 30.39 4.97 7.38
C ALA C 19 28.96 5.14 7.81
N CYS C 20 28.10 4.18 7.45
CA CYS C 20 26.68 4.20 7.77
C CYS C 20 26.44 4.06 9.25
N TRP C 21 27.02 3.02 9.87
CA TRP C 21 26.84 2.73 11.28
C TRP C 21 27.44 3.80 12.18
N GLU C 22 28.51 4.47 11.74
CA GLU C 22 29.09 5.59 12.47
C GLU C 22 28.06 6.72 12.46
N LEU C 23 27.47 7.00 11.28
CA LEU C 23 26.46 8.04 11.09
C LEU C 23 25.20 7.77 11.91
N TYR C 24 24.72 6.51 11.90
CA TYR C 24 23.54 6.10 12.64
C TYR C 24 23.74 6.39 14.12
N CYS C 25 24.90 6.02 14.68
CA CYS C 25 25.25 6.29 16.06
C CYS C 25 25.20 7.77 16.39
N LEU C 26 25.75 8.61 15.51
CA LEU C 26 25.72 10.06 15.68
C LEU C 26 24.29 10.59 15.63
N GLU C 27 23.46 10.06 14.72
CA GLU C 27 22.07 10.47 14.55
C GLU C 27 21.18 10.11 15.75
N HIS C 28 21.47 8.97 16.41
CA HIS C 28 20.70 8.45 17.53
C HIS C 28 21.32 8.71 18.90
N GLY C 29 22.49 9.33 18.92
CA GLY C 29 23.19 9.64 20.15
C GLY C 29 23.77 8.41 20.83
N ILE C 30 24.14 7.39 20.02
CA ILE C 30 24.74 6.16 20.51
C ILE C 30 26.25 6.34 20.50
N GLN C 31 26.90 6.08 21.65
CA GLN C 31 28.33 6.21 21.78
C GLN C 31 29.04 5.03 21.14
N PRO C 32 30.33 5.17 20.79
CA PRO C 32 31.08 4.04 20.18
C PRO C 32 31.11 2.76 21.01
N ASP C 33 30.86 2.85 22.34
CA ASP C 33 30.81 1.70 23.25
C ASP C 33 29.41 1.02 23.24
N GLY C 34 28.46 1.64 22.52
CA GLY C 34 27.14 1.07 22.36
C GLY C 34 26.13 1.55 23.36
N GLN C 35 26.39 2.65 24.08
CA GLN C 35 25.31 3.07 24.95
C GLN C 35 24.92 4.53 24.75
N MET C 36 23.73 4.87 25.22
CA MET C 36 23.15 6.20 25.13
C MET C 36 22.63 6.62 26.49
N PRO C 37 22.73 7.93 26.85
CA PRO C 37 22.35 8.36 28.20
C PRO C 37 20.96 7.97 28.72
N SER C 38 19.93 7.91 27.83
CA SER C 38 18.52 7.57 28.10
C SER C 38 18.02 7.52 29.57
N ASP C 39 12.31 9.05 20.91
CA ASP C 39 12.07 8.19 19.75
C ASP C 39 12.65 6.80 19.99
N ASP C 40 11.80 5.78 19.84
CA ASP C 40 12.10 4.37 20.07
C ASP C 40 12.34 3.58 18.76
N SER C 41 12.17 4.25 17.61
CA SER C 41 12.23 3.67 16.27
C SER C 41 13.59 3.08 15.87
N PHE C 42 14.68 3.56 16.48
CA PHE C 42 16.05 3.10 16.22
C PHE C 42 16.23 1.60 16.44
N ASN C 43 15.33 0.95 17.22
CA ASN C 43 15.38 -0.49 17.55
C ASN C 43 15.23 -1.41 16.33
N THR C 44 14.77 -0.87 15.20
CA THR C 44 14.65 -1.62 13.95
C THR C 44 16.07 -1.97 13.45
N PHE C 45 17.03 -1.12 13.78
CA PHE C 45 18.43 -1.27 13.39
C PHE C 45 19.36 -1.66 14.52
N PHE C 46 18.93 -1.48 15.78
CA PHE C 46 19.72 -1.79 16.95
C PHE C 46 18.97 -2.66 17.94
N SER C 47 19.59 -3.79 18.32
CA SER C 47 19.08 -4.67 19.37
C SER C 47 19.64 -4.13 20.68
N GLU C 48 19.09 -4.58 21.81
CA GLU C 48 19.56 -4.10 23.13
C GLU C 48 19.86 -5.25 24.08
N THR C 49 20.81 -5.02 25.01
CA THR C 49 21.17 -5.97 26.07
C THR C 49 20.63 -5.43 27.43
N GLY C 50 20.62 -6.29 28.45
CA GLY C 50 20.23 -5.94 29.82
C GLY C 50 21.18 -4.96 30.48
N ALA C 51 22.36 -4.72 29.84
CA ALA C 51 23.39 -3.77 30.26
C ALA C 51 23.21 -2.39 29.57
N GLY C 52 22.18 -2.26 28.74
CA GLY C 52 21.86 -1.05 28.01
C GLY C 52 22.66 -0.84 26.75
N LYS C 53 23.32 -1.91 26.26
CA LYS C 53 24.15 -1.87 25.06
C LYS C 53 23.32 -2.07 23.79
N HIS C 54 23.40 -1.09 22.88
CA HIS C 54 22.72 -1.04 21.58
C HIS C 54 23.64 -1.57 20.49
N VAL C 55 23.30 -2.77 20.01
CA VAL C 55 24.12 -3.50 19.04
C VAL C 55 23.46 -3.53 17.64
N PRO C 56 24.19 -3.05 16.58
CA PRO C 56 23.67 -3.10 15.21
C PRO C 56 23.15 -4.47 14.78
N ARG C 57 21.98 -4.50 14.10
CA ARG C 57 21.42 -5.74 13.55
C ARG C 57 22.10 -5.92 12.22
N ALA C 58 23.40 -6.26 12.28
CA ALA C 58 24.23 -6.35 11.12
C ALA C 58 25.20 -7.48 11.16
N VAL C 59 25.63 -7.90 9.99
CA VAL C 59 26.66 -8.89 9.79
C VAL C 59 27.65 -8.38 8.71
N PHE C 60 28.96 -8.41 9.02
CA PHE C 60 30.02 -8.00 8.11
C PHE C 60 30.73 -9.24 7.65
N VAL C 61 30.81 -9.42 6.34
CA VAL C 61 31.46 -10.59 5.74
C VAL C 61 32.49 -10.18 4.70
N ASP C 62 33.65 -10.80 4.76
CA ASP C 62 34.72 -10.62 3.78
C ASP C 62 35.54 -11.91 3.77
N LEU C 63 36.03 -12.29 2.59
CA LEU C 63 36.77 -13.55 2.44
C LEU C 63 38.23 -13.46 2.89
N GLU C 64 38.71 -12.22 3.02
CA GLU C 64 40.02 -11.78 3.52
C GLU C 64 39.76 -11.09 4.87
N PRO C 65 40.71 -11.08 5.80
CA PRO C 65 40.44 -10.45 7.10
C PRO C 65 40.79 -8.98 7.30
N THR C 66 41.68 -8.41 6.47
CA THR C 66 42.30 -7.09 6.65
C THR C 66 41.31 -5.93 6.82
N VAL C 67 40.21 -5.86 6.06
CA VAL C 67 39.26 -4.74 6.14
C VAL C 67 38.41 -4.82 7.42
N ILE C 68 37.90 -6.02 7.73
CA ILE C 68 37.09 -6.28 8.92
C ILE C 68 37.97 -6.21 10.17
N ASP C 69 39.28 -6.49 10.03
CA ASP C 69 40.20 -6.40 11.14
C ASP C 69 40.35 -4.95 11.60
N GLU C 70 40.11 -4.01 10.69
CA GLU C 70 40.16 -2.58 11.02
C GLU C 70 38.94 -2.23 11.87
N VAL C 71 37.78 -2.87 11.63
CA VAL C 71 36.55 -2.70 12.42
C VAL C 71 36.80 -3.24 13.83
N ARG C 72 37.39 -4.44 13.91
CA ARG C 72 37.72 -5.17 15.13
C ARG C 72 38.64 -4.40 16.07
N THR C 73 39.51 -3.53 15.52
CA THR C 73 40.49 -2.72 16.25
C THR C 73 40.18 -1.20 16.16
N GLY C 74 39.11 -0.85 15.44
CA GLY C 74 38.67 0.52 15.18
C GLY C 74 38.04 1.24 16.34
N THR C 75 37.53 2.43 16.06
CA THR C 75 36.86 3.29 17.04
C THR C 75 35.56 2.67 17.53
N TYR C 76 34.89 1.91 16.68
CA TYR C 76 33.60 1.28 16.99
C TYR C 76 33.70 -0.24 17.26
N ARG C 77 34.88 -0.71 17.68
CA ARG C 77 35.13 -2.12 17.96
C ARG C 77 34.22 -2.74 19.00
N GLN C 78 33.85 -1.94 20.00
CA GLN C 78 32.97 -2.39 21.07
C GLN C 78 31.51 -2.45 20.63
N LEU C 79 31.16 -1.79 19.49
CA LEU C 79 29.78 -1.73 18.97
C LEU C 79 29.25 -3.08 18.51
N PHE C 80 30.14 -3.86 17.85
CA PHE C 80 29.79 -5.16 17.30
C PHE C 80 30.29 -6.32 18.13
N HIS C 81 29.45 -7.38 18.26
CA HIS C 81 29.83 -8.64 18.91
C HIS C 81 30.77 -9.35 17.91
N PRO C 82 31.91 -9.92 18.39
CA PRO C 82 32.88 -10.56 17.46
C PRO C 82 32.31 -11.49 16.39
N GLU C 83 31.17 -12.17 16.74
CA GLU C 83 30.44 -13.13 15.90
C GLU C 83 29.76 -12.47 14.72
N GLN C 84 29.51 -11.16 14.79
CA GLN C 84 28.89 -10.38 13.69
C GLN C 84 29.90 -10.08 12.58
N LEU C 85 31.19 -10.15 12.91
CA LEU C 85 32.30 -9.84 12.01
C LEU C 85 32.94 -11.14 11.56
N ILE C 86 32.62 -11.53 10.33
CA ILE C 86 33.01 -12.81 9.74
C ILE C 86 34.03 -12.62 8.65
N THR C 87 35.16 -13.34 8.77
CA THR C 87 36.25 -13.29 7.80
C THR C 87 36.83 -14.64 7.51
N GLY C 88 37.32 -14.79 6.29
CA GLY C 88 38.01 -15.97 5.84
C GLY C 88 39.48 -15.66 5.87
N LYS C 89 40.30 -16.49 5.19
CA LYS C 89 41.75 -16.36 5.13
C LYS C 89 42.23 -15.83 3.77
N GLU C 90 41.45 -16.07 2.70
CA GLU C 90 41.84 -15.75 1.34
C GLU C 90 40.67 -15.10 0.59
N ASP C 91 40.88 -13.92 0.00
CA ASP C 91 39.85 -13.26 -0.79
C ASP C 91 39.54 -13.97 -2.12
N ALA C 92 38.61 -13.40 -2.91
CA ALA C 92 38.21 -13.98 -4.18
C ALA C 92 39.11 -13.60 -5.35
N ALA C 93 40.21 -12.89 -5.09
CA ALA C 93 41.16 -12.46 -6.12
C ALA C 93 40.52 -11.78 -7.30
N ASN C 94 39.49 -10.91 -7.03
CA ASN C 94 38.79 -10.09 -8.03
C ASN C 94 37.99 -10.95 -9.02
N ASN C 95 37.73 -12.23 -8.63
CA ASN C 95 37.05 -13.22 -9.44
C ASN C 95 35.69 -13.66 -8.89
N TYR C 96 34.62 -13.40 -9.65
CA TYR C 96 33.25 -13.80 -9.30
C TYR C 96 33.21 -15.31 -8.95
N ALA C 97 33.81 -16.17 -9.78
CA ALA C 97 33.79 -17.61 -9.61
C ALA C 97 34.34 -18.08 -8.25
N ARG C 98 35.42 -17.42 -7.76
CA ARG C 98 36.05 -17.73 -6.46
C ARG C 98 35.17 -17.25 -5.33
N GLY C 99 34.49 -16.13 -5.52
CA GLY C 99 33.60 -15.59 -4.50
C GLY C 99 32.36 -16.43 -4.26
N HIS C 100 31.78 -16.95 -5.38
CA HIS C 100 30.56 -17.75 -5.41
C HIS C 100 30.84 -19.23 -5.15
N TYR C 101 31.94 -19.75 -5.66
CA TYR C 101 32.19 -21.18 -5.53
C TYR C 101 33.41 -21.48 -4.68
N THR C 102 34.60 -21.56 -5.31
CA THR C 102 35.87 -21.94 -4.69
C THR C 102 36.08 -21.47 -3.25
N ILE C 103 36.10 -20.16 -3.03
CA ILE C 103 36.31 -19.64 -1.68
C ILE C 103 35.02 -19.49 -0.88
N GLY C 104 33.98 -18.97 -1.50
CA GLY C 104 32.72 -18.68 -0.84
C GLY C 104 32.02 -19.86 -0.18
N LYS C 105 32.08 -21.04 -0.82
CA LYS C 105 31.45 -22.27 -0.34
C LYS C 105 31.94 -22.66 1.08
N GLU C 106 33.18 -22.29 1.38
CA GLU C 106 33.86 -22.52 2.63
C GLU C 106 33.29 -21.73 3.80
N ILE C 107 32.67 -20.58 3.55
CA ILE C 107 32.16 -19.72 4.63
C ILE C 107 30.62 -19.47 4.64
N ILE C 108 29.95 -19.85 3.56
CA ILE C 108 28.53 -19.57 3.38
C ILE C 108 27.67 -20.09 4.54
N ASP C 109 27.92 -21.32 4.98
CA ASP C 109 27.11 -21.90 6.05
C ASP C 109 27.25 -21.16 7.37
N LEU C 110 28.48 -20.72 7.66
CA LEU C 110 28.79 -19.96 8.86
C LEU C 110 28.07 -18.62 8.86
N VAL C 111 27.99 -17.96 7.70
CA VAL C 111 27.33 -16.66 7.56
C VAL C 111 25.83 -16.78 7.79
N LEU C 112 25.21 -17.77 7.14
CA LEU C 112 23.79 -18.05 7.27
C LEU C 112 23.42 -18.40 8.69
N ASP C 113 24.32 -19.10 9.42
CA ASP C 113 24.09 -19.42 10.82
C ASP C 113 24.03 -18.15 11.65
N ARG C 114 24.96 -17.21 11.41
CA ARG C 114 24.98 -15.93 12.12
C ARG C 114 23.81 -15.06 11.77
N ILE C 115 23.33 -15.10 10.50
CA ILE C 115 22.14 -14.35 10.07
C ILE C 115 20.90 -14.90 10.77
N ARG C 116 20.80 -16.23 10.84
CA ARG C 116 19.72 -16.93 11.53
C ARG C 116 19.64 -16.45 12.97
N LYS C 117 20.81 -16.32 13.65
CA LYS C 117 20.91 -15.87 15.03
C LYS C 117 20.33 -14.46 15.22
N LEU C 118 20.52 -13.58 14.23
CA LEU C 118 19.98 -12.22 14.26
C LEU C 118 18.52 -12.23 13.96
N ALA C 119 18.06 -13.13 13.07
CA ALA C 119 16.64 -13.26 12.70
C ALA C 119 15.82 -13.80 13.87
N ASP C 120 16.41 -14.70 14.69
CA ASP C 120 15.80 -15.27 15.89
C ASP C 120 15.48 -14.19 16.91
N GLN C 121 16.23 -13.08 16.87
CA GLN C 121 16.05 -11.96 17.80
C GLN C 121 15.01 -10.95 17.33
N CYS C 122 14.38 -11.23 16.17
CA CYS C 122 13.35 -10.39 15.54
C CYS C 122 11.95 -10.90 15.78
N THR C 123 11.05 -9.98 16.16
CA THR C 123 9.63 -10.25 16.42
C THR C 123 8.80 -9.92 15.17
N GLY C 124 9.43 -9.27 14.22
CA GLY C 124 8.72 -8.93 13.00
C GLY C 124 9.63 -8.47 11.91
N LEU C 125 10.53 -9.37 11.48
CA LEU C 125 11.51 -9.09 10.44
C LEU C 125 10.91 -8.60 9.12
N GLN C 126 11.23 -7.34 8.78
CA GLN C 126 10.82 -6.70 7.52
C GLN C 126 11.53 -7.37 6.32
N GLY C 127 12.84 -7.58 6.44
CA GLY C 127 13.70 -8.18 5.44
C GLY C 127 15.16 -7.84 5.68
N PHE C 128 15.95 -7.83 4.59
CA PHE C 128 17.42 -7.61 4.59
C PHE C 128 17.85 -6.48 3.70
N LEU C 129 18.92 -5.77 4.10
CA LEU C 129 19.59 -4.72 3.31
C LEU C 129 21.01 -5.22 3.06
N VAL C 130 21.32 -5.51 1.79
CA VAL C 130 22.61 -6.05 1.40
C VAL C 130 23.51 -5.01 0.71
N PHE C 131 24.69 -4.74 1.28
CA PHE C 131 25.69 -3.79 0.78
C PHE C 131 26.86 -4.51 0.14
N HIS C 132 27.19 -4.13 -1.11
CA HIS C 132 28.26 -4.78 -1.87
C HIS C 132 28.62 -4.02 -3.14
N SER C 133 29.75 -4.35 -3.71
CA SER C 133 30.22 -3.80 -4.98
C SER C 133 29.84 -4.77 -6.08
N PHE C 134 29.74 -4.29 -7.30
CA PHE C 134 29.48 -5.14 -8.44
C PHE C 134 30.83 -5.72 -8.89
N GLY C 135 31.89 -4.91 -8.79
CA GLY C 135 33.22 -5.25 -9.25
C GLY C 135 34.05 -6.27 -8.51
N GLY C 136 33.94 -6.33 -7.18
CA GLY C 136 34.74 -7.24 -6.38
C GLY C 136 34.42 -8.72 -6.53
N GLY C 137 35.41 -9.60 -6.30
CA GLY C 137 35.20 -11.04 -6.36
C GLY C 137 34.25 -11.49 -5.28
N THR C 138 34.40 -10.89 -4.08
CA THR C 138 33.50 -11.16 -2.96
C THR C 138 32.15 -10.43 -3.20
N GLY C 139 32.23 -9.11 -3.36
CA GLY C 139 31.09 -8.25 -3.59
C GLY C 139 30.14 -8.83 -4.62
N SER C 140 30.72 -9.39 -5.71
CA SER C 140 29.91 -10.01 -6.77
C SER C 140 29.54 -11.48 -6.52
N GLY C 141 30.53 -12.34 -6.37
CA GLY C 141 30.38 -13.78 -6.22
C GLY C 141 29.72 -14.23 -4.94
N PHE C 142 30.23 -13.76 -3.80
CA PHE C 142 29.70 -14.13 -2.52
C PHE C 142 28.31 -13.62 -2.29
N THR C 143 28.03 -12.37 -2.73
CA THR C 143 26.70 -11.76 -2.57
C THR C 143 25.65 -12.57 -3.32
N SER C 144 25.91 -12.95 -4.58
CA SER C 144 24.94 -13.72 -5.37
C SER C 144 24.64 -15.07 -4.74
N LEU C 145 25.67 -15.71 -4.16
CA LEU C 145 25.54 -16.97 -3.41
C LEU C 145 24.67 -16.74 -2.16
N LEU C 146 24.96 -15.65 -1.42
CA LEU C 146 24.22 -15.29 -0.22
C LEU C 146 22.76 -15.06 -0.53
N MET C 147 22.48 -14.30 -1.60
CA MET C 147 21.11 -13.98 -2.00
C MET C 147 20.32 -15.24 -2.35
N GLU C 148 20.94 -16.17 -3.08
CA GLU C 148 20.32 -17.45 -3.47
C GLU C 148 19.96 -18.23 -2.22
N ARG C 149 20.86 -18.27 -1.24
CA ARG C 149 20.66 -19.00 -0.01
C ARG C 149 19.62 -18.36 0.88
N LEU C 150 19.53 -17.02 0.87
CA LEU C 150 18.55 -16.28 1.66
C LEU C 150 17.15 -16.51 1.14
N SER C 151 17.01 -16.67 -0.18
CA SER C 151 15.71 -16.96 -0.82
C SER C 151 15.23 -18.36 -0.43
N VAL C 152 16.17 -19.28 -0.14
CA VAL C 152 15.85 -20.64 0.27
C VAL C 152 15.45 -20.61 1.72
N ASP C 153 16.23 -19.98 2.59
CA ASP C 153 15.98 -19.97 4.02
C ASP C 153 14.87 -19.01 4.47
N TYR C 154 14.62 -17.93 3.70
CA TYR C 154 13.64 -16.91 4.09
C TYR C 154 12.58 -16.63 3.02
N GLY C 155 12.41 -17.55 2.07
CA GLY C 155 11.42 -17.43 0.99
C GLY C 155 11.36 -16.08 0.27
N LYS C 156 10.16 -15.49 0.25
CA LYS C 156 9.83 -14.22 -0.37
C LYS C 156 10.23 -12.99 0.52
N LYS C 157 10.77 -13.19 1.77
CA LYS C 157 11.15 -12.08 2.64
C LYS C 157 11.93 -11.06 1.88
N SER C 158 11.54 -9.77 1.94
CA SER C 158 12.16 -8.69 1.18
C SER C 158 13.68 -8.57 1.34
N LYS C 159 14.38 -8.43 0.21
CA LYS C 159 15.83 -8.24 0.18
C LYS C 159 16.11 -7.06 -0.73
N LEU C 160 16.76 -6.04 -0.16
CA LEU C 160 17.14 -4.80 -0.83
C LEU C 160 18.62 -4.72 -0.93
N GLU C 161 19.14 -4.14 -2.03
CA GLU C 161 20.58 -4.00 -2.25
C GLU C 161 21.02 -2.56 -2.37
N PHE C 162 22.21 -2.28 -1.90
CA PHE C 162 22.94 -1.04 -2.15
C PHE C 162 24.17 -1.53 -2.86
N SER C 163 24.18 -1.38 -4.18
CA SER C 163 25.24 -1.89 -5.04
C SER C 163 26.15 -0.78 -5.58
N ILE C 164 27.45 -0.99 -5.49
CA ILE C 164 28.43 -0.04 -6.00
C ILE C 164 28.78 -0.40 -7.44
N TYR C 165 28.37 0.46 -8.36
CA TYR C 165 28.57 0.34 -9.80
C TYR C 165 29.98 0.83 -10.13
N PRO C 166 30.72 0.09 -10.99
CA PRO C 166 32.14 0.42 -11.21
C PRO C 166 32.46 1.64 -12.07
N ALA C 167 33.58 2.30 -11.70
CA ALA C 167 34.14 3.46 -12.36
C ALA C 167 35.61 3.26 -12.67
N PRO C 168 36.10 3.75 -13.83
CA PRO C 168 37.54 3.63 -14.16
C PRO C 168 38.49 4.41 -13.24
N GLN C 169 38.05 5.56 -12.70
CA GLN C 169 38.86 6.41 -11.81
C GLN C 169 39.13 5.78 -10.48
N VAL C 170 38.26 4.85 -10.04
CA VAL C 170 38.45 4.15 -8.78
C VAL C 170 38.42 2.62 -8.95
N SER C 171 39.03 2.12 -10.02
CA SER C 171 39.07 0.69 -10.29
C SER C 171 39.91 -0.12 -9.29
N THR C 172 39.70 -1.46 -9.30
CA THR C 172 40.51 -2.41 -8.53
C THR C 172 40.87 -3.64 -9.41
N ALA C 173 40.10 -3.88 -10.51
CA ALA C 173 40.35 -5.00 -11.44
C ALA C 173 39.88 -4.77 -12.87
N VAL C 174 40.57 -5.37 -13.89
CA VAL C 174 40.10 -5.25 -15.27
C VAL C 174 38.78 -5.94 -15.50
N VAL C 175 38.55 -7.04 -14.80
CA VAL C 175 37.41 -7.93 -14.97
C VAL C 175 36.16 -7.50 -14.25
N GLU C 176 36.14 -6.29 -13.66
CA GLU C 176 34.94 -5.78 -12.97
C GLU C 176 33.68 -5.85 -13.83
N PRO C 177 33.72 -5.51 -15.17
CA PRO C 177 32.49 -5.66 -16.00
C PRO C 177 31.94 -7.10 -16.02
N TYR C 178 32.83 -8.11 -16.02
CA TYR C 178 32.43 -9.52 -15.98
C TYR C 178 31.73 -9.85 -14.67
N ASN C 179 32.35 -9.48 -13.53
CA ASN C 179 31.75 -9.69 -12.22
C ASN C 179 30.42 -8.98 -12.07
N SER C 180 30.30 -7.76 -12.62
CA SER C 180 29.06 -6.96 -12.58
C SER C 180 27.94 -7.67 -13.30
N ILE C 181 28.16 -8.14 -14.52
CA ILE C 181 27.09 -8.81 -15.27
C ILE C 181 26.76 -10.18 -14.68
N LEU C 182 27.78 -10.89 -14.19
CA LEU C 182 27.56 -12.22 -13.60
C LEU C 182 26.71 -12.16 -12.35
N THR C 183 27.07 -11.23 -11.42
CA THR C 183 26.30 -11.03 -10.20
C THR C 183 24.89 -10.50 -10.49
N THR C 184 24.73 -9.53 -11.44
CA THR C 184 23.44 -8.93 -11.80
C THR C 184 22.49 -10.00 -12.25
N HIS C 185 22.94 -10.85 -13.16
CA HIS C 185 22.16 -11.97 -13.65
C HIS C 185 21.72 -12.93 -12.56
N THR C 186 22.65 -13.41 -11.73
CA THR C 186 22.38 -14.37 -10.65
C THR C 186 21.44 -13.82 -9.58
N THR C 187 21.63 -12.55 -9.21
CA THR C 187 20.88 -11.89 -8.16
C THR C 187 19.50 -11.39 -8.58
N LEU C 188 19.30 -11.08 -9.86
CA LEU C 188 18.08 -10.48 -10.39
C LEU C 188 16.81 -11.00 -9.80
N GLU C 189 16.57 -12.34 -9.84
CA GLU C 189 15.32 -12.97 -9.36
C GLU C 189 15.21 -13.03 -7.84
N HIS C 190 16.28 -12.77 -7.12
CA HIS C 190 16.36 -12.86 -5.67
C HIS C 190 16.29 -11.51 -4.96
N SER C 191 16.39 -10.43 -5.72
CA SER C 191 16.35 -9.10 -5.14
C SER C 191 15.04 -8.42 -5.48
N ASP C 192 14.45 -7.74 -4.50
CA ASP C 192 13.19 -7.04 -4.65
C ASP C 192 13.35 -5.57 -5.10
N CYS C 193 14.45 -4.94 -4.70
CA CYS C 193 14.79 -3.56 -5.01
C CYS C 193 16.31 -3.37 -4.84
N ALA C 194 16.96 -2.67 -5.79
CA ALA C 194 18.41 -2.45 -5.76
C ALA C 194 18.75 -1.01 -6.06
N PHE C 195 19.51 -0.35 -5.16
CA PHE C 195 19.91 1.05 -5.27
C PHE C 195 21.34 1.12 -5.66
N MET C 196 21.60 1.34 -6.96
CA MET C 196 22.95 1.43 -7.52
C MET C 196 23.57 2.77 -7.23
N VAL C 197 24.85 2.74 -6.93
CA VAL C 197 25.64 3.92 -6.67
C VAL C 197 26.83 3.87 -7.64
N ASP C 198 26.85 4.76 -8.63
CA ASP C 198 27.92 4.83 -9.61
C ASP C 198 29.08 5.56 -8.97
N ASN C 199 30.22 4.89 -8.85
CA ASN C 199 31.40 5.47 -8.21
C ASN C 199 31.92 6.73 -8.93
N GLU C 200 31.64 6.81 -10.25
CA GLU C 200 32.05 7.96 -11.07
C GLU C 200 31.19 9.17 -10.68
N ALA C 201 29.87 8.96 -10.44
CA ALA C 201 28.94 10.01 -10.04
C ALA C 201 29.35 10.59 -8.71
N ILE C 202 29.66 9.73 -7.72
CA ILE C 202 30.08 10.14 -6.39
C ILE C 202 31.42 10.88 -6.47
N TYR C 203 32.35 10.35 -7.29
CA TYR C 203 33.68 10.92 -7.50
C TYR C 203 33.57 12.35 -8.03
N ASP C 204 32.71 12.54 -9.06
CA ASP C 204 32.44 13.83 -9.67
C ASP C 204 31.74 14.81 -8.71
N ILE C 205 30.79 14.31 -7.88
CA ILE C 205 30.11 15.14 -6.88
C ILE C 205 31.12 15.66 -5.86
N CYS C 206 32.07 14.78 -5.39
CA CYS C 206 33.14 15.10 -4.43
C CYS C 206 34.08 16.14 -4.98
N ARG C 207 34.42 16.01 -6.28
CA ARG C 207 35.31 16.92 -6.98
C ARG C 207 34.66 18.28 -7.18
N ARG C 208 33.41 18.30 -7.68
CA ARG C 208 32.70 19.51 -8.06
C ARG C 208 32.03 20.23 -6.91
N ASN C 209 31.17 19.55 -6.15
CA ASN C 209 30.39 20.17 -5.07
C ASN C 209 31.12 20.29 -3.71
N LEU C 210 32.15 19.47 -3.50
CA LEU C 210 32.92 19.46 -2.25
C LEU C 210 34.39 19.89 -2.42
N ASP C 211 34.76 20.28 -3.66
CA ASP C 211 36.08 20.79 -4.07
C ASP C 211 37.27 19.90 -3.67
N ILE C 212 37.09 18.57 -3.70
CA ILE C 212 38.12 17.59 -3.35
C ILE C 212 38.87 17.21 -4.66
N GLU C 213 40.11 17.65 -4.82
CA GLU C 213 40.87 17.36 -6.04
C GLU C 213 41.03 15.84 -6.31
N ARG C 214 41.38 15.06 -5.25
CA ARG C 214 41.54 13.60 -5.34
C ARG C 214 40.68 12.82 -4.30
N PRO C 215 39.37 12.56 -4.58
CA PRO C 215 38.52 11.84 -3.61
C PRO C 215 38.89 10.39 -3.28
N THR C 216 39.09 10.12 -1.96
CA THR C 216 39.41 8.80 -1.40
C THR C 216 38.11 8.05 -1.14
N TYR C 217 38.19 6.74 -0.80
CA TYR C 217 37.00 5.94 -0.49
C TYR C 217 36.33 6.50 0.74
N THR C 218 37.09 7.10 1.66
CA THR C 218 36.54 7.74 2.86
C THR C 218 35.68 8.93 2.45
N ASN C 219 36.11 9.71 1.43
CA ASN C 219 35.32 10.84 0.90
C ASN C 219 34.05 10.31 0.23
N LEU C 220 34.17 9.25 -0.61
CA LEU C 220 33.04 8.66 -1.32
C LEU C 220 32.02 8.05 -0.36
N ASN C 221 32.52 7.30 0.64
CA ASN C 221 31.69 6.61 1.61
C ASN C 221 30.89 7.52 2.51
N ARG C 222 31.45 8.69 2.88
CA ARG C 222 30.76 9.65 3.73
C ARG C 222 29.59 10.25 2.98
N LEU C 223 29.74 10.41 1.67
CA LEU C 223 28.65 10.92 0.85
C LEU C 223 27.57 9.85 0.68
N ILE C 224 27.99 8.61 0.34
CA ILE C 224 27.08 7.47 0.19
C ILE C 224 26.29 7.26 1.47
N SER C 225 26.96 7.34 2.64
CA SER C 225 26.30 7.14 3.94
C SER C 225 25.16 8.11 4.16
N GLN C 226 25.31 9.36 3.69
CA GLN C 226 24.24 10.35 3.79
C GLN C 226 23.02 9.91 3.01
N ILE C 227 23.23 9.32 1.81
CA ILE C 227 22.14 8.81 0.98
C ILE C 227 21.51 7.57 1.58
N VAL C 228 22.34 6.63 2.02
CA VAL C 228 21.84 5.40 2.66
C VAL C 228 21.00 5.77 3.90
N SER C 229 21.54 6.68 4.73
CA SER C 229 20.88 7.18 5.92
C SER C 229 19.51 7.76 5.58
N SER C 230 19.40 8.57 4.47
CA SER C 230 18.13 9.18 4.03
C SER C 230 17.10 8.12 3.72
N ILE C 231 17.53 7.02 3.06
CA ILE C 231 16.66 5.91 2.67
C ILE C 231 16.16 5.14 3.91
N THR C 232 17.04 4.86 4.87
CA THR C 232 16.76 4.08 6.09
C THR C 232 16.16 4.89 7.23
N ALA C 233 16.30 6.22 7.21
CA ALA C 233 15.76 7.09 8.26
C ALA C 233 14.24 6.88 8.43
N SER C 234 13.57 6.48 7.35
CA SER C 234 12.12 6.24 7.31
C SER C 234 11.74 5.09 8.26
N LEU C 235 12.68 4.18 8.47
CA LEU C 235 12.58 2.97 9.30
C LEU C 235 13.16 3.17 10.72
N ARG C 236 14.18 4.05 10.88
CA ARG C 236 14.90 4.34 12.12
C ARG C 236 14.34 5.47 12.96
N PHE C 237 13.40 6.26 12.36
CA PHE C 237 12.72 7.36 13.03
C PHE C 237 11.22 7.40 12.79
N ASP C 238 10.50 8.15 13.65
CA ASP C 238 9.07 8.40 13.58
C ASP C 238 8.89 9.93 13.40
N GLY C 239 8.56 10.35 12.18
CA GLY C 239 8.29 11.74 11.81
C GLY C 239 6.87 11.87 11.32
N ALA C 240 6.69 12.07 10.00
CA ALA C 240 5.41 12.16 9.30
C ALA C 240 5.55 11.47 7.93
N LEU C 241 4.51 10.75 7.46
CA LEU C 241 4.53 10.02 6.15
C LEU C 241 5.77 9.07 6.10
N ASN C 242 6.00 8.34 7.18
CA ASN C 242 7.18 7.54 7.42
C ASN C 242 7.75 6.68 6.26
N VAL C 243 7.04 5.68 5.66
CA VAL C 243 7.57 4.78 4.58
C VAL C 243 8.34 3.54 5.19
N ASP C 244 7.73 2.35 5.25
CA ASP C 244 8.45 1.16 5.71
C ASP C 244 9.12 0.52 4.50
N LEU C 245 9.73 -0.66 4.63
CA LEU C 245 10.44 -1.32 3.52
C LEU C 245 9.52 -1.78 2.42
N THR C 246 8.36 -2.38 2.80
CA THR C 246 7.40 -2.91 1.82
C THR C 246 6.75 -1.78 1.03
N GLU C 247 6.56 -0.61 1.68
CA GLU C 247 6.02 0.60 1.05
C GLU C 247 6.99 1.10 -0.02
N PHE C 248 8.33 1.08 0.26
CA PHE C 248 9.34 1.48 -0.73
C PHE C 248 9.13 0.66 -1.98
N GLN C 249 9.35 -0.66 -1.88
CA GLN C 249 9.19 -1.65 -2.95
C GLN C 249 7.91 -1.40 -3.80
N THR C 250 6.71 -1.49 -3.18
CA THR C 250 5.40 -1.34 -3.81
C THR C 250 5.25 -0.06 -4.61
N ASN C 251 5.77 1.04 -4.08
CA ASN C 251 5.63 2.31 -4.76
C ASN C 251 6.70 2.58 -5.76
N LEU C 252 7.73 1.74 -5.85
CA LEU C 252 8.84 2.02 -6.75
C LEU C 252 9.07 0.97 -7.80
N VAL C 253 8.59 -0.26 -7.58
CA VAL C 253 8.91 -1.37 -8.49
C VAL C 253 7.67 -1.85 -9.28
N PRO C 254 7.49 -1.41 -10.56
CA PRO C 254 6.28 -1.77 -11.32
C PRO C 254 6.21 -3.22 -11.77
N TYR C 255 7.40 -3.79 -12.00
CA TYR C 255 7.59 -5.15 -12.44
C TYR C 255 8.79 -5.66 -11.71
N PRO C 256 8.79 -6.93 -11.33
CA PRO C 256 9.93 -7.47 -10.57
C PRO C 256 11.31 -7.18 -11.13
N ARG C 257 11.52 -7.25 -12.46
CA ARG C 257 12.86 -7.02 -13.00
C ARG C 257 13.24 -5.57 -13.01
N ILE C 258 12.23 -4.69 -13.11
CA ILE C 258 12.41 -3.23 -13.16
C ILE C 258 12.52 -2.73 -11.72
N HIS C 259 13.60 -3.09 -11.03
CA HIS C 259 13.71 -2.74 -9.64
C HIS C 259 14.93 -1.91 -9.31
N PHE C 260 15.37 -1.04 -10.23
CA PHE C 260 16.60 -0.23 -10.04
C PHE C 260 16.33 1.28 -9.94
N PRO C 261 15.87 1.79 -8.77
CA PRO C 261 15.63 3.23 -8.66
C PRO C 261 16.90 4.06 -8.70
N LEU C 262 16.77 5.26 -9.26
CA LEU C 262 17.86 6.25 -9.32
C LEU C 262 17.75 7.17 -8.08
N ALA C 263 18.81 7.22 -7.27
CA ALA C 263 18.90 8.10 -6.11
C ALA C 263 19.53 9.47 -6.48
N THR C 264 18.93 10.54 -5.96
CA THR C 264 19.36 11.93 -6.18
C THR C 264 19.27 12.57 -4.82
N TYR C 265 20.30 13.27 -4.45
CA TYR C 265 20.37 13.87 -3.12
C TYR C 265 20.70 15.33 -3.19
N ALA C 266 20.09 16.13 -2.30
CA ALA C 266 20.31 17.58 -2.23
C ALA C 266 19.98 18.12 -0.84
N PRO C 267 20.77 19.08 -0.34
CA PRO C 267 21.98 19.70 -0.95
C PRO C 267 23.33 19.06 -0.59
N VAL C 268 24.28 19.09 -1.54
CA VAL C 268 25.67 18.64 -1.28
C VAL C 268 26.51 19.90 -1.36
N ILE C 269 26.86 20.45 -0.19
CA ILE C 269 27.56 21.73 0.00
C ILE C 269 28.83 21.49 0.82
N SER C 270 29.91 22.18 0.42
CA SER C 270 31.19 22.07 1.09
C SER C 270 31.09 22.77 2.44
N ALA C 271 31.75 22.19 3.45
CA ALA C 271 31.78 22.73 4.80
C ALA C 271 32.52 24.07 4.83
N GLU C 272 33.43 24.28 3.88
CA GLU C 272 34.21 25.50 3.70
C GLU C 272 33.43 26.61 2.96
N LYS C 273 32.43 26.26 2.13
CA LYS C 273 31.63 27.18 1.29
C LYS C 273 31.07 28.41 2.05
N ALA C 274 31.80 29.54 1.89
CA ALA C 274 31.57 30.88 2.47
C ALA C 274 30.35 30.99 3.43
N TYR C 275 29.17 31.44 2.93
CA TYR C 275 27.90 31.56 3.66
C TYR C 275 26.76 31.57 2.65
N HIS C 276 25.62 30.96 3.03
CA HIS C 276 24.42 30.83 2.19
C HIS C 276 23.18 30.67 3.04
N GLU C 277 22.10 31.36 2.64
CA GLU C 277 20.79 31.24 3.27
C GLU C 277 20.30 29.85 2.91
N GLN C 278 19.78 29.12 3.92
CA GLN C 278 19.29 27.74 3.82
C GLN C 278 18.18 27.55 2.77
N LEU C 279 18.53 26.79 1.72
CA LEU C 279 17.73 26.39 0.56
C LEU C 279 16.32 25.94 0.95
N SER C 280 15.30 26.44 0.26
CA SER C 280 13.89 26.14 0.52
C SER C 280 13.54 24.71 0.10
N VAL C 281 12.35 24.26 0.54
CA VAL C 281 11.83 22.94 0.17
C VAL C 281 11.71 22.85 -1.38
N ALA C 282 11.24 23.93 -2.02
CA ALA C 282 11.10 24.02 -3.47
C ALA C 282 12.45 23.87 -4.17
N GLU C 283 13.50 24.58 -3.64
CA GLU C 283 14.85 24.58 -4.21
C GLU C 283 15.50 23.22 -4.15
N ILE C 284 15.42 22.53 -3.00
CA ILE C 284 16.01 21.21 -2.81
C ILE C 284 15.24 20.15 -3.62
N THR C 285 13.92 20.33 -3.77
CA THR C 285 13.10 19.39 -4.55
C THR C 285 13.41 19.52 -6.04
N ASN C 286 13.54 20.78 -6.51
CA ASN C 286 13.87 21.05 -7.91
C ASN C 286 15.27 20.53 -8.28
N ALA C 287 16.20 20.51 -7.30
CA ALA C 287 17.56 19.99 -7.45
C ALA C 287 17.58 18.48 -7.70
N CYS C 288 16.50 17.78 -7.36
CA CYS C 288 16.43 16.34 -7.55
C CYS C 288 16.24 15.92 -8.99
N PHE C 289 15.91 16.90 -9.83
CA PHE C 289 15.72 16.70 -11.25
C PHE C 289 16.92 17.26 -12.06
N GLU C 290 18.01 17.62 -11.35
CA GLU C 290 19.26 18.09 -11.94
C GLU C 290 20.23 16.92 -11.98
N PRO C 291 20.78 16.59 -13.18
CA PRO C 291 21.66 15.42 -13.31
C PRO C 291 22.92 15.44 -12.47
N ALA C 292 23.36 16.65 -12.10
CA ALA C 292 24.56 16.86 -11.32
C ALA C 292 24.54 16.17 -9.96
N ASN C 293 23.35 16.07 -9.40
CA ASN C 293 23.11 15.55 -8.07
C ASN C 293 22.83 14.03 -8.00
N GLN C 294 22.70 13.37 -9.18
CA GLN C 294 22.41 11.93 -9.31
C GLN C 294 23.50 10.98 -8.81
N MET C 295 23.11 9.80 -8.27
CA MET C 295 24.01 8.75 -7.80
C MET C 295 24.43 7.86 -8.95
N VAL C 296 23.73 7.91 -10.08
CA VAL C 296 24.07 7.15 -11.28
C VAL C 296 24.08 8.12 -12.43
N LYS C 297 25.18 8.12 -13.20
CA LYS C 297 25.35 8.97 -14.38
C LYS C 297 24.48 8.47 -15.50
N CYS C 298 23.42 9.23 -15.80
CA CYS C 298 22.42 8.98 -16.83
C CYS C 298 21.64 10.26 -17.09
N ASP C 299 20.73 10.24 -18.11
CA ASP C 299 19.92 11.39 -18.48
C ASP C 299 18.40 11.12 -18.41
N PRO C 300 17.79 11.41 -17.24
CA PRO C 300 16.33 11.23 -17.09
C PRO C 300 15.48 12.13 -17.97
N ARG C 301 16.08 13.19 -18.50
CA ARG C 301 15.38 14.15 -19.40
C ARG C 301 15.06 13.48 -20.75
N HIS C 302 15.74 12.37 -21.06
CA HIS C 302 15.56 11.61 -22.30
C HIS C 302 15.01 10.25 -21.99
N GLY C 303 14.38 10.15 -20.83
CA GLY C 303 13.71 8.97 -20.35
C GLY C 303 12.33 9.30 -19.84
N LYS C 304 11.64 8.28 -19.30
CA LYS C 304 10.33 8.43 -18.70
C LYS C 304 10.33 7.91 -17.30
N TYR C 305 9.62 8.58 -16.39
CA TYR C 305 9.48 8.15 -15.01
C TYR C 305 8.34 7.19 -14.84
N MET C 306 8.49 6.24 -13.90
CA MET C 306 7.46 5.29 -13.56
C MET C 306 7.01 5.52 -12.16
N ALA C 307 7.87 6.08 -11.31
CA ALA C 307 7.58 6.33 -9.90
C ALA C 307 8.61 7.28 -9.32
N CYS C 308 8.21 8.01 -8.28
CA CYS C 308 9.05 8.98 -7.60
C CYS C 308 8.75 9.02 -6.12
N CYS C 309 9.77 8.83 -5.32
CA CYS C 309 9.67 8.91 -3.89
C CYS C 309 10.55 10.04 -3.40
N LEU C 310 10.01 10.88 -2.52
CA LEU C 310 10.76 11.98 -1.95
C LEU C 310 10.88 11.80 -0.47
N LEU C 311 12.12 11.66 -0.03
CA LEU C 311 12.45 11.45 1.38
C LEU C 311 13.10 12.70 1.94
N TYR C 312 12.31 13.48 2.66
CA TYR C 312 12.73 14.73 3.27
C TYR C 312 13.14 14.52 4.68
N ARG C 313 14.13 15.31 5.09
CA ARG C 313 14.59 15.25 6.46
C ARG C 313 14.92 16.65 6.96
N GLY C 314 14.55 16.92 8.20
CA GLY C 314 14.79 18.20 8.85
C GLY C 314 13.61 19.13 8.90
N ASP C 315 13.87 20.43 8.77
CA ASP C 315 12.83 21.46 8.82
C ASP C 315 11.97 21.48 7.54
N VAL C 316 11.04 20.51 7.45
CA VAL C 316 10.16 20.32 6.30
C VAL C 316 8.72 20.15 6.75
N VAL C 317 7.79 20.88 6.11
CA VAL C 317 6.33 20.92 6.34
C VAL C 317 5.58 20.33 5.14
N PRO C 318 4.55 19.48 5.35
CA PRO C 318 3.77 18.93 4.21
C PRO C 318 3.29 19.93 3.17
N LYS C 319 2.76 21.09 3.62
CA LYS C 319 2.26 22.15 2.74
C LYS C 319 3.34 22.61 1.73
N ASP C 320 4.58 22.76 2.18
CA ASP C 320 5.69 23.19 1.32
C ASP C 320 6.09 22.10 0.31
N VAL C 321 6.04 20.81 0.76
CA VAL C 321 6.35 19.63 -0.05
C VAL C 321 5.30 19.51 -1.17
N ASN C 322 4.01 19.59 -0.79
CA ASN C 322 2.89 19.48 -1.72
C ASN C 322 2.92 20.57 -2.75
N ALA C 323 3.30 21.80 -2.36
CA ALA C 323 3.42 22.93 -3.28
C ALA C 323 4.58 22.67 -4.24
N ALA C 324 5.73 22.16 -3.71
CA ALA C 324 6.91 21.85 -4.52
C ALA C 324 6.61 20.75 -5.56
N ILE C 325 5.88 19.69 -5.15
CA ILE C 325 5.47 18.60 -6.04
C ILE C 325 4.47 19.12 -7.09
N ALA C 326 3.57 20.04 -6.69
CA ALA C 326 2.59 20.64 -7.60
C ALA C 326 3.28 21.33 -8.77
N THR C 327 4.37 22.09 -8.51
CA THR C 327 5.09 22.79 -9.56
C THR C 327 5.82 21.80 -10.50
N ILE C 328 6.33 20.71 -9.95
CA ILE C 328 7.05 19.69 -10.71
C ILE C 328 6.11 18.92 -11.66
N LYS C 329 4.89 18.60 -11.19
CA LYS C 329 3.85 17.90 -11.94
C LYS C 329 3.48 18.68 -13.24
N THR C 330 3.46 20.02 -13.17
CA THR C 330 3.17 20.93 -14.28
C THR C 330 4.36 21.09 -15.27
N LYS C 331 5.59 20.69 -14.89
CA LYS C 331 6.77 20.75 -15.75
C LYS C 331 6.63 19.82 -16.97
N ARG C 332 6.80 20.36 -18.21
CA ARG C 332 6.71 19.64 -19.49
C ARG C 332 7.88 18.64 -19.63
N SER C 333 9.11 19.05 -19.16
CA SER C 333 10.27 18.19 -18.97
C SER C 333 9.75 17.26 -17.82
N ILE C 334 10.42 16.14 -17.48
CA ILE C 334 9.81 15.23 -16.47
C ILE C 334 8.52 14.60 -17.04
N GLN C 335 8.70 13.64 -17.93
CA GLN C 335 7.66 12.86 -18.54
C GLN C 335 7.49 11.55 -17.80
N PHE C 336 6.25 11.28 -17.39
CA PHE C 336 5.85 10.04 -16.73
C PHE C 336 5.23 9.15 -17.78
N VAL C 337 5.21 7.81 -17.53
CA VAL C 337 4.61 6.95 -18.55
C VAL C 337 3.07 7.13 -18.54
N ASP C 338 2.44 6.77 -19.65
CA ASP C 338 0.99 6.94 -19.77
C ASP C 338 0.20 5.95 -18.90
N TRP C 339 0.88 4.91 -18.42
CA TRP C 339 0.19 3.95 -17.57
C TRP C 339 0.34 4.27 -16.09
N CYS C 340 0.73 5.50 -15.75
CA CYS C 340 0.97 5.86 -14.36
C CYS C 340 0.15 7.10 -13.85
N PRO C 341 -1.13 6.96 -13.46
CA PRO C 341 -1.78 8.09 -12.78
C PRO C 341 -1.10 8.15 -11.40
N THR C 342 -0.22 9.17 -11.18
CA THR C 342 0.64 9.30 -9.97
C THR C 342 1.48 8.01 -9.71
N GLY C 343 2.77 8.15 -9.49
CA GLY C 343 3.47 9.40 -9.37
C GLY C 343 4.36 9.35 -8.15
N PHE C 344 3.98 10.14 -7.14
CA PHE C 344 4.77 10.40 -5.94
C PHE C 344 4.35 9.70 -4.64
N LYS C 345 5.38 9.44 -3.80
CA LYS C 345 5.33 8.92 -2.42
C LYS C 345 6.27 9.84 -1.61
N VAL C 346 5.79 10.40 -0.51
CA VAL C 346 6.55 11.34 0.31
C VAL C 346 6.77 10.80 1.73
N GLY C 347 7.92 11.12 2.28
CA GLY C 347 8.28 10.77 3.63
C GLY C 347 8.96 11.96 4.24
N ILE C 348 8.54 12.33 5.44
CA ILE C 348 9.15 13.44 6.16
C ILE C 348 9.64 12.94 7.49
N ASN C 349 10.90 13.19 7.78
CA ASN C 349 11.49 12.86 9.06
C ASN C 349 12.02 14.16 9.63
N TYR C 350 11.55 14.53 10.79
CA TYR C 350 11.89 15.81 11.40
C TYR C 350 13.34 15.90 11.87
N GLN C 351 14.00 14.74 12.09
CA GLN C 351 15.39 14.66 12.51
C GLN C 351 16.31 15.20 11.42
N PRO C 352 17.01 16.32 11.73
CA PRO C 352 17.81 17.01 10.71
C PRO C 352 19.00 16.24 10.21
N PRO C 353 19.55 16.61 9.05
CA PRO C 353 20.75 15.91 8.52
C PRO C 353 21.95 16.04 9.44
N THR C 354 22.56 14.91 9.78
CA THR C 354 23.71 14.88 10.69
C THR C 354 24.93 14.77 9.83
N VAL C 355 25.98 15.46 10.25
CA VAL C 355 27.25 15.45 9.57
C VAL C 355 28.36 14.93 10.51
N VAL C 356 29.30 14.16 9.92
CA VAL C 356 30.38 13.61 10.67
C VAL C 356 31.38 14.76 10.92
N PRO C 357 31.72 15.02 12.21
CA PRO C 357 32.72 16.06 12.49
C PRO C 357 34.08 15.72 11.86
N GLY C 358 34.70 16.71 11.23
CA GLY C 358 35.95 16.56 10.51
C GLY C 358 35.73 16.18 9.04
N GLY C 359 34.47 16.06 8.65
CA GLY C 359 34.06 15.71 7.30
C GLY C 359 34.09 16.87 6.30
N ASP C 360 33.59 16.61 5.08
CA ASP C 360 33.59 17.56 3.96
C ASP C 360 32.26 18.29 3.79
N LEU C 361 31.16 17.64 4.20
CA LEU C 361 29.81 18.16 4.08
C LEU C 361 29.44 19.19 5.13
N ALA C 362 28.66 20.19 4.68
CA ALA C 362 28.12 21.26 5.51
C ALA C 362 26.81 20.86 6.19
N LYS C 363 26.58 21.42 7.38
CA LYS C 363 25.36 21.19 8.16
C LYS C 363 24.25 21.97 7.47
N VAL C 364 23.13 21.30 7.20
CA VAL C 364 21.96 21.95 6.58
C VAL C 364 20.68 21.74 7.44
N GLN C 365 19.70 22.66 7.35
CA GLN C 365 18.43 22.60 8.09
C GLN C 365 17.50 21.55 7.49
N ARG C 366 17.53 21.43 6.14
CA ARG C 366 16.71 20.51 5.39
C ARG C 366 17.45 19.91 4.19
N ALA C 367 17.16 18.64 3.95
CA ALA C 367 17.71 17.88 2.84
C ALA C 367 16.64 16.92 2.30
N VAL C 368 16.90 16.38 1.12
CA VAL C 368 15.99 15.47 0.45
C VAL C 368 16.77 14.46 -0.37
N CYS C 369 16.24 13.24 -0.38
CA CYS C 369 16.73 12.17 -1.22
C CYS C 369 15.55 11.67 -2.05
N MET C 370 15.71 11.77 -3.35
CA MET C 370 14.69 11.32 -4.26
C MET C 370 15.09 9.97 -4.80
N LEU C 371 14.12 9.06 -4.85
CA LEU C 371 14.28 7.73 -5.43
C LEU C 371 13.29 7.66 -6.55
N SER C 372 13.80 7.68 -7.76
CA SER C 372 12.95 7.67 -8.96
C SER C 372 13.24 6.49 -9.85
N ASN C 373 12.16 5.82 -10.30
CA ASN C 373 12.29 4.71 -11.22
C ASN C 373 12.12 5.27 -12.64
N THR C 374 13.25 5.54 -13.28
CA THR C 374 13.33 6.09 -14.62
C THR C 374 13.93 5.07 -15.60
N THR C 375 13.44 5.04 -16.82
CA THR C 375 13.95 4.22 -17.93
C THR C 375 15.41 4.63 -18.31
N ALA C 376 15.83 5.81 -17.87
CA ALA C 376 17.14 6.36 -18.13
C ALA C 376 18.24 5.58 -17.42
N ILE C 377 17.91 4.82 -16.36
CA ILE C 377 18.90 4.01 -15.64
C ILE C 377 19.44 2.85 -16.51
N ALA C 378 18.76 2.50 -17.61
CA ALA C 378 19.19 1.47 -18.55
C ALA C 378 20.47 1.90 -19.25
N GLU C 379 20.72 3.22 -19.31
CA GLU C 379 21.93 3.76 -19.92
C GLU C 379 23.16 3.21 -19.22
N ALA C 380 23.07 2.98 -17.89
CA ALA C 380 24.12 2.41 -17.05
C ALA C 380 24.34 0.92 -17.41
N TRP C 381 23.29 0.17 -17.72
CA TRP C 381 23.42 -1.23 -18.12
C TRP C 381 24.08 -1.30 -19.48
N ALA C 382 23.70 -0.38 -20.40
CA ALA C 382 24.24 -0.31 -21.74
C ALA C 382 25.76 -0.13 -21.73
N ARG C 383 26.26 0.78 -20.86
CA ARG C 383 27.71 1.05 -20.75
C ARG C 383 28.46 -0.19 -20.23
N LEU C 384 27.93 -0.83 -19.18
CA LEU C 384 28.51 -2.02 -18.56
C LEU C 384 28.51 -3.19 -19.52
N ASP C 385 27.39 -3.39 -20.22
CA ASP C 385 27.24 -4.47 -21.19
C ASP C 385 28.22 -4.32 -22.34
N HIS C 386 28.52 -3.07 -22.75
CA HIS C 386 29.45 -2.82 -23.81
C HIS C 386 30.88 -3.20 -23.38
N LYS C 387 31.27 -2.84 -22.15
CA LYS C 387 32.58 -3.20 -21.62
C LYS C 387 32.74 -4.72 -21.56
N PHE C 388 31.67 -5.41 -21.14
CA PHE C 388 31.58 -6.86 -21.10
C PHE C 388 31.79 -7.42 -22.51
N ASP C 389 31.06 -6.88 -23.49
CA ASP C 389 31.12 -7.35 -24.88
C ASP C 389 32.48 -7.18 -25.53
N LEU C 390 33.16 -6.07 -25.22
CA LEU C 390 34.49 -5.80 -25.73
C LEU C 390 35.47 -6.94 -25.40
N MET C 391 35.51 -7.34 -24.15
CA MET C 391 36.36 -8.40 -23.67
C MET C 391 35.84 -9.78 -24.04
N TYR C 392 34.55 -10.06 -23.82
CA TYR C 392 34.00 -11.40 -24.10
C TYR C 392 34.11 -11.83 -25.56
N ALA C 393 34.13 -10.88 -26.51
CA ALA C 393 34.22 -11.23 -27.93
C ALA C 393 35.51 -11.99 -28.20
N LYS C 394 36.55 -11.67 -27.43
CA LYS C 394 37.89 -12.25 -27.52
C LYS C 394 38.07 -13.31 -26.42
N ARG C 395 37.06 -13.50 -25.54
CA ARG C 395 37.12 -14.41 -24.39
C ARG C 395 38.29 -14.04 -23.47
N ALA C 396 38.68 -12.75 -23.47
CA ALA C 396 39.76 -12.23 -22.65
C ALA C 396 39.41 -12.45 -21.18
N PHE C 397 40.30 -13.10 -20.41
CA PHE C 397 40.24 -13.37 -18.96
C PHE C 397 39.30 -14.46 -18.55
N VAL C 398 38.49 -14.98 -19.50
CA VAL C 398 37.47 -15.99 -19.23
C VAL C 398 38.06 -17.26 -18.61
N HIS C 399 39.31 -17.61 -18.97
CA HIS C 399 39.98 -18.77 -18.43
C HIS C 399 40.07 -18.75 -16.89
N TRP C 400 40.16 -17.55 -16.29
CA TRP C 400 40.26 -17.41 -14.85
C TRP C 400 38.98 -17.90 -14.16
N TYR C 401 37.84 -17.74 -14.83
CA TYR C 401 36.51 -18.15 -14.36
C TYR C 401 36.29 -19.64 -14.57
N VAL C 402 36.58 -20.10 -15.79
CA VAL C 402 36.50 -21.49 -16.22
C VAL C 402 37.42 -22.36 -15.36
N GLY C 403 38.57 -21.82 -14.97
CA GLY C 403 39.54 -22.49 -14.12
C GLY C 403 38.98 -22.85 -12.75
N GLU C 404 37.97 -22.08 -12.32
CA GLU C 404 37.28 -22.25 -11.04
C GLU C 404 35.96 -23.05 -11.15
N GLY C 405 35.75 -23.71 -12.28
CA GLY C 405 34.60 -24.59 -12.48
C GLY C 405 33.41 -23.99 -13.22
N MET C 406 33.50 -22.70 -13.56
CA MET C 406 32.45 -22.04 -14.32
C MET C 406 32.49 -22.52 -15.77
N GLU C 407 31.42 -22.29 -16.54
CA GLU C 407 31.34 -22.67 -17.96
C GLU C 407 31.14 -21.38 -18.77
N GLU C 408 31.57 -21.37 -20.05
CA GLU C 408 31.38 -20.20 -20.95
C GLU C 408 29.90 -19.93 -21.17
N GLY C 409 29.09 -20.98 -21.05
CA GLY C 409 27.65 -20.88 -21.17
C GLY C 409 27.01 -19.94 -20.17
N GLU C 410 27.57 -19.87 -18.95
CA GLU C 410 27.08 -19.00 -17.88
C GLU C 410 27.24 -17.55 -18.26
N PHE C 411 28.35 -17.21 -18.97
CA PHE C 411 28.63 -15.87 -19.47
C PHE C 411 27.58 -15.43 -20.52
N SER C 412 27.23 -16.31 -21.48
CA SER C 412 26.23 -16.06 -22.51
C SER C 412 24.82 -15.92 -21.88
N GLU C 413 24.49 -16.81 -20.91
CA GLU C 413 23.21 -16.83 -20.20
C GLU C 413 23.08 -15.52 -19.43
N ALA C 414 24.14 -15.07 -18.73
CA ALA C 414 24.13 -13.80 -18.00
C ALA C 414 23.98 -12.60 -18.95
N ARG C 415 24.70 -12.62 -20.08
CA ARG C 415 24.64 -11.56 -21.08
C ARG C 415 23.27 -11.47 -21.74
N GLU C 416 22.65 -12.62 -22.07
CA GLU C 416 21.32 -12.66 -22.67
C GLU C 416 20.31 -12.06 -21.70
N ASP C 417 20.43 -12.34 -20.38
CA ASP C 417 19.58 -11.78 -19.35
C ASP C 417 19.71 -10.27 -19.31
N MET C 418 20.93 -9.73 -19.49
CA MET C 418 21.16 -8.29 -19.53
C MET C 418 20.54 -7.66 -20.78
N ALA C 419 20.62 -8.38 -21.93
CA ALA C 419 20.04 -7.95 -23.19
C ALA C 419 18.54 -7.85 -23.04
N ALA C 420 17.93 -8.86 -22.37
CA ALA C 420 16.50 -8.91 -22.08
C ALA C 420 16.10 -7.79 -21.14
N LEU C 421 16.94 -7.47 -20.14
CA LEU C 421 16.69 -6.39 -19.19
C LEU C 421 16.71 -5.03 -19.89
N GLU C 422 17.68 -4.81 -20.80
CA GLU C 422 17.76 -3.58 -21.57
C GLU C 422 16.50 -3.42 -22.41
N LYS C 423 16.04 -4.54 -23.00
CA LYS C 423 14.86 -4.62 -23.84
C LYS C 423 13.60 -4.37 -23.00
N ASP C 424 13.57 -4.85 -21.74
CA ASP C 424 12.45 -4.64 -20.83
C ASP C 424 12.25 -3.16 -20.57
N TYR C 425 13.35 -2.42 -20.30
CA TYR C 425 13.33 -0.97 -20.09
C TYR C 425 12.86 -0.19 -21.34
N GLU C 426 13.13 -0.74 -22.54
CA GLU C 426 12.69 -0.14 -23.81
C GLU C 426 11.18 -0.23 -23.88
N GLU C 427 10.64 -1.45 -23.63
CA GLU C 427 9.22 -1.79 -23.70
C GLU C 427 8.35 -1.04 -22.67
N VAL C 428 8.91 -0.79 -21.50
CA VAL C 428 8.18 -0.14 -20.42
C VAL C 428 7.84 1.33 -20.72
N GLY C 429 8.56 1.93 -21.64
CA GLY C 429 8.30 3.33 -22.00
C GLY C 429 7.70 3.50 -23.37
N VAL C 430 7.18 2.42 -23.94
CA VAL C 430 6.67 2.50 -25.31
C VAL C 430 5.38 3.34 -25.43
N ASP C 431 4.42 3.28 -24.45
CA ASP C 431 3.10 3.97 -24.54
C ASP C 431 2.11 3.11 -25.34
N SER C 432 0.90 2.87 -24.78
CA SER C 432 -0.18 2.06 -25.38
C SER C 432 -1.21 2.97 -26.10
N VAL C 433 -2.46 2.45 -26.37
CA VAL C 433 -3.59 3.20 -26.99
C VAL C 433 -4.87 3.07 -26.15
N MET D 1 46.41 -14.72 1.25
CA MET D 1 47.54 -14.69 0.34
C MET D 1 48.67 -13.93 0.97
N ARG D 2 49.60 -14.67 1.61
CA ARG D 2 50.69 -14.07 2.33
C ARG D 2 52.05 -14.52 1.85
N GLU D 3 52.49 -15.72 2.22
CA GLU D 3 53.84 -16.18 1.94
C GLU D 3 54.20 -16.53 0.49
N ILE D 4 55.36 -16.03 0.01
CA ILE D 4 55.94 -16.38 -1.28
C ILE D 4 57.22 -17.22 -0.98
N VAL D 5 57.37 -18.37 -1.67
CA VAL D 5 58.53 -19.23 -1.54
C VAL D 5 59.42 -18.92 -2.75
N HIS D 6 60.62 -18.43 -2.48
CA HIS D 6 61.57 -18.02 -3.51
C HIS D 6 62.55 -19.12 -3.78
N ILE D 7 62.73 -19.41 -5.06
CA ILE D 7 63.69 -20.42 -5.48
C ILE D 7 64.68 -19.80 -6.47
N GLN D 8 65.98 -20.06 -6.29
CA GLN D 8 67.00 -19.57 -7.22
C GLN D 8 67.80 -20.76 -7.70
N ALA D 9 67.82 -20.92 -9.03
CA ALA D 9 68.49 -22.07 -9.62
C ALA D 9 69.58 -21.71 -10.64
N GLY D 10 70.74 -22.37 -10.51
CA GLY D 10 71.87 -22.19 -11.41
C GLY D 10 72.72 -20.96 -11.12
N GLN D 11 73.76 -20.75 -11.95
CA GLN D 11 74.69 -19.61 -11.86
C GLN D 11 73.94 -18.28 -11.92
N CYS D 12 73.23 -18.05 -13.05
CA CYS D 12 72.43 -16.85 -13.22
C CYS D 12 71.33 -16.66 -12.18
N GLY D 13 70.60 -17.72 -11.89
CA GLY D 13 69.55 -17.69 -10.90
C GLY D 13 70.03 -17.26 -9.52
N ASN D 14 71.17 -17.83 -9.06
CA ASN D 14 71.74 -17.52 -7.74
C ASN D 14 72.41 -16.16 -7.69
N GLN D 15 72.90 -15.67 -8.81
CA GLN D 15 73.52 -14.37 -8.90
C GLN D 15 72.48 -13.25 -8.81
N ILE D 16 71.44 -13.32 -9.65
CA ILE D 16 70.35 -12.33 -9.65
C ILE D 16 69.48 -12.49 -8.33
N GLY D 17 69.35 -13.73 -7.86
CA GLY D 17 68.60 -14.03 -6.64
C GLY D 17 69.21 -13.41 -5.40
N ALA D 18 70.56 -13.52 -5.25
CA ALA D 18 71.32 -12.90 -4.17
C ALA D 18 71.16 -11.38 -4.21
N LYS D 19 71.30 -10.77 -5.43
CA LYS D 19 71.18 -9.32 -5.64
C LYS D 19 69.78 -8.83 -5.27
N PHE D 20 68.73 -9.64 -5.58
CA PHE D 20 67.34 -9.35 -5.18
C PHE D 20 67.24 -9.28 -3.64
N TRP D 21 67.76 -10.31 -2.95
CA TRP D 21 67.75 -10.37 -1.50
C TRP D 21 68.56 -9.25 -0.84
N GLU D 22 69.69 -8.82 -1.44
CA GLU D 22 70.49 -7.71 -0.91
C GLU D 22 69.67 -6.42 -1.01
N VAL D 23 69.06 -6.19 -2.19
CA VAL D 23 68.29 -4.96 -2.44
C VAL D 23 67.03 -4.88 -1.58
N ILE D 24 66.22 -5.95 -1.53
CA ILE D 24 64.98 -5.87 -0.78
C ILE D 24 65.24 -5.87 0.74
N SER D 25 66.34 -6.50 1.21
CA SER D 25 66.67 -6.44 2.63
C SER D 25 67.02 -5.02 3.03
N ASP D 26 67.74 -4.28 2.16
CA ASP D 26 68.09 -2.90 2.44
C ASP D 26 66.82 -2.03 2.57
N GLU D 27 65.86 -2.19 1.63
CA GLU D 27 64.57 -1.47 1.62
C GLU D 27 63.76 -1.75 2.88
N HIS D 28 63.75 -3.01 3.33
CA HIS D 28 63.00 -3.46 4.49
C HIS D 28 63.74 -3.29 5.82
N GLY D 29 64.97 -2.80 5.76
CA GLY D 29 65.80 -2.55 6.95
C GLY D 29 66.42 -3.78 7.60
N ILE D 30 66.54 -4.87 6.83
CA ILE D 30 67.13 -6.11 7.30
C ILE D 30 68.65 -6.10 6.97
N ASP D 31 69.51 -6.29 8.00
CA ASP D 31 70.97 -6.35 7.84
C ASP D 31 71.42 -7.80 7.55
N PRO D 32 72.69 -8.09 7.16
CA PRO D 32 73.06 -9.49 6.86
C PRO D 32 72.92 -10.52 7.99
N THR D 33 72.73 -10.08 9.26
CA THR D 33 72.52 -11.01 10.38
C THR D 33 71.02 -11.34 10.57
N GLY D 34 70.16 -10.68 9.78
CA GLY D 34 68.70 -10.83 9.82
C GLY D 34 67.99 -9.88 10.78
N SER D 35 68.75 -8.94 11.38
CA SER D 35 68.17 -7.98 12.33
C SER D 35 67.58 -6.77 11.61
N TYR D 36 66.44 -6.25 12.13
CA TYR D 36 65.79 -5.06 11.60
C TYR D 36 66.38 -3.81 12.27
N HIS D 37 66.66 -2.76 11.46
CA HIS D 37 67.23 -1.50 11.94
C HIS D 37 66.70 -0.27 11.21
N GLY D 38 65.50 -0.38 10.63
CA GLY D 38 64.87 0.71 9.90
C GLY D 38 64.14 1.68 10.79
N ASP D 39 63.60 2.75 10.18
CA ASP D 39 62.87 3.76 10.94
C ASP D 39 61.45 4.01 10.39
N SER D 40 60.87 2.98 9.73
CA SER D 40 59.50 3.05 9.18
C SER D 40 58.75 1.76 9.46
N ASP D 41 57.51 1.89 9.94
CA ASP D 41 56.67 0.73 10.23
C ASP D 41 56.11 0.10 8.95
N LEU D 42 56.20 0.80 7.80
CA LEU D 42 55.78 0.30 6.49
C LEU D 42 56.73 -0.81 6.00
N GLN D 43 58.00 -0.76 6.42
CA GLN D 43 59.06 -1.71 6.05
C GLN D 43 58.74 -3.10 6.56
N LEU D 44 58.10 -3.21 7.76
CA LEU D 44 57.75 -4.47 8.42
C LEU D 44 56.31 -4.95 8.26
N GLU D 45 55.40 -4.12 7.68
CA GLU D 45 53.98 -4.50 7.55
C GLU D 45 53.78 -5.81 6.78
N ARG D 46 54.49 -5.95 5.64
CA ARG D 46 54.37 -7.12 4.81
C ARG D 46 55.68 -7.90 4.72
N ILE D 47 56.57 -7.81 5.75
CA ILE D 47 57.84 -8.56 5.73
C ILE D 47 57.64 -10.04 5.58
N ASN D 48 56.51 -10.53 6.09
CA ASN D 48 56.10 -11.93 6.14
C ASN D 48 55.99 -12.54 4.76
N VAL D 49 55.84 -11.74 3.68
CA VAL D 49 55.67 -12.26 2.31
C VAL D 49 56.96 -12.94 1.83
N TYR D 50 58.11 -12.34 2.13
CA TYR D 50 59.38 -12.88 1.70
C TYR D 50 60.25 -13.42 2.82
N TYR D 51 59.96 -13.05 4.09
CA TYR D 51 60.78 -13.48 5.22
C TYR D 51 60.01 -14.26 6.26
N ASN D 52 60.70 -15.24 6.83
CA ASN D 52 60.21 -16.07 7.92
C ASN D 52 60.71 -15.39 9.20
N GLU D 53 59.85 -15.34 10.25
CA GLU D 53 60.29 -14.71 11.50
C GLU D 53 60.95 -15.71 12.39
N ALA D 54 62.25 -15.49 12.65
CA ALA D 54 63.10 -16.36 13.45
C ALA D 54 63.22 -15.86 14.87
N THR D 55 63.69 -16.72 15.79
CA THR D 55 63.82 -16.40 17.20
C THR D 55 64.90 -15.31 17.40
N GLY D 56 64.60 -14.36 18.28
CA GLY D 56 65.46 -13.22 18.59
C GLY D 56 65.20 -12.04 17.67
N ASN D 57 63.90 -11.85 17.32
CA ASN D 57 63.33 -10.82 16.41
C ASN D 57 64.13 -10.67 15.09
N LYS D 58 64.57 -11.82 14.55
CA LYS D 58 65.30 -11.84 13.29
C LYS D 58 64.43 -12.34 12.13
N TYR D 59 64.85 -12.03 10.90
CA TYR D 59 64.13 -12.35 9.68
C TYR D 59 65.02 -13.14 8.75
N VAL D 60 64.48 -14.25 8.23
CA VAL D 60 65.20 -15.14 7.34
C VAL D 60 64.48 -15.26 6.02
N PRO D 61 65.14 -14.92 4.89
CA PRO D 61 64.53 -15.12 3.58
C PRO D 61 63.94 -16.51 3.40
N ARG D 62 62.72 -16.59 2.86
CA ARG D 62 62.06 -17.85 2.54
C ARG D 62 62.57 -18.18 1.13
N ALA D 63 63.88 -18.53 1.09
CA ALA D 63 64.65 -18.77 -0.12
C ALA D 63 65.31 -20.12 -0.15
N ILE D 64 65.25 -20.78 -1.31
CA ILE D 64 65.86 -22.08 -1.57
C ILE D 64 66.88 -21.85 -2.67
N LEU D 65 68.14 -22.22 -2.38
CA LEU D 65 69.25 -21.99 -3.29
C LEU D 65 69.65 -23.31 -3.91
N VAL D 66 69.52 -23.42 -5.24
CA VAL D 66 69.77 -24.66 -5.96
C VAL D 66 70.82 -24.49 -7.04
N ASP D 67 71.67 -25.51 -7.21
CA ASP D 67 72.70 -25.62 -8.25
C ASP D 67 73.29 -27.00 -8.32
N LEU D 68 73.65 -27.42 -9.53
CA LEU D 68 74.31 -28.70 -9.78
C LEU D 68 75.81 -28.55 -9.60
N GLU D 69 76.31 -27.31 -9.69
CA GLU D 69 77.71 -26.94 -9.53
C GLU D 69 77.86 -26.38 -8.09
N PRO D 70 78.79 -26.89 -7.28
CA PRO D 70 78.87 -26.36 -5.90
C PRO D 70 79.42 -24.94 -5.77
N GLY D 71 80.27 -24.53 -6.71
CA GLY D 71 80.98 -23.26 -6.72
C GLY D 71 80.20 -21.99 -6.49
N THR D 72 79.05 -21.86 -7.17
CA THR D 72 78.20 -20.68 -7.11
C THR D 72 77.65 -20.40 -5.71
N MET D 73 77.17 -21.44 -5.01
CA MET D 73 76.61 -21.25 -3.67
C MET D 73 77.70 -20.94 -2.60
N ASP D 74 78.98 -21.22 -2.89
CA ASP D 74 80.10 -20.84 -2.03
C ASP D 74 80.29 -19.31 -2.17
N SER D 75 80.22 -18.80 -3.43
CA SER D 75 80.29 -17.39 -3.78
C SER D 75 79.12 -16.62 -3.11
N VAL D 76 77.88 -17.21 -3.08
CA VAL D 76 76.70 -16.63 -2.41
C VAL D 76 76.99 -16.50 -0.92
N ARG D 77 77.35 -17.64 -0.24
CA ARG D 77 77.69 -17.74 1.20
C ARG D 77 78.71 -16.69 1.65
N SER D 78 79.67 -16.34 0.77
CA SER D 78 80.74 -15.37 1.04
C SER D 78 80.32 -13.93 0.70
N GLY D 79 79.21 -13.78 -0.01
CA GLY D 79 78.67 -12.49 -0.45
C GLY D 79 78.22 -11.59 0.68
N PRO D 80 77.75 -10.36 0.34
CA PRO D 80 77.32 -9.41 1.37
C PRO D 80 76.29 -9.96 2.36
N PHE D 81 75.22 -10.53 1.80
CA PHE D 81 74.11 -11.09 2.56
C PHE D 81 74.14 -12.63 2.67
N GLY D 82 75.30 -13.23 2.40
CA GLY D 82 75.48 -14.68 2.39
C GLY D 82 75.02 -15.41 3.63
N GLN D 83 75.30 -14.80 4.80
CA GLN D 83 74.99 -15.35 6.11
C GLN D 83 73.50 -15.28 6.47
N ILE D 84 72.69 -14.46 5.73
CA ILE D 84 71.25 -14.30 6.00
C ILE D 84 70.41 -15.53 5.63
N PHE D 85 70.89 -16.35 4.67
CA PHE D 85 70.13 -17.51 4.21
C PHE D 85 70.18 -18.71 5.17
N ARG D 86 69.09 -19.52 5.23
CA ARG D 86 68.99 -20.74 6.04
C ARG D 86 70.00 -21.75 5.46
N PRO D 87 70.99 -22.23 6.25
CA PRO D 87 72.02 -23.13 5.68
C PRO D 87 71.49 -24.42 5.05
N ASP D 88 70.37 -24.95 5.60
CA ASP D 88 69.71 -26.19 5.14
C ASP D 88 68.98 -25.99 3.82
N ASN D 89 68.77 -24.71 3.42
CA ASN D 89 68.08 -24.33 2.18
C ASN D 89 68.99 -24.28 0.97
N PHE D 90 70.28 -24.59 1.17
CA PHE D 90 71.27 -24.66 0.10
C PHE D 90 71.30 -26.11 -0.40
N VAL D 91 70.77 -26.38 -1.59
CA VAL D 91 70.73 -27.71 -2.19
C VAL D 91 71.66 -27.73 -3.40
N PHE D 92 72.90 -28.22 -3.22
CA PHE D 92 73.87 -28.26 -4.31
C PHE D 92 74.40 -29.66 -4.61
N GLY D 93 74.61 -29.90 -5.91
CA GLY D 93 75.19 -31.12 -6.44
C GLY D 93 76.69 -30.93 -6.58
N GLN D 94 77.41 -31.90 -7.16
CA GLN D 94 78.86 -31.75 -7.32
C GLN D 94 79.34 -31.72 -8.79
N SER D 95 78.57 -32.34 -9.71
CA SER D 95 78.86 -32.33 -11.15
C SER D 95 77.86 -31.37 -11.72
N GLY D 96 78.33 -30.35 -12.41
CA GLY D 96 77.48 -29.33 -13.01
C GLY D 96 76.57 -29.81 -14.12
N ALA D 97 75.95 -28.86 -14.86
CA ALA D 97 75.02 -29.19 -15.95
C ALA D 97 75.58 -29.00 -17.32
N GLY D 98 76.80 -28.49 -17.37
CA GLY D 98 77.57 -28.23 -18.58
C GLY D 98 76.79 -27.47 -19.63
N ASN D 99 76.00 -26.44 -19.20
CA ASN D 99 75.15 -25.59 -20.06
C ASN D 99 74.28 -26.39 -21.03
N ASN D 100 73.82 -27.56 -20.56
CA ASN D 100 73.02 -28.50 -21.33
C ASN D 100 71.67 -28.68 -20.61
N TRP D 101 70.60 -28.25 -21.27
CA TRP D 101 69.22 -28.35 -20.78
C TRP D 101 68.87 -29.80 -20.43
N ALA D 102 69.28 -30.77 -21.28
CA ALA D 102 69.05 -32.20 -21.08
C ALA D 102 69.65 -32.70 -19.79
N LYS D 103 70.86 -32.23 -19.42
CA LYS D 103 71.55 -32.62 -18.19
C LYS D 103 70.79 -32.10 -16.99
N GLY D 104 70.35 -30.85 -17.06
CA GLY D 104 69.57 -30.24 -15.98
C GLY D 104 68.17 -30.82 -15.83
N HIS D 105 67.49 -31.08 -16.94
CA HIS D 105 66.12 -31.60 -16.97
C HIS D 105 65.97 -33.10 -16.77
N TYR D 106 66.88 -33.92 -17.32
CA TYR D 106 66.75 -35.38 -17.30
C TYR D 106 67.81 -36.18 -16.57
N THR D 107 69.04 -35.68 -16.47
CA THR D 107 70.10 -36.45 -15.88
C THR D 107 70.49 -35.94 -14.49
N GLU D 108 71.55 -35.11 -14.38
CA GLU D 108 72.04 -34.57 -13.11
C GLU D 108 70.95 -33.89 -12.29
N GLY D 109 70.12 -33.12 -12.95
CA GLY D 109 69.04 -32.37 -12.31
C GLY D 109 67.95 -33.26 -11.74
N ALA D 110 67.60 -34.33 -12.48
CA ALA D 110 66.58 -35.28 -12.06
C ALA D 110 66.99 -36.02 -10.78
N GLU D 111 68.31 -36.18 -10.56
CA GLU D 111 68.87 -36.84 -9.39
C GLU D 111 68.88 -35.96 -8.15
N LEU D 112 68.94 -34.63 -8.32
CA LEU D 112 68.95 -33.65 -7.21
C LEU D 112 67.57 -33.11 -6.87
N VAL D 113 66.62 -33.19 -7.84
CA VAL D 113 65.29 -32.58 -7.76
C VAL D 113 64.51 -33.00 -6.49
N ASP D 114 64.59 -34.27 -6.07
CA ASP D 114 63.87 -34.72 -4.86
C ASP D 114 64.37 -34.06 -3.58
N SER D 115 65.69 -33.83 -3.48
CA SER D 115 66.33 -33.14 -2.36
C SER D 115 65.80 -31.68 -2.28
N VAL D 116 65.59 -31.00 -3.44
CA VAL D 116 65.06 -29.64 -3.52
C VAL D 116 63.60 -29.62 -3.04
N LEU D 117 62.77 -30.54 -3.58
CA LEU D 117 61.35 -30.65 -3.25
C LEU D 117 61.12 -30.87 -1.77
N ASP D 118 62.05 -31.59 -1.08
CA ASP D 118 61.98 -31.82 0.36
C ASP D 118 62.10 -30.47 1.08
N VAL D 119 63.02 -29.60 0.62
CA VAL D 119 63.22 -28.27 1.19
C VAL D 119 62.03 -27.34 0.85
N VAL D 120 61.47 -27.39 -0.41
CA VAL D 120 60.30 -26.59 -0.77
C VAL D 120 59.10 -26.98 0.09
N ARG D 121 58.91 -28.30 0.28
CA ARG D 121 57.84 -28.86 1.08
C ARG D 121 57.90 -28.32 2.49
N LYS D 122 59.10 -28.34 3.12
CA LYS D 122 59.31 -27.86 4.49
C LYS D 122 58.95 -26.35 4.63
N GLU D 123 59.32 -25.54 3.63
CA GLU D 123 59.03 -24.11 3.63
C GLU D 123 57.55 -23.85 3.45
N SER D 124 56.96 -24.49 2.42
CA SER D 124 55.54 -24.37 2.05
C SER D 124 54.57 -24.88 3.15
N GLU D 125 54.88 -26.02 3.81
CA GLU D 125 54.04 -26.59 4.86
C GLU D 125 53.93 -25.64 6.07
N SER D 126 54.97 -24.82 6.31
CA SER D 126 55.04 -23.86 7.41
C SER D 126 54.24 -22.58 7.13
N CYS D 127 53.86 -22.34 5.86
CA CYS D 127 53.09 -21.16 5.47
C CYS D 127 51.67 -21.19 5.96
N ASP D 128 51.21 -20.02 6.45
CA ASP D 128 49.87 -19.77 6.90
C ASP D 128 48.94 -19.76 5.68
N CYS D 129 49.28 -18.98 4.65
CA CYS D 129 48.53 -18.86 3.39
C CYS D 129 49.50 -18.69 2.25
N LEU D 130 49.92 -19.81 1.64
CA LEU D 130 50.89 -19.82 0.55
C LEU D 130 50.35 -19.18 -0.71
N GLN D 131 50.98 -18.10 -1.15
CA GLN D 131 50.69 -17.39 -2.40
C GLN D 131 51.14 -18.26 -3.57
N GLY D 132 52.37 -18.67 -3.48
CA GLY D 132 52.96 -19.47 -4.54
C GLY D 132 54.47 -19.35 -4.53
N PHE D 133 55.06 -19.57 -5.71
CA PHE D 133 56.50 -19.67 -5.93
C PHE D 133 57.02 -18.66 -6.88
N GLN D 134 58.19 -18.11 -6.55
CA GLN D 134 58.93 -17.14 -7.36
C GLN D 134 60.30 -17.77 -7.72
N LEU D 135 60.53 -18.09 -8.98
CA LEU D 135 61.79 -18.69 -9.40
C LEU D 135 62.70 -17.75 -10.21
N THR D 136 63.99 -17.65 -9.85
CA THR D 136 65.00 -16.89 -10.62
C THR D 136 65.90 -17.89 -11.29
N HIS D 137 66.11 -17.74 -12.62
CA HIS D 137 66.94 -18.62 -13.45
C HIS D 137 67.23 -18.00 -14.82
N SER D 138 68.28 -18.49 -15.53
CA SER D 138 68.51 -18.09 -16.92
C SER D 138 67.93 -19.23 -17.78
N LEU D 139 67.57 -18.94 -19.03
CA LEU D 139 67.10 -19.94 -19.98
C LEU D 139 68.24 -20.42 -20.92
N GLY D 140 69.40 -19.75 -20.90
CA GLY D 140 70.54 -20.10 -21.75
C GLY D 140 71.40 -21.26 -21.29
N GLY D 141 71.46 -21.51 -19.97
CA GLY D 141 72.25 -22.57 -19.35
C GLY D 141 71.56 -23.91 -19.24
N GLY D 142 72.02 -24.73 -18.33
CA GLY D 142 71.51 -26.07 -18.13
C GLY D 142 70.82 -26.31 -16.82
N THR D 143 71.34 -25.76 -15.68
CA THR D 143 70.70 -25.92 -14.36
C THR D 143 69.45 -25.05 -14.25
N GLY D 144 69.62 -23.73 -14.35
CA GLY D 144 68.51 -22.80 -14.28
C GLY D 144 67.43 -23.14 -15.28
N SER D 145 67.84 -23.41 -16.52
CA SER D 145 67.03 -23.77 -17.67
C SER D 145 66.33 -25.14 -17.52
N GLY D 146 67.11 -26.22 -17.55
CA GLY D 146 66.64 -27.59 -17.50
C GLY D 146 66.10 -28.00 -16.17
N MET D 147 66.92 -27.87 -15.11
CA MET D 147 66.50 -28.23 -13.76
C MET D 147 65.44 -27.32 -13.21
N GLY D 148 65.54 -26.03 -13.53
CA GLY D 148 64.55 -25.03 -13.11
C GLY D 148 63.17 -25.35 -13.63
N THR D 149 63.06 -25.73 -14.92
CA THR D 149 61.78 -26.10 -15.55
C THR D 149 61.29 -27.47 -15.04
N LEU D 150 62.22 -28.41 -14.69
CA LEU D 150 61.83 -29.69 -14.09
C LEU D 150 61.24 -29.41 -12.70
N LEU D 151 61.85 -28.46 -11.95
CA LEU D 151 61.33 -28.06 -10.64
C LEU D 151 59.94 -27.48 -10.77
N ILE D 152 59.75 -26.57 -11.73
CA ILE D 152 58.44 -25.96 -12.00
C ILE D 152 57.38 -27.05 -12.17
N SER D 153 57.56 -27.97 -13.12
CA SER D 153 56.58 -29.04 -13.39
C SER D 153 56.33 -29.95 -12.18
N LYS D 154 57.37 -30.24 -11.37
CA LYS D 154 57.22 -31.06 -10.17
C LYS D 154 56.44 -30.31 -9.07
N ILE D 155 56.71 -29.00 -8.92
CA ILE D 155 55.99 -28.16 -7.95
C ILE D 155 54.51 -27.97 -8.42
N ARG D 156 54.29 -27.88 -9.74
CA ARG D 156 52.97 -27.74 -10.39
C ARG D 156 52.12 -28.97 -10.05
N GLU D 157 52.72 -30.17 -10.04
CA GLU D 157 52.05 -31.43 -9.73
C GLU D 157 51.66 -31.48 -8.24
N GLU D 158 52.57 -31.05 -7.33
CA GLU D 158 52.34 -31.07 -5.88
C GLU D 158 51.47 -29.92 -5.34
N TYR D 159 51.54 -28.73 -5.96
CA TYR D 159 50.82 -27.51 -5.58
C TYR D 159 50.08 -26.94 -6.78
N PRO D 160 49.07 -27.64 -7.34
CA PRO D 160 48.41 -27.11 -8.56
C PRO D 160 47.60 -25.82 -8.38
N ASP D 161 47.16 -25.52 -7.14
CA ASP D 161 46.34 -24.37 -6.72
C ASP D 161 47.17 -23.14 -6.29
N ARG D 162 48.50 -23.16 -6.55
CA ARG D 162 49.38 -22.06 -6.16
C ARG D 162 49.94 -21.39 -7.42
N ILE D 163 50.29 -20.10 -7.30
CA ILE D 163 50.82 -19.37 -8.44
C ILE D 163 52.32 -19.69 -8.69
N MET D 164 52.67 -19.88 -9.96
CA MET D 164 54.02 -20.10 -10.40
C MET D 164 54.48 -18.87 -11.17
N ASN D 165 55.39 -18.11 -10.58
CA ASN D 165 55.95 -16.89 -11.14
C ASN D 165 57.45 -17.11 -11.34
N THR D 166 57.98 -16.68 -12.50
CA THR D 166 59.40 -16.77 -12.82
C THR D 166 59.99 -15.44 -13.30
N PHE D 167 61.27 -15.25 -13.04
CA PHE D 167 62.10 -14.18 -13.59
C PHE D 167 63.08 -15.00 -14.41
N SER D 168 62.81 -15.07 -15.71
CA SER D 168 63.58 -15.89 -16.63
C SER D 168 64.48 -15.00 -17.50
N VAL D 169 65.83 -15.24 -17.47
CA VAL D 169 66.75 -14.39 -18.23
C VAL D 169 67.10 -15.06 -19.59
N MET D 170 66.70 -14.37 -20.66
CA MET D 170 66.85 -14.74 -22.06
C MET D 170 68.28 -14.57 -22.52
N PRO D 171 68.78 -15.53 -23.32
CA PRO D 171 70.15 -15.42 -23.83
C PRO D 171 70.30 -14.50 -25.04
N SER D 172 71.53 -13.99 -25.22
CA SER D 172 71.92 -13.13 -26.31
C SER D 172 73.33 -13.41 -26.73
N PRO D 173 73.62 -13.42 -28.06
CA PRO D 173 75.02 -13.57 -28.53
C PRO D 173 75.97 -12.44 -28.10
N LYS D 174 75.41 -11.27 -27.80
CA LYS D 174 76.14 -10.09 -27.34
C LYS D 174 76.79 -10.34 -25.98
N VAL D 175 76.23 -11.29 -25.15
CA VAL D 175 76.72 -11.71 -23.80
C VAL D 175 76.61 -13.24 -23.74
N SER D 176 77.39 -13.97 -24.53
CA SER D 176 77.14 -15.40 -24.62
C SER D 176 78.14 -16.29 -23.97
N ASP D 177 77.65 -17.23 -23.16
CA ASP D 177 78.48 -18.23 -22.45
C ASP D 177 78.66 -19.53 -23.27
N THR D 178 77.66 -19.92 -24.08
CA THR D 178 77.60 -21.17 -24.84
C THR D 178 76.93 -20.96 -26.21
N VAL D 179 77.29 -21.79 -27.19
CA VAL D 179 76.70 -21.75 -28.53
C VAL D 179 75.29 -22.35 -28.61
N VAL D 180 74.90 -23.19 -27.64
CA VAL D 180 73.66 -23.93 -27.64
C VAL D 180 72.54 -23.19 -26.90
N GLU D 181 72.80 -21.92 -26.49
CA GLU D 181 71.80 -21.08 -25.80
C GLU D 181 70.47 -21.06 -26.52
N PRO D 182 70.37 -20.98 -27.88
CA PRO D 182 69.03 -21.02 -28.53
C PRO D 182 68.23 -22.31 -28.27
N TYR D 183 68.93 -23.47 -28.16
CA TYR D 183 68.27 -24.76 -27.87
C TYR D 183 67.76 -24.76 -26.44
N ASN D 184 68.60 -24.37 -25.48
CA ASN D 184 68.26 -24.33 -24.07
C ASN D 184 67.08 -23.42 -23.82
N ALA D 185 67.12 -22.22 -24.44
CA ALA D 185 66.05 -21.28 -24.28
C ALA D 185 64.72 -21.76 -24.88
N THR D 186 64.74 -22.35 -26.09
CA THR D 186 63.53 -22.88 -26.77
C THR D 186 62.89 -24.00 -25.97
N LEU D 187 63.70 -24.96 -25.49
CA LEU D 187 63.22 -26.09 -24.68
C LEU D 187 62.59 -25.58 -23.38
N SER D 188 63.16 -24.50 -22.80
CA SER D 188 62.63 -23.89 -21.59
C SER D 188 61.35 -23.14 -21.84
N VAL D 189 61.30 -22.24 -22.89
CA VAL D 189 60.10 -21.44 -23.24
C VAL D 189 58.90 -22.36 -23.33
N HIS D 190 59.03 -23.49 -24.03
CA HIS D 190 58.03 -24.56 -24.19
C HIS D 190 57.46 -24.97 -22.83
N GLN D 191 58.35 -25.20 -21.84
CA GLN D 191 57.98 -25.55 -20.47
C GLN D 191 57.28 -24.38 -19.76
N LEU D 192 57.78 -23.13 -19.91
CA LEU D 192 57.20 -21.93 -19.28
C LEU D 192 55.80 -21.61 -19.80
N VAL D 193 55.58 -21.78 -21.11
CA VAL D 193 54.27 -21.54 -21.76
C VAL D 193 53.22 -22.42 -21.08
N GLU D 194 53.56 -23.68 -20.82
CA GLU D 194 52.65 -24.64 -20.27
C GLU D 194 52.50 -24.61 -18.76
N ASN D 195 53.60 -24.41 -18.03
CA ASN D 195 53.60 -24.57 -16.57
C ASN D 195 53.76 -23.30 -15.69
N THR D 196 53.79 -22.08 -16.24
CA THR D 196 53.87 -20.92 -15.33
C THR D 196 52.62 -20.04 -15.47
N ASP D 197 52.30 -19.29 -14.44
CA ASP D 197 51.14 -18.43 -14.50
C ASP D 197 51.55 -17.07 -15.01
N GLU D 198 52.74 -16.64 -14.67
CA GLU D 198 53.29 -15.35 -15.09
C GLU D 198 54.84 -15.36 -15.09
N THR D 199 55.45 -14.85 -16.19
CA THR D 199 56.89 -14.83 -16.34
C THR D 199 57.37 -13.42 -16.66
N TYR D 200 58.44 -12.96 -15.97
CA TYR D 200 59.07 -11.69 -16.31
C TYR D 200 60.21 -12.02 -17.22
N CYS D 201 60.20 -11.48 -18.44
CA CYS D 201 61.26 -11.69 -19.44
C CYS D 201 62.38 -10.72 -19.24
N ILE D 202 63.48 -11.20 -18.67
CA ILE D 202 64.67 -10.40 -18.47
C ILE D 202 65.64 -10.78 -19.61
N ASP D 203 65.76 -9.92 -20.60
CA ASP D 203 66.55 -10.18 -21.79
C ASP D 203 67.95 -9.60 -21.71
N ASN D 204 68.94 -10.48 -21.80
CA ASN D 204 70.35 -10.11 -21.77
C ASN D 204 70.72 -9.22 -22.96
N GLU D 205 70.02 -9.33 -24.10
CA GLU D 205 70.27 -8.46 -25.28
C GLU D 205 69.91 -7.02 -24.90
N ALA D 206 68.75 -6.83 -24.19
CA ALA D 206 68.29 -5.54 -23.73
C ALA D 206 69.23 -4.96 -22.67
N LEU D 207 69.64 -5.79 -21.69
CA LEU D 207 70.56 -5.39 -20.61
C LEU D 207 71.93 -4.97 -21.14
N TYR D 208 72.45 -5.72 -22.16
CA TYR D 208 73.71 -5.43 -22.82
C TYR D 208 73.61 -4.08 -23.49
N ASP D 209 72.56 -3.87 -24.29
CA ASP D 209 72.43 -2.62 -25.03
C ASP D 209 72.24 -1.41 -24.10
N ILE D 210 71.56 -1.59 -22.92
CA ILE D 210 71.36 -0.50 -21.95
C ILE D 210 72.72 -0.05 -21.45
N CYS D 211 73.55 -1.02 -21.07
CA CYS D 211 74.88 -0.78 -20.54
C CYS D 211 75.81 -0.15 -21.55
N PHE D 212 75.80 -0.68 -22.77
CA PHE D 212 76.68 -0.29 -23.84
C PHE D 212 76.27 1.05 -24.47
N ARG D 213 75.08 1.12 -25.03
CA ARG D 213 74.59 2.32 -25.66
C ARG D 213 74.21 3.43 -24.65
N THR D 214 73.36 3.12 -23.65
CA THR D 214 72.93 4.19 -22.75
C THR D 214 74.00 4.54 -21.71
N LEU D 215 74.45 3.54 -20.93
CA LEU D 215 75.40 3.77 -19.83
C LEU D 215 76.84 3.95 -20.28
N LYS D 216 77.07 3.77 -21.60
CA LYS D 216 78.35 3.97 -22.29
C LYS D 216 79.48 3.10 -21.72
N LEU D 217 79.12 1.91 -21.20
CA LEU D 217 80.09 0.93 -20.68
C LEU D 217 80.61 0.12 -21.88
N THR D 218 81.87 0.34 -22.28
CA THR D 218 82.52 -0.35 -23.41
C THR D 218 82.44 -1.89 -23.30
N THR D 219 82.73 -2.41 -22.10
CA THR D 219 82.74 -3.84 -21.85
C THR D 219 81.91 -4.18 -20.61
N PRO D 220 80.58 -4.30 -20.71
CA PRO D 220 79.80 -4.61 -19.49
C PRO D 220 79.96 -6.04 -19.00
N THR D 221 79.99 -6.22 -17.66
CA THR D 221 80.06 -7.52 -17.00
C THR D 221 78.70 -7.91 -16.50
N TYR D 222 78.61 -9.12 -15.93
CA TYR D 222 77.36 -9.60 -15.33
C TYR D 222 76.93 -8.73 -14.15
N GLY D 223 77.88 -8.11 -13.47
CA GLY D 223 77.60 -7.18 -12.40
C GLY D 223 76.84 -5.97 -12.89
N ASP D 224 77.31 -5.39 -14.03
CA ASP D 224 76.64 -4.25 -14.68
C ASP D 224 75.19 -4.60 -15.11
N LEU D 225 75.01 -5.78 -15.76
CA LEU D 225 73.69 -6.29 -16.16
C LEU D 225 72.77 -6.53 -14.96
N ASN D 226 73.30 -7.16 -13.93
CA ASN D 226 72.56 -7.53 -12.72
C ASN D 226 72.09 -6.34 -11.90
N HIS D 227 72.71 -5.16 -12.09
CA HIS D 227 72.28 -3.93 -11.43
C HIS D 227 70.90 -3.54 -11.98
N LEU D 228 70.69 -3.74 -13.30
CA LEU D 228 69.43 -3.44 -13.96
C LEU D 228 68.35 -4.44 -13.57
N VAL D 229 68.76 -5.73 -13.38
CA VAL D 229 67.85 -6.83 -12.99
C VAL D 229 67.35 -6.57 -11.58
N SER D 230 68.25 -6.25 -10.64
CA SER D 230 67.84 -6.04 -9.24
C SER D 230 66.91 -4.82 -9.11
N ALA D 231 67.15 -3.76 -9.89
CA ALA D 231 66.30 -2.57 -9.89
C ALA D 231 64.90 -2.94 -10.38
N THR D 232 64.81 -3.78 -11.41
CA THR D 232 63.56 -4.23 -12.00
C THR D 232 62.81 -5.14 -11.03
N MET D 233 63.52 -6.16 -10.49
CA MET D 233 62.94 -7.12 -9.55
C MET D 233 62.41 -6.43 -8.30
N SER D 234 63.09 -5.40 -7.80
CA SER D 234 62.62 -4.62 -6.67
C SER D 234 61.33 -3.88 -7.04
N GLY D 235 61.32 -3.23 -8.21
CA GLY D 235 60.20 -2.46 -8.71
C GLY D 235 58.94 -3.28 -8.94
N VAL D 236 59.09 -4.37 -9.67
CA VAL D 236 58.04 -5.33 -10.02
C VAL D 236 57.37 -6.04 -8.77
N THR D 237 58.14 -6.17 -7.66
CA THR D 237 57.65 -6.80 -6.44
C THR D 237 57.18 -5.80 -5.38
N THR D 238 57.33 -4.48 -5.63
CA THR D 238 56.94 -3.42 -4.69
C THR D 238 55.57 -3.64 -4.06
N CYS D 239 54.57 -3.94 -4.88
CA CYS D 239 53.19 -4.09 -4.43
C CYS D 239 52.90 -5.39 -3.75
N LEU D 240 53.82 -6.36 -3.79
CA LEU D 240 53.67 -7.60 -3.04
C LEU D 240 54.23 -7.42 -1.59
N ARG D 241 55.21 -6.52 -1.45
CA ARG D 241 56.06 -6.22 -0.30
C ARG D 241 55.65 -5.07 0.58
N PHE D 242 54.97 -4.07 0.01
CA PHE D 242 54.62 -2.87 0.72
C PHE D 242 53.14 -2.64 0.83
N PRO D 243 52.73 -2.03 1.96
CA PRO D 243 51.32 -1.71 2.17
C PRO D 243 50.68 -0.84 1.10
N GLY D 244 49.40 -1.08 0.91
CA GLY D 244 48.57 -0.34 -0.03
C GLY D 244 48.67 -0.87 -1.44
N GLN D 245 47.76 -0.40 -2.33
CA GLN D 245 46.73 0.58 -1.97
C GLN D 245 45.26 0.27 -2.41
N LEU D 246 44.82 -0.93 -2.95
CA LEU D 246 45.28 -2.25 -3.39
C LEU D 246 46.00 -3.03 -2.36
N ASN D 247 45.99 -4.32 -2.52
CA ASN D 247 46.67 -5.19 -1.57
C ASN D 247 47.00 -6.24 -2.53
N ALA D 248 48.13 -6.04 -3.25
CA ALA D 248 48.42 -6.90 -4.35
C ALA D 248 49.00 -8.23 -3.97
N ASP D 249 48.63 -9.26 -4.70
CA ASP D 249 49.21 -10.56 -4.51
C ASP D 249 49.54 -11.13 -5.89
N LEU D 250 50.15 -12.33 -5.96
CA LEU D 250 50.51 -12.92 -7.26
C LEU D 250 49.32 -13.36 -8.08
N ARG D 251 48.26 -13.91 -7.46
CA ARG D 251 47.08 -14.33 -8.22
C ARG D 251 46.37 -13.12 -8.79
N LYS D 252 46.20 -12.05 -7.99
CA LYS D 252 45.59 -10.79 -8.40
C LYS D 252 46.39 -10.22 -9.59
N LEU D 253 47.72 -10.24 -9.53
CA LEU D 253 48.56 -9.79 -10.63
C LEU D 253 48.24 -10.64 -11.88
N ALA D 254 48.23 -12.00 -11.76
CA ALA D 254 47.93 -12.92 -12.87
C ALA D 254 46.57 -12.66 -13.51
N VAL D 255 45.54 -12.57 -12.68
CA VAL D 255 44.15 -12.35 -13.11
C VAL D 255 44.01 -11.08 -13.96
N ASN D 256 44.55 -9.97 -13.50
CA ASN D 256 44.44 -8.66 -14.14
C ASN D 256 45.43 -8.39 -15.27
N MET D 257 46.50 -9.19 -15.37
CA MET D 257 47.55 -8.99 -16.37
C MET D 257 47.48 -9.99 -17.53
N VAL D 258 46.89 -11.18 -17.30
CA VAL D 258 46.88 -12.26 -18.27
C VAL D 258 45.47 -12.53 -18.90
N PRO D 259 45.16 -11.99 -20.12
CA PRO D 259 43.84 -12.26 -20.72
C PRO D 259 43.71 -13.67 -21.33
N PHE D 260 44.82 -14.26 -21.79
CA PHE D 260 44.88 -15.60 -22.38
C PHE D 260 45.98 -16.40 -21.68
N PRO D 261 45.71 -17.65 -21.26
CA PRO D 261 46.64 -18.35 -20.40
C PRO D 261 48.07 -18.44 -20.86
N ARG D 262 48.32 -18.69 -22.15
CA ARG D 262 49.66 -18.85 -22.70
C ARG D 262 50.37 -17.53 -22.82
N LEU D 263 49.64 -16.43 -22.98
CA LEU D 263 50.23 -15.08 -23.15
C LEU D 263 50.49 -14.43 -21.77
N HIS D 264 51.50 -14.97 -21.05
CA HIS D 264 51.83 -14.57 -19.68
C HIS D 264 53.26 -14.14 -19.49
N PHE D 265 53.86 -13.61 -20.58
CA PHE D 265 55.25 -13.19 -20.63
C PHE D 265 55.30 -11.67 -20.60
N PHE D 266 55.77 -11.12 -19.48
CA PHE D 266 55.79 -9.67 -19.27
C PHE D 266 57.08 -9.04 -19.69
N MET D 267 56.95 -7.87 -20.32
CA MET D 267 58.04 -7.05 -20.80
C MET D 267 58.26 -5.95 -19.74
N PRO D 268 59.22 -6.14 -18.78
CA PRO D 268 59.45 -5.11 -17.75
C PRO D 268 60.19 -3.90 -18.31
N GLY D 269 59.94 -2.76 -17.71
CA GLY D 269 60.55 -1.48 -18.09
C GLY D 269 60.90 -0.71 -16.83
N PHE D 270 62.00 0.03 -16.82
CA PHE D 270 62.41 0.79 -15.65
C PHE D 270 62.97 2.17 -16.00
N ALA D 271 62.74 3.15 -15.12
CA ALA D 271 63.28 4.51 -15.25
C ALA D 271 63.55 5.06 -13.83
N PRO D 272 64.71 5.71 -13.57
CA PRO D 272 65.82 6.01 -14.50
C PRO D 272 66.80 4.84 -14.68
N LEU D 273 67.51 4.82 -15.79
CA LEU D 273 68.53 3.80 -16.00
C LEU D 273 69.87 4.35 -15.51
N THR D 274 70.44 3.66 -14.50
CA THR D 274 71.70 4.05 -13.87
C THR D 274 72.72 2.93 -13.87
N SER D 275 74.00 3.32 -13.60
CA SER D 275 75.18 2.45 -13.46
C SER D 275 75.40 2.10 -11.95
N ARG D 276 76.23 1.10 -11.61
CA ARG D 276 76.45 0.63 -10.22
C ARG D 276 77.06 1.67 -9.17
N GLY D 277 76.93 2.96 -9.47
CA GLY D 277 77.34 4.10 -8.66
C GLY D 277 76.85 5.36 -9.36
N SER D 278 75.75 5.98 -8.84
CA SER D 278 75.17 7.19 -9.45
C SER D 278 74.92 8.37 -8.46
N GLN D 279 74.71 8.07 -7.16
CA GLN D 279 74.46 9.07 -6.09
C GLN D 279 75.55 10.14 -6.02
N LEU D 284 64.54 13.43 -11.34
CA LEU D 284 63.67 13.23 -12.52
C LEU D 284 62.18 13.41 -12.21
N THR D 285 61.39 13.95 -13.17
CA THR D 285 60.04 14.38 -12.89
C THR D 285 58.99 13.32 -13.22
N VAL D 286 57.74 13.49 -12.69
CA VAL D 286 56.62 12.59 -12.96
C VAL D 286 56.35 12.51 -14.49
N PRO D 287 56.24 13.64 -15.24
CA PRO D 287 56.03 13.51 -16.70
C PRO D 287 57.14 12.78 -17.44
N GLU D 288 58.39 12.96 -16.98
CA GLU D 288 59.56 12.29 -17.53
C GLU D 288 59.46 10.78 -17.32
N LEU D 289 59.18 10.34 -16.06
CA LEU D 289 59.04 8.92 -15.69
C LEU D 289 57.96 8.23 -16.53
N THR D 290 56.79 8.86 -16.68
CA THR D 290 55.64 8.32 -17.45
C THR D 290 55.96 8.10 -18.94
N GLN D 291 56.74 9.04 -19.56
CA GLN D 291 57.15 9.01 -20.98
C GLN D 291 58.03 7.81 -21.31
N GLN D 292 58.80 7.31 -20.34
CA GLN D 292 59.71 6.16 -20.47
C GLN D 292 58.96 4.81 -20.64
N MET D 293 57.62 4.79 -20.59
CA MET D 293 56.89 3.54 -20.77
C MET D 293 56.82 3.12 -22.23
N PHE D 294 56.93 4.06 -23.14
CA PHE D 294 56.92 3.75 -24.56
C PHE D 294 58.33 3.74 -25.12
N ASP D 295 59.32 4.09 -24.25
CA ASP D 295 60.70 4.15 -24.68
C ASP D 295 61.30 2.79 -24.68
N SER D 296 61.65 2.36 -25.88
CA SER D 296 62.25 1.09 -26.18
C SER D 296 63.58 0.94 -25.40
N LYS D 297 64.28 2.08 -25.20
CA LYS D 297 65.55 2.23 -24.48
C LYS D 297 65.44 1.84 -23.01
N ASN D 298 64.22 1.87 -22.45
CA ASN D 298 64.01 1.53 -21.05
C ASN D 298 63.48 0.10 -20.80
N MET D 299 63.29 -0.70 -21.86
CA MET D 299 62.72 -2.05 -21.76
C MET D 299 63.76 -3.09 -21.40
N MET D 300 63.40 -3.97 -20.46
CA MET D 300 64.28 -5.06 -20.02
C MET D 300 64.20 -6.25 -20.97
N ALA D 301 63.33 -6.18 -22.00
CA ALA D 301 63.20 -7.19 -23.04
C ALA D 301 63.47 -6.44 -24.39
N ALA D 302 64.29 -7.04 -25.28
CA ALA D 302 64.70 -6.39 -26.54
C ALA D 302 63.61 -6.28 -27.59
N CYS D 303 62.56 -5.46 -27.33
CA CYS D 303 61.38 -5.25 -28.16
C CYS D 303 60.98 -3.82 -28.10
N ASP D 304 60.43 -3.31 -29.19
CA ASP D 304 59.94 -1.94 -29.22
C ASP D 304 58.46 -1.95 -28.90
N PRO D 305 58.02 -1.33 -27.76
CA PRO D 305 56.57 -1.35 -27.45
C PRO D 305 55.71 -0.80 -28.60
N ARG D 306 56.24 0.15 -29.36
CA ARG D 306 55.59 0.78 -30.50
C ARG D 306 55.46 -0.15 -31.74
N HIS D 307 55.95 -1.40 -31.66
CA HIS D 307 55.86 -2.39 -32.73
C HIS D 307 54.76 -3.41 -32.43
N GLY D 308 54.07 -3.17 -31.34
CA GLY D 308 52.95 -4.00 -30.91
C GLY D 308 51.88 -3.14 -30.26
N ARG D 309 51.02 -3.77 -29.47
CA ARG D 309 49.96 -3.12 -28.71
C ARG D 309 49.96 -3.77 -27.29
N TYR D 310 49.76 -2.95 -26.24
CA TYR D 310 49.69 -3.43 -24.85
C TYR D 310 48.33 -4.02 -24.65
N LEU D 311 48.29 -5.24 -24.10
CA LEU D 311 47.05 -5.91 -23.75
C LEU D 311 46.68 -5.35 -22.39
N THR D 312 47.64 -5.31 -21.45
CA THR D 312 47.52 -4.80 -20.08
C THR D 312 48.88 -4.19 -19.63
N VAL D 313 48.84 -3.19 -18.70
CA VAL D 313 50.00 -2.51 -18.11
C VAL D 313 49.76 -2.26 -16.62
N ALA D 314 50.73 -2.64 -15.78
CA ALA D 314 50.73 -2.31 -14.35
C ALA D 314 52.01 -1.47 -14.10
N THR D 315 51.87 -0.23 -13.58
CA THR D 315 52.97 0.69 -13.37
C THR D 315 53.10 1.09 -11.93
N ILE D 316 54.35 1.06 -11.47
CA ILE D 316 54.71 1.42 -10.11
C ILE D 316 55.56 2.68 -10.08
N PHE D 317 55.14 3.64 -9.31
CA PHE D 317 55.90 4.86 -9.10
C PHE D 317 56.35 4.84 -7.67
N ARG D 318 57.62 5.09 -7.44
CA ARG D 318 58.21 5.01 -6.11
C ARG D 318 58.90 6.30 -5.72
N GLY D 319 58.61 6.76 -4.52
CA GLY D 319 59.19 7.98 -3.97
C GLY D 319 58.15 8.99 -3.57
N ARG D 320 58.59 10.13 -3.03
CA ARG D 320 57.63 11.15 -2.63
C ARG D 320 57.27 11.96 -3.83
N MET D 321 56.04 11.77 -4.33
CA MET D 321 55.54 12.46 -5.52
C MET D 321 54.04 12.67 -5.43
N SER D 322 53.53 13.60 -6.26
CA SER D 322 52.12 13.93 -6.32
C SER D 322 51.40 12.80 -7.01
N MET D 323 50.47 12.15 -6.30
CA MET D 323 49.69 11.05 -6.84
C MET D 323 48.69 11.54 -7.91
N LYS D 324 48.28 12.83 -7.80
CA LYS D 324 47.42 13.54 -8.73
C LYS D 324 48.21 13.72 -10.06
N GLU D 325 49.50 14.12 -9.98
CA GLU D 325 50.38 14.32 -11.12
C GLU D 325 50.57 13.01 -11.90
N VAL D 326 50.75 11.89 -11.17
CA VAL D 326 50.89 10.55 -11.76
C VAL D 326 49.65 10.18 -12.59
N ASP D 327 48.43 10.34 -11.99
CA ASP D 327 47.14 10.03 -12.61
C ASP D 327 46.93 10.80 -13.91
N GLU D 328 47.21 12.13 -13.87
CA GLU D 328 47.10 13.05 -15.02
C GLU D 328 48.04 12.62 -16.12
N GLN D 329 49.32 12.39 -15.77
CA GLN D 329 50.37 11.98 -16.69
C GLN D 329 50.13 10.63 -17.31
N MET D 330 49.62 9.65 -16.54
CA MET D 330 49.34 8.34 -17.09
C MET D 330 48.19 8.37 -18.10
N LEU D 331 47.14 9.17 -17.82
CA LEU D 331 46.00 9.32 -18.73
C LEU D 331 46.41 9.98 -20.02
N ASN D 332 47.29 10.98 -19.92
CA ASN D 332 47.86 11.71 -21.03
C ASN D 332 48.57 10.74 -22.01
N ILE D 333 49.43 9.84 -21.49
CA ILE D 333 50.15 8.87 -22.30
C ILE D 333 49.15 7.93 -23.04
N GLN D 334 48.06 7.53 -22.38
CA GLN D 334 47.05 6.66 -22.98
C GLN D 334 46.26 7.36 -24.06
N ASN D 335 45.92 8.67 -23.87
CA ASN D 335 45.17 9.47 -24.84
C ASN D 335 46.03 9.80 -26.07
N LYS D 336 47.32 10.15 -25.84
CA LYS D 336 48.28 10.51 -26.89
C LYS D 336 48.80 9.28 -27.65
N ASN D 337 48.95 8.14 -26.95
CA ASN D 337 49.47 6.89 -27.53
C ASN D 337 48.41 5.78 -27.57
N SER D 338 47.14 6.13 -27.82
CA SER D 338 45.96 5.23 -27.87
C SER D 338 46.09 4.03 -28.80
N SER D 339 46.91 4.17 -29.85
CA SER D 339 47.07 3.17 -30.88
C SER D 339 48.02 2.05 -30.47
N TYR D 340 48.53 2.13 -29.21
CA TYR D 340 49.49 1.17 -28.69
C TYR D 340 48.91 0.40 -27.56
N PHE D 341 47.59 0.55 -27.39
CA PHE D 341 46.76 -0.12 -26.41
C PHE D 341 45.63 -0.76 -27.14
N VAL D 342 45.38 -2.01 -26.87
CA VAL D 342 44.27 -2.82 -27.37
C VAL D 342 42.95 -2.16 -26.85
N GLU D 343 42.02 -1.84 -27.76
CA GLU D 343 40.77 -1.16 -27.43
C GLU D 343 39.68 -2.08 -26.84
N TRP D 344 39.88 -3.39 -26.98
CA TRP D 344 38.94 -4.39 -26.53
C TRP D 344 39.21 -4.89 -25.06
N ILE D 345 40.11 -4.23 -24.32
CA ILE D 345 40.33 -4.46 -22.88
C ILE D 345 40.17 -3.07 -22.25
N PRO D 346 38.94 -2.64 -21.89
CA PRO D 346 38.76 -1.29 -21.30
C PRO D 346 39.60 -1.00 -20.04
N ASN D 347 40.07 0.25 -19.88
CA ASN D 347 40.86 0.68 -18.72
C ASN D 347 41.97 -0.38 -18.38
N ASN D 348 42.86 -0.65 -19.36
CA ASN D 348 43.87 -1.69 -19.27
C ASN D 348 45.23 -1.24 -18.67
N VAL D 349 45.29 -0.02 -18.12
CA VAL D 349 46.49 0.48 -17.45
C VAL D 349 46.17 0.76 -15.98
N LYS D 350 46.88 0.10 -15.04
CA LYS D 350 46.71 0.32 -13.60
C LYS D 350 48.00 0.89 -12.98
N THR D 351 47.83 1.95 -12.16
CA THR D 351 48.95 2.62 -11.49
C THR D 351 48.90 2.51 -9.98
N ALA D 352 50.06 2.23 -9.40
CA ALA D 352 50.30 2.13 -7.95
C ALA D 352 51.44 3.12 -7.59
N VAL D 353 51.32 3.72 -6.40
CA VAL D 353 52.33 4.67 -5.88
C VAL D 353 52.84 4.22 -4.49
N CYS D 354 54.16 4.07 -4.36
CA CYS D 354 54.78 3.68 -3.09
C CYS D 354 55.72 4.79 -2.60
N ASP D 355 55.51 5.28 -1.35
CA ASP D 355 56.30 6.34 -0.74
C ASP D 355 57.81 6.02 -0.63
N ILE D 356 58.15 4.73 -0.49
CA ILE D 356 59.52 4.28 -0.33
C ILE D 356 60.23 4.14 -1.68
N PRO D 357 61.22 5.01 -2.00
CA PRO D 357 61.96 4.85 -3.27
C PRO D 357 63.00 3.75 -3.13
N PRO D 358 63.52 3.16 -4.23
CA PRO D 358 64.58 2.15 -4.07
C PRO D 358 65.93 2.78 -3.68
N ARG D 359 66.95 1.98 -3.28
CA ARG D 359 68.21 2.59 -2.87
C ARG D 359 68.95 3.31 -3.99
N GLY D 360 69.47 4.49 -3.66
CA GLY D 360 70.24 5.35 -4.54
C GLY D 360 69.44 6.21 -5.49
N LEU D 361 68.11 6.06 -5.43
CA LEU D 361 67.18 6.78 -6.28
C LEU D 361 66.19 7.56 -5.42
N LYS D 362 65.79 8.75 -5.88
CA LYS D 362 64.82 9.53 -5.10
C LYS D 362 63.42 9.31 -5.67
N MET D 363 63.38 9.03 -6.98
CA MET D 363 62.17 8.72 -7.73
C MET D 363 62.43 7.68 -8.80
N SER D 364 61.53 6.69 -8.89
CA SER D 364 61.61 5.62 -9.88
C SER D 364 60.25 5.22 -10.42
N SER D 365 60.25 4.55 -11.57
CA SER D 365 59.06 4.04 -12.20
C SER D 365 59.34 2.70 -12.82
N THR D 366 58.48 1.71 -12.57
CA THR D 366 58.62 0.38 -13.12
C THR D 366 57.34 0.11 -13.91
N PHE D 367 57.52 -0.51 -15.06
CA PHE D 367 56.41 -0.87 -15.94
C PHE D 367 56.41 -2.37 -16.13
N ILE D 368 55.27 -3.00 -15.91
CA ILE D 368 55.03 -4.44 -16.13
C ILE D 368 54.05 -4.42 -17.29
N GLY D 369 54.48 -4.86 -18.44
CA GLY D 369 53.61 -4.82 -19.59
C GLY D 369 53.37 -6.14 -20.25
N ASN D 370 52.11 -6.40 -20.64
CA ASN D 370 51.78 -7.57 -21.41
C ASN D 370 51.51 -7.03 -22.80
N SER D 371 52.60 -6.92 -23.59
CA SER D 371 52.57 -6.37 -24.95
C SER D 371 52.73 -7.45 -25.99
N THR D 372 52.10 -7.24 -27.16
CA THR D 372 52.21 -8.18 -28.28
C THR D 372 53.61 -8.09 -28.89
N ALA D 373 54.36 -6.98 -28.60
CA ALA D 373 55.75 -6.72 -29.09
C ALA D 373 56.73 -7.74 -28.56
N ILE D 374 56.36 -8.50 -27.48
CA ILE D 374 57.24 -9.52 -26.91
C ILE D 374 57.48 -10.63 -27.92
N GLN D 375 56.68 -10.71 -28.99
CA GLN D 375 56.90 -11.68 -30.06
C GLN D 375 58.28 -11.48 -30.72
N GLU D 376 58.85 -10.26 -30.69
CA GLU D 376 60.16 -9.96 -31.27
C GLU D 376 61.24 -10.77 -30.55
N LEU D 377 61.12 -10.92 -29.23
CA LEU D 377 62.03 -11.69 -28.39
C LEU D 377 61.92 -13.17 -28.77
N PHE D 378 60.68 -13.71 -28.89
CA PHE D 378 60.49 -15.11 -29.24
C PHE D 378 60.89 -15.43 -30.69
N LYS D 379 60.70 -14.46 -31.63
CA LYS D 379 61.09 -14.58 -33.04
C LYS D 379 62.62 -14.65 -33.12
N ARG D 380 63.34 -13.81 -32.34
CA ARG D 380 64.78 -13.78 -32.27
C ARG D 380 65.36 -15.14 -31.83
N ILE D 381 64.84 -15.74 -30.72
CA ILE D 381 65.28 -17.05 -30.23
C ILE D 381 64.96 -18.12 -31.28
N SER D 382 63.78 -18.07 -31.91
CA SER D 382 63.38 -19.03 -32.94
C SER D 382 64.29 -19.02 -34.17
N GLU D 383 64.73 -17.82 -34.62
CA GLU D 383 65.61 -17.69 -35.78
C GLU D 383 66.95 -18.34 -35.49
N GLN D 384 67.50 -18.08 -34.29
CA GLN D 384 68.77 -18.62 -33.80
C GLN D 384 68.66 -20.14 -33.68
N PHE D 385 67.57 -20.62 -33.06
CA PHE D 385 67.27 -22.04 -32.92
C PHE D 385 67.26 -22.72 -34.28
N THR D 386 66.52 -22.17 -35.26
CA THR D 386 66.40 -22.78 -36.59
C THR D 386 67.68 -22.80 -37.35
N ALA D 387 68.53 -21.74 -37.24
CA ALA D 387 69.81 -21.70 -37.91
C ALA D 387 70.61 -22.93 -37.48
N MET D 388 70.58 -23.24 -36.18
CA MET D 388 71.29 -24.36 -35.61
C MET D 388 70.63 -25.70 -35.88
N PHE D 389 69.30 -25.82 -35.59
CA PHE D 389 68.52 -27.06 -35.74
C PHE D 389 68.43 -27.59 -37.16
N ARG D 390 68.33 -26.70 -38.16
CA ARG D 390 68.29 -27.01 -39.60
C ARG D 390 69.48 -27.90 -39.99
N ARG D 391 70.67 -27.59 -39.43
CA ARG D 391 71.96 -28.26 -39.65
C ARG D 391 72.26 -29.35 -38.58
N LYS D 392 71.35 -29.55 -37.58
CA LYS D 392 71.40 -30.50 -36.45
C LYS D 392 72.74 -30.35 -35.65
N ALA D 393 73.23 -29.11 -35.61
CA ALA D 393 74.44 -28.69 -34.95
C ALA D 393 74.31 -28.91 -33.46
N PHE D 394 75.29 -29.55 -32.80
CA PHE D 394 75.31 -29.79 -31.35
C PHE D 394 74.19 -30.69 -30.80
N LEU D 395 73.39 -31.29 -31.70
CA LEU D 395 72.28 -32.15 -31.30
C LEU D 395 72.65 -33.37 -30.47
N HIS D 396 73.86 -33.94 -30.73
CA HIS D 396 74.37 -35.13 -30.05
C HIS D 396 74.60 -34.86 -28.57
N TRP D 397 74.78 -33.56 -28.16
CA TRP D 397 74.91 -33.15 -26.76
C TRP D 397 73.66 -33.48 -25.98
N TYR D 398 72.52 -33.39 -26.66
CA TYR D 398 71.17 -33.59 -26.14
C TYR D 398 70.71 -35.04 -26.30
N THR D 399 70.81 -35.60 -27.52
CA THR D 399 70.44 -36.99 -27.81
C THR D 399 71.29 -37.97 -27.00
N GLY D 400 72.53 -37.58 -26.67
CA GLY D 400 73.47 -38.31 -25.81
C GLY D 400 72.94 -38.49 -24.39
N GLU D 401 72.07 -37.55 -23.94
CA GLU D 401 71.40 -37.58 -22.64
C GLU D 401 70.06 -38.34 -22.68
N GLY D 402 69.73 -38.86 -23.86
CA GLY D 402 68.52 -39.65 -24.08
C GLY D 402 67.38 -38.96 -24.80
N MET D 403 67.50 -37.63 -25.02
CA MET D 403 66.50 -36.81 -25.70
C MET D 403 66.30 -37.24 -27.15
N ASP D 404 65.14 -36.92 -27.70
CA ASP D 404 64.78 -37.25 -29.08
C ASP D 404 64.75 -35.94 -29.84
N GLU D 405 65.02 -35.98 -31.17
CA GLU D 405 64.94 -34.81 -32.07
C GLU D 405 63.51 -34.22 -32.07
N MET D 406 62.49 -35.08 -31.81
CA MET D 406 61.06 -34.81 -31.73
C MET D 406 60.76 -33.72 -30.72
N GLU D 407 61.42 -33.77 -29.54
CA GLU D 407 61.25 -32.79 -28.44
C GLU D 407 61.66 -31.40 -28.90
N PHE D 408 62.69 -31.32 -29.77
CA PHE D 408 63.17 -30.07 -30.33
C PHE D 408 62.13 -29.50 -31.29
N THR D 409 61.58 -30.37 -32.16
CA THR D 409 60.56 -30.02 -33.15
C THR D 409 59.32 -29.47 -32.45
N GLU D 410 58.85 -30.17 -31.40
CA GLU D 410 57.68 -29.82 -30.59
C GLU D 410 57.87 -28.46 -29.86
N ALA D 411 59.01 -28.25 -29.20
CA ALA D 411 59.31 -27.00 -28.49
C ALA D 411 59.32 -25.83 -29.46
N GLU D 412 59.97 -26.01 -30.64
CA GLU D 412 60.07 -25.01 -31.73
C GLU D 412 58.69 -24.64 -32.20
N SER D 413 57.80 -25.64 -32.52
CA SER D 413 56.46 -25.28 -33.00
C SER D 413 55.61 -24.64 -31.91
N ASN D 414 55.77 -25.05 -30.64
CA ASN D 414 55.05 -24.41 -29.53
C ASN D 414 55.44 -22.91 -29.37
N MET D 415 56.72 -22.58 -29.57
CA MET D 415 57.19 -21.20 -29.53
C MET D 415 56.73 -20.36 -30.74
N ASN D 416 56.65 -21.00 -31.93
CA ASN D 416 56.14 -20.34 -33.11
C ASN D 416 54.64 -20.10 -32.96
N ASP D 417 53.93 -21.02 -32.29
CA ASP D 417 52.50 -20.92 -32.01
C ASP D 417 52.27 -19.76 -31.05
N LEU D 418 53.15 -19.60 -30.06
CA LEU D 418 53.10 -18.50 -29.11
C LEU D 418 53.22 -17.15 -29.86
N VAL D 419 54.14 -17.09 -30.84
CA VAL D 419 54.36 -15.90 -31.67
C VAL D 419 53.10 -15.54 -32.47
N SER D 420 52.48 -16.55 -33.15
CA SER D 420 51.26 -16.37 -33.95
C SER D 420 50.10 -15.86 -33.11
N GLU D 421 50.00 -16.32 -31.86
CA GLU D 421 48.97 -15.88 -30.93
C GLU D 421 49.14 -14.42 -30.57
N TYR D 422 50.38 -13.97 -30.31
CA TYR D 422 50.65 -12.55 -30.04
C TYR D 422 50.27 -11.70 -31.25
N GLN D 423 50.58 -12.19 -32.48
CA GLN D 423 50.20 -11.52 -33.73
C GLN D 423 48.71 -11.40 -33.88
N GLN D 424 47.96 -12.51 -33.60
CA GLN D 424 46.50 -12.59 -33.68
C GLN D 424 45.85 -11.48 -32.87
N TYR D 425 46.34 -11.23 -31.63
CA TYR D 425 45.77 -10.18 -30.79
C TYR D 425 46.25 -8.77 -31.15
N GLN D 426 47.41 -8.64 -31.84
CA GLN D 426 47.95 -7.38 -32.29
C GLN D 426 47.13 -6.83 -33.43
N ASP D 427 46.63 -7.74 -34.30
CA ASP D 427 45.80 -7.37 -35.44
C ASP D 427 44.31 -7.26 -35.11
N ALA D 428 43.87 -7.95 -34.04
CA ALA D 428 42.49 -7.97 -33.54
C ALA D 428 42.03 -6.56 -33.18
N THR D 429 40.87 -6.19 -33.75
CA THR D 429 40.21 -4.91 -33.57
C THR D 429 38.91 -5.15 -32.78
N ALA D 430 38.39 -4.09 -32.13
CA ALA D 430 37.15 -4.15 -31.38
C ALA D 430 35.99 -4.03 -32.41
N ASP D 431 35.15 -5.08 -32.53
CA ASP D 431 34.04 -5.08 -33.49
C ASP D 431 32.69 -5.34 -32.85
N ALA E 1 -89.88 19.10 -5.18
CA ALA E 1 -90.99 20.05 -5.36
C ALA E 1 -91.85 20.27 -4.06
N ASP E 2 -91.24 19.98 -2.87
CA ASP E 2 -91.77 20.11 -1.50
C ASP E 2 -90.67 19.58 -0.55
N MET E 3 -91.04 19.15 0.68
CA MET E 3 -90.17 18.55 1.69
C MET E 3 -90.98 17.58 2.56
N GLU E 4 -90.28 16.73 3.36
CA GLU E 4 -90.89 15.74 4.25
C GLU E 4 -90.01 15.41 5.44
N VAL E 5 -90.32 15.98 6.62
CA VAL E 5 -89.66 15.72 7.90
C VAL E 5 -90.33 14.48 8.56
N ILE E 6 -89.53 13.44 8.84
CA ILE E 6 -89.98 12.17 9.41
C ILE E 6 -89.23 11.92 10.72
N GLU E 7 -89.90 12.09 11.87
CA GLU E 7 -89.30 11.92 13.19
C GLU E 7 -88.74 10.50 13.41
N LEU E 8 -87.47 10.40 13.79
CA LEU E 8 -86.82 9.11 14.01
C LEU E 8 -86.82 8.73 15.50
N ASN E 9 -86.03 9.47 16.32
CA ASN E 9 -85.87 9.22 17.76
C ASN E 9 -85.62 10.50 18.58
N LYS E 10 -86.04 10.47 19.84
CA LYS E 10 -85.85 11.56 20.79
C LYS E 10 -85.35 10.94 22.09
N ALA E 11 -84.11 11.27 22.47
CA ALA E 11 -83.53 10.78 23.72
C ALA E 11 -83.14 11.97 24.61
N THR E 12 -82.64 11.68 25.82
CA THR E 12 -82.32 12.70 26.83
C THR E 12 -81.27 13.70 26.37
N SER E 13 -80.30 13.29 25.55
CA SER E 13 -79.23 14.19 25.11
C SER E 13 -79.41 14.79 23.70
N GLY E 14 -80.46 14.38 23.00
CA GLY E 14 -80.72 14.88 21.66
C GLY E 14 -81.91 14.30 20.94
N GLN E 15 -82.08 14.69 19.69
CA GLN E 15 -83.19 14.30 18.82
C GLN E 15 -82.63 13.93 17.43
N SER E 16 -83.40 13.16 16.65
CA SER E 16 -83.00 12.74 15.30
C SER E 16 -84.21 12.55 14.43
N TRP E 17 -84.07 12.82 13.13
CA TRP E 17 -85.15 12.66 12.17
C TRP E 17 -84.59 12.53 10.75
N GLU E 18 -85.43 12.11 9.80
CA GLU E 18 -85.05 12.00 8.40
C GLU E 18 -85.82 13.03 7.57
N VAL E 19 -85.10 13.81 6.75
CA VAL E 19 -85.67 14.83 5.87
C VAL E 19 -85.50 14.28 4.45
N ILE E 20 -86.61 14.12 3.73
CA ILE E 20 -86.62 13.64 2.34
C ILE E 20 -87.03 14.79 1.42
N LEU E 21 -86.11 15.22 0.56
CA LEU E 21 -86.34 16.29 -0.40
C LEU E 21 -87.11 15.81 -1.62
N LYS E 22 -86.67 14.66 -2.19
CA LYS E 22 -87.26 13.97 -3.33
C LYS E 22 -87.08 12.43 -3.14
N PRO E 23 -88.10 11.60 -3.46
CA PRO E 23 -87.95 10.14 -3.28
C PRO E 23 -87.04 9.52 -4.35
N PRO E 24 -86.64 8.22 -4.26
CA PRO E 24 -85.75 7.67 -5.29
C PRO E 24 -86.35 7.55 -6.69
N SER E 25 -85.47 7.63 -7.71
CA SER E 25 -85.77 7.53 -9.13
C SER E 25 -85.82 6.05 -9.57
N PHE E 26 -85.68 5.13 -8.60
CA PHE E 26 -85.71 3.68 -8.78
C PHE E 26 -86.19 3.06 -7.45
N ASP E 27 -87.41 2.50 -7.47
CA ASP E 27 -88.05 1.92 -6.28
C ASP E 27 -87.49 0.55 -5.86
N GLY E 28 -87.23 -0.33 -6.85
CA GLY E 28 -86.77 -1.70 -6.66
C GLY E 28 -85.37 -1.94 -6.11
N VAL E 29 -85.10 -1.43 -4.87
CA VAL E 29 -83.88 -1.51 -4.03
C VAL E 29 -82.52 -1.42 -4.86
N PRO E 30 -81.30 -1.69 -4.31
CA PRO E 30 -80.08 -1.57 -5.15
C PRO E 30 -80.08 -2.38 -6.46
N GLU E 31 -79.40 -1.86 -7.51
CA GLU E 31 -79.33 -2.49 -8.82
C GLU E 31 -78.07 -3.34 -8.95
N ARG E 38 -69.95 -9.68 1.17
CA ARG E 38 -68.78 -10.18 1.91
C ARG E 38 -68.38 -11.61 1.50
N ARG E 39 -67.07 -11.94 1.65
CA ARG E 39 -66.50 -13.25 1.29
C ARG E 39 -65.69 -13.91 2.42
N ARG E 40 -66.14 -15.12 2.85
CA ARG E 40 -65.55 -15.97 3.89
C ARG E 40 -64.09 -16.41 3.54
N ASP E 41 -63.17 -16.58 4.55
CA ASP E 41 -63.37 -16.31 5.98
C ASP E 41 -62.49 -15.10 6.43
N PRO E 42 -61.11 -15.12 6.48
CA PRO E 42 -60.14 -16.23 6.33
C PRO E 42 -59.89 -16.88 7.69
N SER E 43 -59.76 -18.22 7.72
CA SER E 43 -59.54 -18.95 8.97
C SER E 43 -58.17 -18.66 9.58
N LEU E 44 -58.01 -19.04 10.86
CA LEU E 44 -56.74 -18.88 11.60
C LEU E 44 -55.64 -19.67 10.87
N GLU E 45 -55.98 -20.87 10.36
CA GLU E 45 -55.15 -21.81 9.60
C GLU E 45 -54.63 -21.16 8.32
N GLU E 46 -55.52 -20.47 7.57
CA GLU E 46 -55.18 -19.77 6.33
C GLU E 46 -54.21 -18.65 6.61
N ILE E 47 -54.48 -17.86 7.67
CA ILE E 47 -53.63 -16.75 8.09
C ILE E 47 -52.25 -17.25 8.48
N GLN E 48 -52.20 -18.32 9.33
CA GLN E 48 -50.96 -18.96 9.79
C GLN E 48 -50.13 -19.42 8.60
N LYS E 49 -50.78 -20.00 7.57
CA LYS E 49 -50.15 -20.48 6.33
C LYS E 49 -49.41 -19.35 5.62
N LYS E 50 -50.06 -18.18 5.47
CA LYS E 50 -49.54 -16.99 4.79
C LYS E 50 -48.35 -16.38 5.51
N LEU E 51 -48.47 -16.28 6.84
CA LEU E 51 -47.43 -15.75 7.72
C LEU E 51 -46.20 -16.65 7.72
N GLU E 52 -46.42 -17.99 7.82
CA GLU E 52 -45.35 -19.00 7.83
C GLU E 52 -44.64 -19.12 6.47
N ALA E 53 -45.37 -18.93 5.36
CA ALA E 53 -44.80 -18.98 4.02
C ALA E 53 -43.88 -17.79 3.80
N ALA E 54 -44.23 -16.63 4.39
CA ALA E 54 -43.42 -15.42 4.30
C ALA E 54 -42.16 -15.57 5.17
N GLU E 55 -42.31 -16.13 6.37
CA GLU E 55 -41.21 -16.40 7.29
C GLU E 55 -40.19 -17.33 6.60
N GLU E 56 -40.67 -18.35 5.87
CA GLU E 56 -39.80 -19.31 5.19
C GLU E 56 -39.09 -18.69 4.00
N ARG E 57 -39.71 -17.70 3.34
CA ARG E 57 -39.10 -16.97 2.22
C ARG E 57 -37.96 -16.07 2.70
N ARG E 58 -38.18 -15.37 3.84
CA ARG E 58 -37.23 -14.50 4.53
C ARG E 58 -36.04 -15.37 4.99
N LYS E 59 -36.34 -16.52 5.61
CA LYS E 59 -35.35 -17.48 6.09
C LYS E 59 -34.51 -18.00 4.92
N TYR E 60 -35.15 -18.23 3.74
CA TYR E 60 -34.47 -18.71 2.54
C TYR E 60 -33.49 -17.64 2.02
N GLN E 61 -33.96 -16.40 1.90
CA GLN E 61 -33.18 -15.27 1.43
C GLN E 61 -31.95 -15.07 2.27
N GLU E 62 -32.10 -15.02 3.61
CA GLU E 62 -31.00 -14.85 4.57
C GLU E 62 -30.03 -16.01 4.48
N ALA E 63 -30.54 -17.27 4.40
CA ALA E 63 -29.72 -18.48 4.29
C ALA E 63 -28.84 -18.43 3.03
N GLU E 64 -29.42 -17.94 1.90
CA GLU E 64 -28.72 -17.83 0.62
C GLU E 64 -27.69 -16.72 0.61
N LEU E 65 -27.91 -15.68 1.42
CA LEU E 65 -26.95 -14.59 1.55
C LEU E 65 -25.78 -15.04 2.41
N LEU E 66 -26.03 -15.85 3.45
CA LEU E 66 -24.97 -16.42 4.29
C LEU E 66 -24.16 -17.45 3.51
N LYS E 67 -24.83 -18.21 2.64
CA LYS E 67 -24.19 -19.17 1.75
C LYS E 67 -23.17 -18.46 0.81
N HIS E 68 -23.52 -17.25 0.28
CA HIS E 68 -22.65 -16.43 -0.58
C HIS E 68 -21.43 -15.99 0.18
N LEU E 69 -21.63 -15.54 1.43
CA LEU E 69 -20.55 -15.11 2.29
C LEU E 69 -19.63 -16.27 2.66
N ALA E 70 -20.21 -17.49 2.85
CA ALA E 70 -19.47 -18.71 3.16
C ALA E 70 -18.52 -19.05 2.03
N GLU E 71 -18.91 -18.76 0.77
CA GLU E 71 -18.11 -19.00 -0.42
C GLU E 71 -16.92 -18.07 -0.39
N LYS E 72 -17.14 -16.82 0.10
CA LYS E 72 -16.09 -15.79 0.22
C LYS E 72 -15.03 -16.23 1.20
N ARG E 73 -15.42 -16.76 2.36
CA ARG E 73 -14.49 -17.27 3.39
C ARG E 73 -13.61 -18.34 2.79
N GLU E 74 -14.21 -19.20 1.94
CA GLU E 74 -13.53 -20.29 1.24
C GLU E 74 -12.49 -19.71 0.26
N HIS E 75 -12.89 -18.70 -0.52
CA HIS E 75 -11.97 -18.04 -1.44
C HIS E 75 -10.79 -17.39 -0.68
N GLU E 76 -11.08 -16.69 0.45
CA GLU E 76 -10.08 -16.08 1.30
C GLU E 76 -9.04 -17.10 1.79
N ARG E 77 -9.47 -18.33 2.17
CA ARG E 77 -8.58 -19.42 2.61
C ARG E 77 -7.75 -19.96 1.46
N GLU E 78 -8.36 -19.97 0.24
CA GLU E 78 -7.74 -20.44 -1.00
C GLU E 78 -6.63 -19.51 -1.48
N VAL E 79 -6.82 -18.17 -1.29
CA VAL E 79 -5.84 -17.12 -1.63
C VAL E 79 -4.61 -17.31 -0.73
N ILE E 80 -4.82 -17.37 0.59
CA ILE E 80 -3.76 -17.53 1.61
C ILE E 80 -2.92 -18.79 1.34
N GLN E 81 -3.62 -19.91 1.04
CA GLN E 81 -3.00 -21.18 0.70
C GLN E 81 -2.17 -21.07 -0.57
N LYS E 82 -2.67 -20.34 -1.61
CA LYS E 82 -1.97 -20.13 -2.90
C LYS E 82 -0.69 -19.37 -2.64
N ALA E 83 -0.75 -18.31 -1.82
CA ALA E 83 0.43 -17.53 -1.46
C ALA E 83 1.48 -18.42 -0.72
N ILE E 84 1.04 -19.35 0.15
CA ILE E 84 1.91 -20.30 0.86
C ILE E 84 2.59 -21.22 -0.18
N GLU E 85 1.78 -21.82 -1.08
CA GLU E 85 2.20 -22.74 -2.13
C GLU E 85 3.24 -22.10 -3.06
N GLU E 86 2.97 -20.87 -3.53
CA GLU E 86 3.88 -20.13 -4.42
C GLU E 86 5.23 -19.91 -3.73
N ASN E 87 5.21 -19.51 -2.43
CA ASN E 87 6.43 -19.28 -1.62
C ASN E 87 7.22 -20.58 -1.45
N ASN E 88 6.51 -21.68 -1.17
CA ASN E 88 7.15 -22.97 -0.99
C ASN E 88 7.80 -23.48 -2.28
N ASN E 89 7.15 -23.26 -3.44
CA ASN E 89 7.64 -23.62 -4.77
C ASN E 89 8.87 -22.83 -5.12
N PHE E 90 8.92 -21.55 -4.71
CA PHE E 90 10.08 -20.66 -4.95
C PHE E 90 11.28 -21.21 -4.19
N ILE E 91 11.11 -21.46 -2.89
CA ILE E 91 12.12 -22.06 -2.03
C ILE E 91 12.66 -23.37 -2.65
N LYS E 92 11.77 -24.29 -3.02
CA LYS E 92 12.21 -25.57 -3.55
C LYS E 92 12.93 -25.46 -4.89
N MET E 93 12.46 -24.61 -5.81
CA MET E 93 13.13 -24.44 -7.10
C MET E 93 14.50 -23.79 -6.97
N ALA E 94 14.64 -22.84 -6.02
CA ALA E 94 15.90 -22.17 -5.73
C ALA E 94 16.87 -23.16 -5.10
N LYS E 95 16.38 -24.04 -4.23
CA LYS E 95 17.19 -25.05 -3.54
C LYS E 95 17.77 -26.04 -4.56
N GLU E 96 16.91 -26.56 -5.47
CA GLU E 96 17.33 -27.52 -6.50
C GLU E 96 18.30 -26.93 -7.50
N LYS E 97 18.02 -25.70 -8.01
CA LYS E 97 18.87 -24.98 -8.98
C LYS E 97 20.24 -24.71 -8.41
N LEU E 98 20.30 -24.35 -7.11
CA LEU E 98 21.56 -24.10 -6.40
C LEU E 98 22.36 -25.38 -6.24
N ALA E 99 21.73 -26.46 -5.82
CA ALA E 99 22.33 -27.76 -5.66
C ALA E 99 22.96 -28.20 -7.00
N GLN E 100 22.27 -27.92 -8.12
CA GLN E 100 22.73 -28.28 -9.47
C GLN E 100 23.99 -27.48 -9.87
N LYS E 101 23.99 -26.16 -9.58
CA LYS E 101 25.09 -25.27 -9.82
C LYS E 101 26.30 -25.70 -9.03
N MET E 102 26.12 -25.98 -7.73
CA MET E 102 27.24 -26.34 -6.86
C MET E 102 27.86 -27.69 -7.25
N GLU E 103 27.02 -28.62 -7.71
CA GLU E 103 27.50 -29.91 -8.15
C GLU E 103 28.18 -29.83 -9.51
N SER E 104 27.55 -29.12 -10.48
CA SER E 104 28.14 -28.93 -11.81
C SER E 104 29.50 -28.27 -11.70
N ASN E 105 29.62 -27.29 -10.79
CA ASN E 105 30.85 -26.55 -10.58
C ASN E 105 31.93 -27.41 -9.94
N LYS E 106 31.58 -28.25 -8.95
CA LYS E 106 32.52 -29.17 -8.30
C LYS E 106 33.09 -30.12 -9.35
N GLU E 107 32.21 -30.73 -10.17
CA GLU E 107 32.57 -31.64 -11.27
C GLU E 107 33.53 -30.98 -12.25
N ASN E 108 33.25 -29.74 -12.68
CA ASN E 108 34.10 -29.00 -13.62
C ASN E 108 35.46 -28.69 -13.05
N ARG E 109 35.53 -28.17 -11.81
CA ARG E 109 36.76 -27.87 -11.11
C ARG E 109 37.63 -29.16 -10.92
N GLU E 110 36.99 -30.29 -10.52
CA GLU E 110 37.67 -31.58 -10.33
C GLU E 110 38.27 -32.05 -11.65
N ALA E 111 37.50 -31.94 -12.75
CA ALA E 111 37.89 -32.34 -14.10
C ALA E 111 39.08 -31.52 -14.63
N HIS E 112 39.11 -30.21 -14.34
CA HIS E 112 40.19 -29.29 -14.70
C HIS E 112 41.46 -29.71 -14.05
N LEU E 113 41.41 -29.95 -12.73
CA LEU E 113 42.56 -30.39 -11.94
C LEU E 113 43.03 -31.77 -12.37
N ALA E 114 42.10 -32.70 -12.65
CA ALA E 114 42.40 -34.05 -13.14
C ALA E 114 43.22 -34.01 -14.44
N ALA E 115 42.78 -33.15 -15.40
CA ALA E 115 43.40 -33.00 -16.72
C ALA E 115 44.78 -32.38 -16.63
N MET E 116 44.96 -31.45 -15.68
CA MET E 116 46.22 -30.76 -15.43
C MET E 116 47.23 -31.77 -14.89
N LEU E 117 46.85 -32.57 -13.91
CA LEU E 117 47.74 -33.57 -13.33
C LEU E 117 48.07 -34.67 -14.32
N GLU E 118 47.13 -35.01 -15.23
CA GLU E 118 47.38 -36.02 -16.26
C GLU E 118 48.46 -35.54 -17.25
N ARG E 119 48.44 -34.25 -17.61
CA ARG E 119 49.43 -33.65 -18.51
C ARG E 119 50.85 -33.77 -17.93
N LEU E 120 50.97 -33.51 -16.60
CA LEU E 120 52.22 -33.59 -15.84
C LEU E 120 52.69 -35.05 -15.69
N GLN E 121 51.72 -35.99 -15.50
CA GLN E 121 52.00 -37.43 -15.39
C GLN E 121 52.56 -37.97 -16.71
N GLU E 122 52.10 -37.40 -17.86
CA GLU E 122 52.54 -37.78 -19.20
C GLU E 122 54.00 -37.44 -19.33
N LYS E 123 54.39 -36.25 -18.81
CA LYS E 123 55.76 -35.75 -18.80
C LYS E 123 56.67 -36.67 -18.00
N ASP E 124 56.16 -37.18 -16.86
CA ASP E 124 56.91 -38.10 -16.00
C ASP E 124 57.17 -39.45 -16.66
N LYS E 125 56.19 -39.92 -17.46
CA LYS E 125 56.32 -41.17 -18.20
C LYS E 125 57.35 -41.02 -19.34
N HIS E 126 57.35 -39.84 -20.00
CA HIS E 126 58.27 -39.48 -21.08
C HIS E 126 59.72 -39.36 -20.56
N ALA E 127 59.91 -38.82 -19.34
CA ALA E 127 61.22 -38.67 -18.70
C ALA E 127 61.86 -40.01 -18.38
N GLU E 128 61.03 -41.00 -18.02
CA GLU E 128 61.52 -42.36 -17.76
C GLU E 128 62.08 -42.93 -19.06
N GLU E 129 61.36 -42.68 -20.17
CA GLU E 129 61.71 -43.14 -21.52
C GLU E 129 63.00 -42.51 -22.00
N VAL E 130 63.20 -41.21 -21.67
CA VAL E 130 64.39 -40.45 -22.03
C VAL E 130 65.61 -41.09 -21.36
N ARG E 131 65.55 -41.27 -20.03
CA ARG E 131 66.62 -41.87 -19.23
C ARG E 131 66.92 -43.31 -19.63
N LYS E 132 65.86 -44.06 -20.03
CA LYS E 132 65.97 -45.43 -20.50
C LYS E 132 66.73 -45.44 -21.83
N ASN E 133 66.40 -44.47 -22.72
CA ASN E 133 67.04 -44.33 -24.03
C ASN E 133 68.54 -44.00 -23.92
N LYS E 134 68.93 -43.26 -22.85
CA LYS E 134 70.31 -42.92 -22.53
C LYS E 134 71.12 -44.18 -22.21
N GLU E 135 70.53 -45.11 -21.41
CA GLU E 135 71.17 -46.38 -21.04
C GLU E 135 71.47 -47.25 -22.26
N LEU E 136 70.60 -47.19 -23.31
CA LEU E 136 70.72 -47.94 -24.57
C LEU E 136 71.89 -47.47 -25.43
N LYS E 137 72.36 -46.23 -25.17
CA LYS E 137 73.48 -45.61 -25.85
C LYS E 137 74.74 -45.79 -25.01
N GLU E 138 74.74 -45.24 -23.76
CA GLU E 138 75.86 -45.29 -22.79
C GLU E 138 76.18 -46.72 -22.32
N GLU E 139 77.48 -47.02 -22.10
CA GLU E 139 78.02 -48.34 -21.66
C GLU E 139 77.79 -49.46 -22.72
N ALA E 140 76.79 -49.28 -23.63
CA ALA E 140 76.40 -50.19 -24.72
C ALA E 140 77.43 -50.12 -25.87
N SER E 141 78.13 -48.98 -25.99
CA SER E 141 79.15 -48.74 -27.01
C SER E 141 80.42 -48.12 -26.41
N ARG E 142 81.57 -48.43 -27.03
CA ARG E 142 82.89 -47.91 -26.67
C ARG E 142 83.80 -47.95 -27.90
#